data_8J53
#
_entry.id   8J53
#
_cell.length_a   200.521
_cell.length_b   157.535
_cell.length_c   131.408
_cell.angle_alpha   90.000
_cell.angle_beta   116.823
_cell.angle_gamma   90.000
#
_symmetry.space_group_name_H-M   'C 1 2 1'
#
_entity_poly.entity_id   1
_entity_poly.type   'polypeptide(L)'
_entity_poly.pdbx_seq_one_letter_code
;MGSSHHHHHHSSGLVPRGSHMASQNVFTTVVSPLKNERWWGGVVALGHQMPFGQQLALQDLARNNRNNQLVPCMISSAGR
YIWAENPFRFEMKNGDLIVYSDSEKLEPVSAGTTLKEAQLAVAKKHFPSSGQIPKEEFFSLPQYNTWIELMYDQNQRDIM
QYAHKVVENGFPQGVFMIDDNWQRYYGNFDFKPEKFPDPKGMTDELHRMGFKVMLWIAPYVSADSPEFRILEKKGYLLKK
KDTGQPAIIHWWNGFSACYDTTNPEAMEYLKQQLRANQEKYGIDGFKFDGADISYMTPGEYDFYDKDATPNTFMEKWAAL
GLSFPYNELRACWKLGGQALVQRLGDKDYSWNATRMLIPDMLAAGLLGYYYTCPDMIGGGQYSAFLNVKEFDEELIVRSC
QVHALMPMMQFSVAPWRILSKENADICAHYAHLHQKMSGYILELAKRAAETGEPIVRSMEYEYPHQGFTDCKDQYMLGDK
YLVAPMVTPGVKRTVKLPKGKWKDERGQIFKGPKVIDTDVPLNRLPYYEKIK
;
_entity_poly.pdbx_strand_id   A,B,C,D,E
#
# COMPACT_ATOMS: atom_id res chain seq x y z
N VAL A 26 -13.37 -26.00 -13.29
CA VAL A 26 -12.60 -26.11 -12.02
C VAL A 26 -12.54 -27.60 -11.66
N PHE A 27 -11.41 -28.24 -12.02
CA PHE A 27 -11.16 -29.66 -11.83
C PHE A 27 -10.98 -30.01 -10.36
N THR A 28 -12.11 -30.24 -9.69
CA THR A 28 -12.16 -30.51 -8.26
C THR A 28 -11.62 -31.91 -7.95
N THR A 29 -10.97 -32.06 -6.79
CA THR A 29 -10.46 -33.36 -6.33
C THR A 29 -10.53 -33.43 -4.80
N VAL A 30 -11.62 -34.00 -4.26
CA VAL A 30 -11.78 -34.20 -2.82
C VAL A 30 -10.86 -35.36 -2.45
N VAL A 31 -9.85 -35.09 -1.61
CA VAL A 31 -8.92 -36.12 -1.15
C VAL A 31 -9.24 -36.47 0.31
N SER A 32 -9.98 -37.58 0.49
CA SER A 32 -10.22 -38.13 1.82
C SER A 32 -8.93 -38.73 2.35
N PRO A 33 -8.64 -38.48 3.66
CA PRO A 33 -7.38 -38.89 4.24
C PRO A 33 -7.36 -40.41 4.48
N LEU A 34 -6.15 -40.96 4.54
CA LEU A 34 -5.96 -42.32 4.96
C LEU A 34 -6.00 -42.37 6.48
N LYS A 35 -5.60 -43.52 7.05
CA LYS A 35 -5.47 -43.69 8.49
C LYS A 35 -4.46 -42.68 9.04
N ASN A 36 -4.92 -41.86 9.99
CA ASN A 36 -4.09 -40.92 10.74
C ASN A 36 -3.47 -39.84 9.84
N GLU A 37 -3.76 -39.84 8.54
CA GLU A 37 -2.98 -39.11 7.56
C GLU A 37 -3.20 -37.61 7.71
N ARG A 38 -2.08 -36.89 7.84
CA ARG A 38 -2.04 -35.42 7.90
C ARG A 38 -1.23 -34.91 6.72
N TRP A 39 -1.48 -33.63 6.39
CA TRP A 39 -1.03 -33.02 5.15
C TRP A 39 -0.16 -31.78 5.41
N TRP A 40 0.94 -31.69 4.66
CA TRP A 40 1.79 -30.50 4.57
C TRP A 40 1.77 -29.96 3.14
N GLY A 41 2.15 -28.69 2.94
CA GLY A 41 2.47 -28.21 1.59
C GLY A 41 1.77 -26.91 1.25
N GLY A 42 2.03 -26.38 0.07
CA GLY A 42 1.36 -25.18 -0.41
C GLY A 42 2.13 -23.90 -0.11
N VAL A 43 1.84 -23.26 1.04
CA VAL A 43 2.41 -21.98 1.37
C VAL A 43 3.40 -22.15 2.52
N VAL A 44 4.64 -21.73 2.29
CA VAL A 44 5.73 -21.94 3.24
C VAL A 44 5.49 -21.08 4.47
N ALA A 45 4.75 -19.95 4.32
CA ALA A 45 4.39 -19.09 5.44
C ALA A 45 3.44 -19.77 6.42
N LEU A 46 2.74 -20.82 5.92
CA LEU A 46 1.80 -21.57 6.72
C LEU A 46 2.46 -22.81 7.34
N GLY A 47 3.77 -22.88 7.39
CA GLY A 47 4.43 -24.00 8.05
C GLY A 47 3.99 -24.21 9.50
N HIS A 48 3.67 -23.12 10.20
CA HIS A 48 3.26 -23.11 11.61
C HIS A 48 1.87 -23.73 11.74
N GLN A 49 1.04 -23.66 10.67
CA GLN A 49 -0.30 -24.24 10.68
C GLN A 49 -0.28 -25.64 10.06
N MET A 50 0.87 -26.33 10.17
CA MET A 50 1.15 -27.58 9.48
C MET A 50 1.58 -28.64 10.49
N PRO A 51 1.14 -29.91 10.34
CA PRO A 51 0.18 -30.30 9.29
C PRO A 51 -1.18 -29.68 9.51
N PHE A 52 -2.01 -29.73 8.47
CA PHE A 52 -3.26 -28.96 8.45
C PHE A 52 -4.33 -29.62 9.31
N GLY A 53 -5.04 -28.83 10.12
CA GLY A 53 -6.22 -29.28 10.83
C GLY A 53 -7.40 -29.47 9.87
N GLN A 54 -8.57 -29.78 10.45
CA GLN A 54 -9.68 -30.32 9.68
C GLN A 54 -10.44 -29.22 8.98
N GLN A 55 -10.37 -28.01 9.52
CA GLN A 55 -10.93 -26.86 8.83
C GLN A 55 -9.80 -25.91 8.46
N LEU A 56 -9.66 -25.62 7.15
CA LEU A 56 -8.68 -24.67 6.67
C LEU A 56 -9.28 -23.86 5.53
N ALA A 57 -9.25 -22.53 5.74
CA ALA A 57 -9.65 -21.54 4.75
C ALA A 57 -8.98 -21.83 3.41
N LEU A 58 -9.62 -21.30 2.36
CA LEU A 58 -9.22 -21.56 0.99
C LEU A 58 -7.92 -20.83 0.72
N GLN A 59 -7.03 -21.49 -0.04
CA GLN A 59 -5.71 -20.97 -0.39
C GLN A 59 -5.56 -20.96 -1.91
N ASP A 60 -5.38 -19.76 -2.49
CA ASP A 60 -5.21 -19.60 -3.92
C ASP A 60 -3.75 -19.25 -4.21
N LEU A 61 -3.04 -20.21 -4.81
CA LEU A 61 -1.61 -20.06 -5.05
C LEU A 61 -1.35 -18.98 -6.10
N ALA A 62 -2.37 -18.65 -6.92
CA ALA A 62 -2.20 -17.68 -7.99
C ALA A 62 -2.23 -16.24 -7.48
N ARG A 63 -2.70 -16.02 -6.24
CA ARG A 63 -2.93 -14.66 -5.75
C ARG A 63 -2.05 -14.25 -4.58
N ASN A 64 -1.81 -15.12 -3.59
CA ASN A 64 -1.14 -14.72 -2.37
C ASN A 64 0.01 -15.67 -2.05
N ASN A 65 1.22 -15.10 -1.91
CA ASN A 65 2.38 -15.85 -1.45
C ASN A 65 2.61 -15.64 0.05
N ARG A 66 1.86 -14.69 0.62
CA ARG A 66 1.86 -14.34 2.03
C ARG A 66 3.24 -13.82 2.45
N ASN A 67 3.84 -12.99 1.61
CA ASN A 67 5.17 -12.44 1.85
C ASN A 67 6.19 -13.57 2.05
N ASN A 68 6.06 -14.70 1.32
CA ASN A 68 6.97 -15.83 1.48
C ASN A 68 7.02 -16.69 0.22
N GLN A 69 7.23 -18.02 0.35
CA GLN A 69 7.49 -18.87 -0.83
C GLN A 69 6.24 -19.68 -1.08
N LEU A 70 6.08 -20.23 -2.30
CA LEU A 70 4.95 -21.05 -2.72
C LEU A 70 5.44 -22.20 -3.60
N VAL A 71 4.81 -23.38 -3.44
CA VAL A 71 5.10 -24.55 -4.26
C VAL A 71 3.79 -25.29 -4.49
N PRO A 72 3.54 -25.84 -5.71
CA PRO A 72 2.36 -26.66 -5.98
C PRO A 72 2.57 -28.12 -5.57
N CYS A 73 2.71 -28.35 -4.26
CA CYS A 73 3.10 -29.62 -3.69
C CYS A 73 2.34 -29.79 -2.35
N MET A 74 1.73 -30.96 -2.18
CA MET A 74 1.20 -31.37 -0.90
C MET A 74 1.77 -32.75 -0.58
N ILE A 75 2.21 -32.96 0.66
CA ILE A 75 2.79 -34.23 1.08
C ILE A 75 2.11 -34.69 2.36
N SER A 76 1.88 -36.01 2.48
CA SER A 76 1.23 -36.59 3.65
C SER A 76 2.18 -37.50 4.44
N SER A 77 1.84 -37.74 5.72
CA SER A 77 2.59 -38.59 6.63
C SER A 77 2.36 -40.07 6.32
N ALA A 78 1.40 -40.35 5.43
CA ALA A 78 1.08 -41.71 5.02
C ALA A 78 1.68 -42.03 3.66
N GLY A 79 2.68 -41.23 3.24
CA GLY A 79 3.47 -41.53 2.07
C GLY A 79 2.76 -41.19 0.75
N ARG A 80 1.99 -40.09 0.77
CA ARG A 80 1.32 -39.64 -0.43
C ARG A 80 1.69 -38.19 -0.73
N TYR A 81 1.43 -37.78 -1.98
CA TYR A 81 1.77 -36.45 -2.41
C TYR A 81 0.96 -36.05 -3.64
N ILE A 82 0.81 -34.74 -3.83
CA ILE A 82 0.25 -34.13 -5.03
C ILE A 82 1.28 -33.18 -5.65
N TRP A 83 1.36 -33.12 -6.99
CA TRP A 83 2.16 -32.12 -7.69
C TRP A 83 1.31 -31.52 -8.80
N ALA A 84 1.41 -30.19 -8.98
CA ALA A 84 0.77 -29.49 -10.09
C ALA A 84 1.83 -28.72 -10.87
N GLU A 85 1.69 -28.74 -12.20
CA GLU A 85 2.50 -27.89 -13.04
C GLU A 85 2.07 -26.43 -12.86
N ASN A 86 0.79 -26.22 -12.51
CA ASN A 86 0.21 -24.90 -12.43
C ASN A 86 -0.30 -24.66 -11.03
N PRO A 87 -0.36 -23.38 -10.58
CA PRO A 87 -1.00 -23.07 -9.30
C PRO A 87 -2.42 -23.65 -9.20
N PHE A 88 -2.92 -23.75 -7.96
CA PHE A 88 -4.26 -24.25 -7.70
C PHE A 88 -4.78 -23.63 -6.42
N ARG A 89 -6.03 -23.98 -6.09
CA ARG A 89 -6.61 -23.67 -4.80
C ARG A 89 -6.77 -24.97 -4.00
N PHE A 90 -6.55 -24.87 -2.68
CA PHE A 90 -6.80 -26.00 -1.80
C PHE A 90 -7.43 -25.54 -0.49
N GLU A 91 -8.03 -26.48 0.23
CA GLU A 91 -8.54 -26.24 1.57
C GLU A 91 -8.83 -27.58 2.28
N MET A 92 -8.97 -27.51 3.62
CA MET A 92 -9.38 -28.63 4.44
C MET A 92 -10.83 -28.40 4.83
N LYS A 93 -11.71 -29.34 4.52
CA LYS A 93 -13.09 -29.34 5.00
C LYS A 93 -13.42 -30.73 5.52
N ASN A 94 -13.62 -30.80 6.85
CA ASN A 94 -14.16 -31.97 7.50
C ASN A 94 -13.12 -33.08 7.38
N GLY A 95 -11.84 -32.71 7.57
CA GLY A 95 -10.70 -33.61 7.52
C GLY A 95 -10.15 -33.84 6.09
N ASP A 96 -11.02 -33.57 5.10
CA ASP A 96 -10.70 -33.81 3.70
C ASP A 96 -9.82 -32.68 3.15
N LEU A 97 -8.82 -33.05 2.35
CA LEU A 97 -8.09 -32.11 1.51
C LEU A 97 -8.79 -31.99 0.17
N ILE A 98 -9.29 -30.79 -0.13
CA ILE A 98 -9.97 -30.56 -1.40
C ILE A 98 -9.05 -29.66 -2.21
N VAL A 99 -9.04 -29.87 -3.54
CA VAL A 99 -8.09 -29.21 -4.42
C VAL A 99 -8.82 -28.80 -5.71
N TYR A 100 -8.68 -27.52 -6.08
CA TYR A 100 -9.30 -27.00 -7.30
C TYR A 100 -8.28 -26.40 -8.27
N SER A 101 -8.17 -26.98 -9.48
CA SER A 101 -7.30 -26.43 -10.52
C SER A 101 -8.09 -26.26 -11.81
N ASP A 102 -7.91 -25.12 -12.49
CA ASP A 102 -8.60 -24.87 -13.73
C ASP A 102 -7.79 -25.42 -14.90
N SER A 103 -6.51 -25.73 -14.65
CA SER A 103 -5.59 -26.10 -15.69
C SER A 103 -5.44 -27.62 -15.83
N GLU A 104 -5.72 -28.36 -14.76
CA GLU A 104 -5.48 -29.79 -14.74
C GLU A 104 -6.25 -30.42 -13.57
N LYS A 105 -6.58 -31.72 -13.72
CA LYS A 105 -7.21 -32.45 -12.63
C LYS A 105 -6.15 -33.26 -11.92
N LEU A 106 -6.17 -33.20 -10.58
CA LEU A 106 -5.03 -33.57 -9.75
C LEU A 106 -5.35 -34.82 -8.94
N GLU A 107 -4.30 -35.63 -8.75
CA GLU A 107 -4.43 -36.91 -8.07
C GLU A 107 -3.23 -37.03 -7.14
N PRO A 108 -3.42 -37.66 -5.96
CA PRO A 108 -2.29 -37.99 -5.10
C PRO A 108 -1.44 -39.13 -5.65
N VAL A 109 -0.34 -39.49 -5.00
CA VAL A 109 0.59 -40.51 -5.45
C VAL A 109 1.07 -41.36 -4.27
N SER A 110 0.91 -42.70 -4.30
CA SER A 110 1.54 -43.54 -3.28
C SER A 110 3.02 -43.69 -3.52
N ALA A 111 3.82 -42.98 -2.74
CA ALA A 111 5.27 -43.09 -2.76
C ALA A 111 5.74 -43.38 -1.34
N GLY A 112 5.69 -44.67 -1.00
CA GLY A 112 6.07 -45.15 0.30
C GLY A 112 4.91 -45.07 1.29
N THR A 113 5.27 -45.00 2.58
CA THR A 113 4.26 -45.01 3.63
C THR A 113 4.61 -44.02 4.74
N THR A 114 5.55 -43.11 4.46
CA THR A 114 6.00 -42.14 5.45
C THR A 114 5.93 -40.73 4.85
N LEU A 115 6.11 -39.71 5.69
CA LEU A 115 6.28 -38.37 5.17
C LEU A 115 7.60 -38.32 4.42
N LYS A 116 8.66 -38.89 5.04
CA LYS A 116 10.00 -38.84 4.49
C LYS A 116 10.00 -39.42 3.07
N GLU A 117 9.43 -40.62 2.92
CA GLU A 117 9.43 -41.33 1.65
C GLU A 117 8.72 -40.54 0.56
N ALA A 118 7.56 -39.94 0.90
CA ALA A 118 6.74 -39.15 -0.01
C ALA A 118 7.45 -37.86 -0.43
N GLN A 119 8.22 -37.24 0.48
CA GLN A 119 8.97 -36.02 0.22
C GLN A 119 10.08 -36.30 -0.81
N LEU A 120 10.72 -37.48 -0.74
CA LEU A 120 11.87 -37.78 -1.57
C LEU A 120 11.44 -38.23 -2.96
N ALA A 121 10.20 -38.72 -3.08
CA ALA A 121 9.66 -39.10 -4.37
C ALA A 121 9.33 -37.86 -5.19
N VAL A 122 8.57 -36.96 -4.58
CA VAL A 122 8.14 -35.74 -5.25
C VAL A 122 9.34 -34.86 -5.57
N ALA A 123 10.32 -34.82 -4.67
CA ALA A 123 11.51 -34.00 -4.86
C ALA A 123 12.33 -34.51 -6.05
N LYS A 124 12.69 -35.80 -5.99
CA LYS A 124 13.53 -36.41 -7.02
C LYS A 124 12.84 -36.31 -8.38
N LYS A 125 11.51 -36.49 -8.39
CA LYS A 125 10.75 -36.44 -9.62
C LYS A 125 10.50 -35.01 -10.11
N HIS A 126 10.03 -34.11 -9.23
CA HIS A 126 9.44 -32.85 -9.65
C HIS A 126 10.24 -31.62 -9.28
N PHE A 127 11.16 -31.69 -8.29
CA PHE A 127 12.09 -30.60 -7.99
C PHE A 127 13.43 -31.19 -7.55
N PRO A 128 14.05 -31.99 -8.45
CA PRO A 128 15.37 -32.54 -8.20
C PRO A 128 16.36 -31.42 -7.97
N SER A 129 17.26 -31.70 -7.03
CA SER A 129 18.28 -30.76 -6.62
C SER A 129 19.35 -30.63 -7.71
N SER A 130 19.91 -29.40 -7.80
CA SER A 130 20.86 -29.02 -8.83
C SER A 130 22.17 -29.79 -8.71
N GLY A 131 22.49 -30.24 -7.50
CA GLY A 131 23.80 -30.80 -7.20
C GLY A 131 24.76 -29.72 -6.70
N GLN A 132 24.22 -28.53 -6.40
CA GLN A 132 25.02 -27.39 -5.95
C GLN A 132 24.27 -26.63 -4.87
N ILE A 133 25.02 -25.73 -4.24
CA ILE A 133 24.58 -24.95 -3.09
C ILE A 133 24.96 -23.48 -3.31
N PRO A 134 24.55 -22.58 -2.40
CA PRO A 134 25.08 -21.23 -2.36
C PRO A 134 26.46 -21.27 -1.75
N LYS A 135 27.00 -20.09 -1.44
CA LYS A 135 28.28 -19.99 -0.76
C LYS A 135 28.19 -20.70 0.58
N GLU A 136 29.32 -21.29 0.98
CA GLU A 136 29.46 -22.00 2.22
C GLU A 136 29.52 -21.03 3.40
N GLU A 137 29.84 -19.76 3.11
CA GLU A 137 29.92 -18.73 4.13
C GLU A 137 28.54 -18.46 4.74
N PHE A 138 27.48 -18.81 4.02
CA PHE A 138 26.11 -18.57 4.48
C PHE A 138 25.85 -19.38 5.74
N PHE A 139 26.31 -20.64 5.69
CA PHE A 139 26.06 -21.63 6.72
C PHE A 139 27.02 -21.43 7.90
N SER A 140 28.27 -21.03 7.59
CA SER A 140 29.34 -20.87 8.56
C SER A 140 29.10 -19.65 9.44
N LEU A 141 28.59 -18.58 8.79
CA LEU A 141 28.57 -17.27 9.40
C LEU A 141 27.12 -16.85 9.65
N PRO A 142 26.93 -16.05 10.71
CA PRO A 142 25.69 -15.29 10.87
C PRO A 142 25.54 -14.16 9.85
N GLN A 143 24.28 -13.74 9.68
CA GLN A 143 23.93 -12.64 8.80
C GLN A 143 23.48 -11.49 9.70
N TYR A 144 23.92 -10.28 9.36
CA TYR A 144 23.61 -9.09 10.14
C TYR A 144 22.94 -8.07 9.24
N ASN A 145 21.62 -7.94 9.40
CA ASN A 145 20.82 -7.07 8.58
C ASN A 145 20.68 -5.71 9.27
N THR A 146 20.87 -4.64 8.50
CA THR A 146 20.92 -3.30 9.06
C THR A 146 19.51 -2.76 9.16
N TRP A 147 18.48 -3.54 8.82
CA TRP A 147 17.11 -3.06 8.76
C TRP A 147 16.64 -2.52 10.10
N ILE A 148 16.85 -3.28 11.19
CA ILE A 148 16.25 -2.90 12.46
C ILE A 148 16.94 -1.65 13.00
N GLU A 149 18.27 -1.56 12.74
CA GLU A 149 19.05 -0.49 13.34
C GLU A 149 18.98 0.80 12.49
N LEU A 150 19.45 0.74 11.26
CA LEU A 150 19.53 1.94 10.44
C LEU A 150 18.19 2.27 9.79
N MET A 151 17.32 1.26 9.66
CA MET A 151 16.03 1.39 8.99
C MET A 151 16.21 1.92 7.56
N TYR A 152 15.74 3.15 7.31
CA TYR A 152 15.87 3.72 5.98
C TYR A 152 17.14 4.56 5.89
N ASP A 153 17.63 5.08 7.04
CA ASP A 153 18.84 5.89 7.09
C ASP A 153 20.07 5.01 6.86
N GLN A 154 20.15 4.33 5.71
CA GLN A 154 21.29 3.51 5.39
C GLN A 154 22.46 4.44 5.06
N ASN A 155 23.46 4.49 5.96
CA ASN A 155 24.60 5.36 5.76
C ASN A 155 25.87 4.66 6.20
N GLN A 156 26.98 5.11 5.60
CA GLN A 156 28.26 4.44 5.77
C GLN A 156 28.69 4.44 7.23
N ARG A 157 28.46 5.59 7.89
CA ARG A 157 28.90 5.84 9.24
C ARG A 157 28.40 4.72 10.15
N ASP A 158 27.08 4.60 10.28
CA ASP A 158 26.50 3.65 11.23
C ASP A 158 26.78 2.20 10.82
N ILE A 159 26.88 1.94 9.52
CA ILE A 159 27.21 0.60 9.05
C ILE A 159 28.54 0.20 9.68
N MET A 160 29.47 1.15 9.76
CA MET A 160 30.78 0.84 10.27
C MET A 160 30.76 0.80 11.80
N GLN A 161 29.82 1.53 12.42
CA GLN A 161 29.64 1.46 13.86
C GLN A 161 29.13 0.08 14.26
N TYR A 162 28.11 -0.36 13.54
CA TYR A 162 27.52 -1.68 13.72
C TYR A 162 28.56 -2.77 13.50
N ALA A 163 29.31 -2.66 12.39
CA ALA A 163 30.29 -3.66 11.99
C ALA A 163 31.37 -3.85 13.06
N HIS A 164 31.79 -2.74 13.69
CA HIS A 164 32.78 -2.74 14.76
C HIS A 164 32.17 -3.33 16.03
N LYS A 165 30.94 -2.91 16.36
CA LYS A 165 30.30 -3.39 17.57
C LYS A 165 29.97 -4.88 17.52
N VAL A 166 29.80 -5.43 16.32
CA VAL A 166 29.73 -6.87 16.16
C VAL A 166 31.00 -7.48 16.76
N VAL A 167 32.16 -6.98 16.30
CA VAL A 167 33.48 -7.48 16.70
C VAL A 167 33.71 -7.20 18.17
N GLU A 168 33.63 -5.92 18.56
CA GLU A 168 33.88 -5.48 19.92
C GLU A 168 33.13 -6.32 20.96
N ASN A 169 31.90 -6.70 20.66
CA ASN A 169 31.07 -7.47 21.58
C ASN A 169 31.20 -8.97 21.29
N GLY A 170 32.27 -9.36 20.59
CA GLY A 170 32.68 -10.75 20.45
C GLY A 170 31.72 -11.62 19.62
N PHE A 171 30.89 -10.96 18.81
CA PHE A 171 30.06 -11.69 17.88
C PHE A 171 30.91 -11.96 16.65
N PRO A 172 30.68 -13.12 15.98
CA PRO A 172 31.42 -13.47 14.76
C PRO A 172 31.05 -12.56 13.59
N GLN A 173 31.99 -12.36 12.66
CA GLN A 173 31.68 -11.61 11.45
C GLN A 173 31.11 -12.63 10.47
N GLY A 174 30.31 -12.11 9.55
CA GLY A 174 29.56 -12.94 8.65
C GLY A 174 29.09 -12.12 7.45
N VAL A 175 27.90 -12.44 6.93
CA VAL A 175 27.34 -11.68 5.83
C VAL A 175 26.65 -10.44 6.39
N PHE A 176 27.17 -9.29 6.01
CA PHE A 176 26.54 -8.03 6.35
C PHE A 176 25.58 -7.68 5.21
N MET A 177 24.28 -7.77 5.53
CA MET A 177 23.24 -7.51 4.54
C MET A 177 22.65 -6.11 4.72
N ILE A 178 23.18 -5.14 3.97
CA ILE A 178 22.67 -3.77 3.95
C ILE A 178 21.29 -3.78 3.30
N ASP A 179 20.31 -3.20 3.98
CA ASP A 179 18.92 -3.39 3.58
C ASP A 179 18.49 -2.17 2.76
N ASP A 180 17.17 -2.01 2.56
CA ASP A 180 16.62 -1.01 1.65
C ASP A 180 17.10 0.42 1.98
N ASN A 181 17.21 1.28 0.94
CA ASN A 181 17.49 2.72 1.02
C ASN A 181 19.00 3.04 0.98
N TRP A 182 19.82 2.15 0.42
CA TRP A 182 21.23 2.45 0.21
C TRP A 182 21.37 3.08 -1.17
N GLN A 183 20.50 2.65 -2.10
CA GLN A 183 20.58 3.09 -3.47
C GLN A 183 19.87 4.43 -3.57
N ARG A 184 20.27 5.21 -4.61
CA ARG A 184 19.82 6.57 -4.80
C ARG A 184 18.30 6.61 -4.83
N TYR A 185 17.73 5.71 -5.62
CA TYR A 185 16.30 5.45 -5.66
C TYR A 185 16.13 4.06 -6.29
N TYR A 186 14.86 3.63 -6.36
CA TYR A 186 14.55 2.26 -6.78
C TYR A 186 14.77 2.17 -8.29
N GLY A 187 15.60 1.21 -8.68
CA GLY A 187 16.01 1.09 -10.07
C GLY A 187 17.46 1.49 -10.27
N ASN A 188 17.92 2.42 -9.43
CA ASN A 188 19.30 2.87 -9.44
C ASN A 188 20.09 1.91 -8.56
N PHE A 189 21.30 1.55 -9.04
CA PHE A 189 22.17 0.61 -8.32
C PHE A 189 23.49 1.26 -7.95
N ASP A 190 23.45 2.57 -7.67
CA ASP A 190 24.52 3.27 -7.00
C ASP A 190 24.02 3.67 -5.63
N PHE A 191 24.97 3.97 -4.75
CA PHE A 191 24.69 4.38 -3.38
C PHE A 191 24.31 5.85 -3.39
N LYS A 192 23.52 6.24 -2.38
CA LYS A 192 23.29 7.63 -2.04
C LYS A 192 24.63 8.23 -1.61
N PRO A 193 25.21 9.17 -2.38
CA PRO A 193 26.53 9.70 -2.05
C PRO A 193 26.55 10.68 -0.86
N GLU A 194 25.37 11.24 -0.52
CA GLU A 194 25.23 12.07 0.66
C GLU A 194 25.31 11.19 1.92
N LYS A 195 25.15 9.87 1.77
CA LYS A 195 25.22 8.91 2.86
C LYS A 195 26.48 8.02 2.79
N PHE A 196 27.06 7.93 1.59
CA PHE A 196 28.20 7.05 1.37
C PHE A 196 29.32 7.89 0.71
N PRO A 197 30.15 8.58 1.52
CA PRO A 197 31.26 9.38 0.98
C PRO A 197 32.34 8.53 0.29
N ASP A 198 32.46 7.26 0.67
CA ASP A 198 33.43 6.34 0.09
C ASP A 198 32.94 4.92 0.28
N PRO A 199 31.99 4.47 -0.56
CA PRO A 199 31.41 3.13 -0.42
C PRO A 199 32.32 1.98 -0.88
N LYS A 200 33.19 2.29 -1.86
CA LYS A 200 34.19 1.35 -2.32
C LYS A 200 35.15 1.01 -1.18
N GLY A 201 35.55 2.04 -0.42
CA GLY A 201 36.48 1.89 0.68
C GLY A 201 35.82 1.23 1.88
N MET A 202 34.52 1.53 2.10
CA MET A 202 33.72 0.89 3.12
C MET A 202 33.64 -0.62 2.88
N THR A 203 33.55 -1.01 1.61
CA THR A 203 33.51 -2.42 1.26
C THR A 203 34.85 -3.11 1.53
N ASP A 204 35.95 -2.47 1.13
CA ASP A 204 37.28 -2.97 1.42
C ASP A 204 37.47 -3.14 2.93
N GLU A 205 37.09 -2.08 3.66
CA GLU A 205 37.22 -2.04 5.11
C GLU A 205 36.54 -3.27 5.73
N LEU A 206 35.31 -3.57 5.27
CA LEU A 206 34.54 -4.68 5.81
C LEU A 206 35.15 -6.01 5.38
N HIS A 207 35.79 -6.03 4.20
CA HIS A 207 36.48 -7.23 3.72
C HIS A 207 37.71 -7.52 4.55
N ARG A 208 38.47 -6.46 4.90
CA ARG A 208 39.64 -6.61 5.75
C ARG A 208 39.26 -7.08 7.15
N MET A 209 38.07 -6.64 7.59
CA MET A 209 37.55 -7.06 8.88
C MET A 209 36.92 -8.46 8.84
N GLY A 210 36.96 -9.11 7.67
CA GLY A 210 36.63 -10.51 7.52
C GLY A 210 35.15 -10.77 7.21
N PHE A 211 34.42 -9.72 6.82
CA PHE A 211 33.01 -9.80 6.49
C PHE A 211 32.80 -10.07 5.00
N LYS A 212 31.53 -10.38 4.67
CA LYS A 212 31.01 -10.31 3.32
C LYS A 212 29.91 -9.24 3.32
N VAL A 213 29.60 -8.69 2.14
CA VAL A 213 28.60 -7.63 2.04
C VAL A 213 27.59 -7.96 0.93
N MET A 214 26.30 -7.72 1.22
CA MET A 214 25.21 -8.01 0.29
C MET A 214 24.24 -6.84 0.30
N LEU A 215 23.62 -6.55 -0.86
CA LEU A 215 22.78 -5.36 -1.03
C LEU A 215 21.33 -5.72 -1.37
N TRP A 216 20.37 -5.03 -0.73
CA TRP A 216 18.93 -5.24 -0.93
C TRP A 216 18.52 -4.68 -2.29
N ILE A 217 17.75 -5.48 -3.01
CA ILE A 217 17.27 -5.12 -4.33
C ILE A 217 15.85 -5.66 -4.51
N ALA A 218 15.15 -5.06 -5.49
CA ALA A 218 13.81 -5.46 -5.83
C ALA A 218 13.54 -5.13 -7.30
N PRO A 219 12.54 -5.74 -7.97
CA PRO A 219 12.25 -5.43 -9.37
C PRO A 219 11.56 -4.07 -9.62
N TYR A 220 11.35 -3.33 -8.52
CA TYR A 220 10.66 -2.06 -8.57
C TYR A 220 11.65 -0.98 -9.05
N VAL A 221 11.07 0.00 -9.78
CA VAL A 221 11.80 1.08 -10.41
C VAL A 221 11.01 2.36 -10.18
N SER A 222 11.67 3.40 -9.65
CA SER A 222 11.08 4.74 -9.64
C SER A 222 10.42 5.03 -11.00
N ALA A 223 9.16 5.48 -10.98
CA ALA A 223 8.34 5.46 -12.18
C ALA A 223 8.61 6.70 -13.03
N ASP A 224 9.42 7.64 -12.54
CA ASP A 224 9.69 8.90 -13.21
C ASP A 224 11.21 9.08 -13.42
N SER A 225 11.95 7.96 -13.34
CA SER A 225 13.40 8.00 -13.23
C SER A 225 14.02 7.87 -14.62
N PRO A 226 15.25 8.41 -14.78
CA PRO A 226 16.07 8.13 -15.95
C PRO A 226 16.01 6.67 -16.39
N GLU A 227 16.21 5.77 -15.39
CA GLU A 227 16.31 4.32 -15.60
C GLU A 227 14.97 3.80 -16.09
N PHE A 228 13.88 4.33 -15.51
CA PHE A 228 12.54 3.96 -15.93
C PHE A 228 12.40 4.18 -17.44
N ARG A 229 12.75 5.35 -17.95
CA ARG A 229 12.51 5.65 -19.36
C ARG A 229 13.36 4.73 -20.24
N ILE A 230 14.60 4.48 -19.81
CA ILE A 230 15.55 3.67 -20.56
C ILE A 230 15.01 2.26 -20.75
N LEU A 231 14.48 1.70 -19.65
CA LEU A 231 13.89 0.37 -19.62
C LEU A 231 12.58 0.38 -20.40
N GLU A 232 11.77 1.43 -20.22
CA GLU A 232 10.50 1.57 -20.92
C GLU A 232 10.71 1.54 -22.42
N LYS A 233 11.76 2.24 -22.90
CA LYS A 233 12.15 2.26 -24.29
C LYS A 233 12.42 0.82 -24.73
N LYS A 234 13.19 0.11 -23.91
CA LYS A 234 13.68 -1.22 -24.27
C LYS A 234 12.64 -2.31 -24.05
N GLY A 235 11.44 -1.91 -23.56
CA GLY A 235 10.35 -2.81 -23.26
C GLY A 235 10.74 -3.84 -22.20
N TYR A 236 11.62 -3.42 -21.29
CA TYR A 236 12.13 -4.27 -20.25
C TYR A 236 11.25 -4.17 -19.01
N LEU A 237 10.35 -3.17 -18.97
CA LEU A 237 9.44 -3.01 -17.85
C LEU A 237 8.31 -3.98 -18.03
N LEU A 238 7.56 -4.21 -16.94
CA LEU A 238 6.37 -5.05 -17.02
C LEU A 238 5.22 -4.19 -17.49
N LYS A 239 4.52 -4.69 -18.53
CA LYS A 239 3.52 -3.95 -19.27
C LYS A 239 2.11 -4.35 -18.86
N LYS A 240 1.25 -3.34 -18.75
CA LYS A 240 -0.15 -3.54 -18.44
C LYS A 240 -0.85 -3.95 -19.72
N LYS A 241 -1.91 -4.80 -19.61
CA LYS A 241 -2.48 -5.42 -20.80
C LYS A 241 -3.26 -4.39 -21.62
N ASP A 242 -4.44 -4.02 -21.12
CA ASP A 242 -5.33 -3.16 -21.86
C ASP A 242 -4.75 -1.77 -22.13
N THR A 243 -3.49 -1.49 -21.77
CA THR A 243 -2.96 -0.14 -21.93
C THR A 243 -1.62 -0.18 -22.62
N GLY A 244 -0.97 -1.35 -22.73
CA GLY A 244 0.37 -1.41 -23.29
C GLY A 244 1.38 -0.57 -22.51
N GLN A 245 0.88 0.14 -21.49
CA GLN A 245 1.68 1.00 -20.66
C GLN A 245 2.47 0.14 -19.67
N PRO A 246 3.65 0.60 -19.19
CA PRO A 246 4.32 -0.04 -18.06
C PRO A 246 3.39 -0.17 -16.87
N ALA A 247 3.45 -1.36 -16.24
CA ALA A 247 2.62 -1.67 -15.09
C ALA A 247 3.23 -1.02 -13.87
N ILE A 248 2.35 -0.29 -13.15
CA ILE A 248 2.69 0.48 -11.98
C ILE A 248 2.15 -0.25 -10.77
N ILE A 249 3.07 -0.85 -9.99
CA ILE A 249 2.68 -1.77 -8.95
C ILE A 249 2.67 -1.03 -7.62
N HIS A 250 1.56 -1.23 -6.85
CA HIS A 250 1.48 -0.85 -5.45
C HIS A 250 2.09 -1.98 -4.62
N TRP A 251 3.17 -1.63 -3.91
CA TRP A 251 3.90 -2.54 -3.04
C TRP A 251 4.13 -1.86 -1.71
N TRP A 252 4.83 -2.53 -0.79
CA TRP A 252 4.92 -2.06 0.59
C TRP A 252 5.51 -0.65 0.70
N ASN A 253 6.33 -0.25 -0.30
CA ASN A 253 6.99 1.06 -0.18
C ASN A 253 6.17 2.17 -0.84
N GLY A 254 5.25 1.79 -1.74
CA GLY A 254 4.51 2.75 -2.55
C GLY A 254 4.18 2.18 -3.94
N PHE A 255 4.23 3.06 -4.97
CA PHE A 255 3.95 2.66 -6.34
C PHE A 255 5.19 2.83 -7.21
N SER A 256 5.51 1.75 -7.91
CA SER A 256 6.71 1.71 -8.74
C SER A 256 6.35 1.04 -10.07
N ALA A 257 7.08 1.46 -11.11
CA ALA A 257 7.17 0.70 -12.34
C ALA A 257 7.92 -0.58 -12.04
N CYS A 258 7.85 -1.57 -12.96
CA CYS A 258 8.41 -2.85 -12.59
C CYS A 258 9.18 -3.51 -13.74
N TYR A 259 10.39 -4.09 -13.44
CA TYR A 259 11.12 -4.99 -14.35
C TYR A 259 10.23 -6.19 -14.69
N ASP A 260 10.01 -6.43 -15.98
CA ASP A 260 9.46 -7.68 -16.47
C ASP A 260 10.53 -8.75 -16.32
N THR A 261 10.26 -9.68 -15.41
CA THR A 261 11.19 -10.75 -15.09
C THR A 261 10.96 -11.91 -16.05
N THR A 262 9.94 -11.89 -16.91
CA THR A 262 9.83 -12.86 -17.99
C THR A 262 10.70 -12.43 -19.16
N ASN A 263 10.89 -11.12 -19.34
CA ASN A 263 11.76 -10.64 -20.39
C ASN A 263 13.21 -11.05 -20.06
N PRO A 264 13.81 -11.98 -20.83
CA PRO A 264 15.15 -12.46 -20.55
C PRO A 264 16.22 -11.41 -20.80
N GLU A 265 15.95 -10.53 -21.79
CA GLU A 265 16.90 -9.49 -22.12
C GLU A 265 16.85 -8.43 -21.03
N ALA A 266 15.68 -8.31 -20.41
CA ALA A 266 15.51 -7.39 -19.28
C ALA A 266 16.33 -7.87 -18.09
N MET A 267 16.30 -9.19 -17.89
CA MET A 267 17.03 -9.86 -16.82
C MET A 267 18.51 -9.97 -17.19
N GLU A 268 18.82 -10.09 -18.49
CA GLU A 268 20.18 -10.08 -19.01
C GLU A 268 20.80 -8.76 -18.62
N TYR A 269 20.05 -7.69 -18.91
CA TYR A 269 20.52 -6.34 -18.68
C TYR A 269 20.69 -6.09 -17.19
N LEU A 270 19.64 -6.44 -16.44
CA LEU A 270 19.64 -6.29 -15.00
C LEU A 270 20.81 -7.07 -14.38
N LYS A 271 21.19 -8.19 -14.99
CA LYS A 271 22.26 -8.99 -14.41
C LYS A 271 23.55 -8.19 -14.48
N GLN A 272 23.78 -7.54 -15.63
CA GLN A 272 24.98 -6.75 -15.86
C GLN A 272 24.95 -5.46 -15.03
N GLN A 273 23.73 -5.01 -14.71
CA GLN A 273 23.51 -3.88 -13.83
C GLN A 273 24.18 -4.14 -12.49
N LEU A 274 24.01 -5.38 -12.03
CA LEU A 274 24.40 -5.81 -10.69
C LEU A 274 25.90 -6.11 -10.64
N ARG A 275 26.42 -6.72 -11.72
CA ARG A 275 27.84 -7.07 -11.82
C ARG A 275 28.70 -5.81 -11.74
N ALA A 276 28.21 -4.76 -12.41
CA ALA A 276 28.86 -3.46 -12.45
C ALA A 276 28.95 -2.87 -11.04
N ASN A 277 27.89 -3.10 -10.25
CA ASN A 277 27.86 -2.73 -8.85
C ASN A 277 28.97 -3.48 -8.11
N GLN A 278 29.08 -4.79 -8.39
CA GLN A 278 30.03 -5.65 -7.69
C GLN A 278 31.47 -5.21 -7.94
N GLU A 279 31.80 -4.81 -9.18
CA GLU A 279 33.13 -4.32 -9.49
C GLU A 279 33.33 -2.94 -8.88
N LYS A 280 32.40 -2.06 -9.21
CA LYS A 280 32.51 -0.65 -8.84
C LYS A 280 32.68 -0.47 -7.34
N TYR A 281 31.84 -1.16 -6.55
CA TYR A 281 31.77 -0.95 -5.11
C TYR A 281 32.48 -2.06 -4.32
N GLY A 282 32.48 -3.28 -4.86
CA GLY A 282 33.09 -4.44 -4.20
C GLY A 282 32.08 -5.34 -3.50
N ILE A 283 30.84 -5.37 -3.98
CA ILE A 283 29.79 -6.13 -3.33
C ILE A 283 29.89 -7.62 -3.71
N ASP A 284 29.56 -8.50 -2.75
CA ASP A 284 29.70 -9.94 -2.89
C ASP A 284 28.42 -10.57 -3.45
N GLY A 285 27.25 -10.00 -3.12
CA GLY A 285 25.99 -10.53 -3.61
C GLY A 285 24.83 -9.59 -3.33
N PHE A 286 23.59 -10.09 -3.50
CA PHE A 286 22.41 -9.25 -3.36
C PHE A 286 21.28 -10.02 -2.67
N LYS A 287 20.54 -9.28 -1.84
CA LYS A 287 19.27 -9.75 -1.29
C LYS A 287 18.14 -9.36 -2.27
N PHE A 288 17.48 -10.37 -2.82
CA PHE A 288 16.40 -10.23 -3.77
C PHE A 288 15.07 -10.30 -3.00
N ASP A 289 14.38 -9.16 -2.90
CA ASP A 289 13.16 -9.15 -2.12
C ASP A 289 12.02 -8.50 -2.87
N GLY A 290 10.89 -9.20 -3.12
CA GLY A 290 9.69 -8.46 -3.52
C GLY A 290 9.14 -8.82 -4.90
N ALA A 291 9.16 -10.09 -5.25
CA ALA A 291 8.45 -10.45 -6.47
C ALA A 291 7.06 -10.95 -6.10
N ASP A 292 6.47 -10.39 -5.03
CA ASP A 292 5.23 -10.89 -4.51
C ASP A 292 4.16 -10.84 -5.60
N ILE A 293 3.55 -12.02 -5.82
CA ILE A 293 2.40 -12.20 -6.69
C ILE A 293 1.23 -11.60 -5.94
N SER A 294 1.45 -11.32 -4.65
CA SER A 294 0.43 -10.78 -3.78
C SER A 294 0.10 -9.34 -4.19
N TYR A 295 1.05 -8.66 -4.83
CA TYR A 295 0.78 -7.33 -5.38
C TYR A 295 0.17 -7.40 -6.77
N MET A 296 0.48 -8.46 -7.52
CA MET A 296 0.02 -8.62 -8.89
C MET A 296 -1.41 -9.17 -8.97
N THR A 297 -2.16 -8.77 -10.00
CA THR A 297 -3.48 -9.30 -10.27
C THR A 297 -3.49 -10.12 -11.55
N PRO A 298 -3.49 -11.48 -11.50
CA PRO A 298 -3.31 -12.36 -12.68
C PRO A 298 -4.15 -12.01 -13.90
N GLY A 299 -3.46 -11.94 -15.06
CA GLY A 299 -4.06 -11.70 -16.37
C GLY A 299 -3.92 -10.27 -16.88
N GLU A 300 -3.80 -9.28 -15.97
CA GLU A 300 -3.75 -7.88 -16.34
C GLU A 300 -2.46 -7.53 -17.08
N TYR A 301 -1.50 -8.46 -17.21
CA TYR A 301 -0.16 -8.09 -17.63
C TYR A 301 0.20 -8.74 -18.96
N ASP A 302 0.88 -7.97 -19.81
CA ASP A 302 1.46 -8.50 -21.04
C ASP A 302 2.90 -8.85 -20.71
N PHE A 303 3.08 -10.06 -20.22
CA PHE A 303 4.39 -10.59 -19.99
C PHE A 303 5.07 -10.75 -21.33
N TYR A 304 6.41 -10.68 -21.35
CA TYR A 304 7.18 -11.03 -22.52
C TYR A 304 6.86 -12.47 -22.90
N ASP A 305 6.90 -13.37 -21.91
CA ASP A 305 6.50 -14.76 -22.06
C ASP A 305 4.96 -14.77 -22.03
N LYS A 306 4.32 -15.23 -23.12
CA LYS A 306 2.86 -15.23 -23.19
C LYS A 306 2.27 -16.42 -22.42
N ASP A 307 3.11 -17.44 -22.13
CA ASP A 307 2.68 -18.59 -21.32
C ASP A 307 2.99 -18.35 -19.84
N ALA A 308 3.15 -17.07 -19.44
CA ALA A 308 3.62 -16.73 -18.09
C ALA A 308 2.48 -16.23 -17.23
N THR A 309 2.52 -16.59 -15.94
CA THR A 309 1.56 -16.14 -14.95
C THR A 309 2.31 -15.18 -14.04
N PRO A 310 1.66 -14.53 -13.04
CA PRO A 310 2.39 -13.78 -12.01
C PRO A 310 3.35 -14.68 -11.22
N ASN A 311 2.94 -15.95 -11.03
CA ASN A 311 3.75 -16.95 -10.35
C ASN A 311 5.05 -17.12 -11.11
N THR A 312 4.95 -17.17 -12.45
CA THR A 312 6.12 -17.32 -13.32
C THR A 312 7.07 -16.20 -12.99
N PHE A 313 6.53 -14.98 -13.00
CA PHE A 313 7.33 -13.79 -12.72
C PHE A 313 8.01 -13.89 -11.36
N MET A 314 7.29 -14.36 -10.35
CA MET A 314 7.89 -14.51 -9.03
C MET A 314 9.06 -15.51 -9.06
N GLU A 315 8.93 -16.51 -9.94
CA GLU A 315 9.93 -17.57 -10.08
C GLU A 315 11.16 -16.99 -10.79
N LYS A 316 10.93 -16.01 -11.64
CA LYS A 316 11.97 -15.51 -12.50
C LYS A 316 12.81 -14.49 -11.75
N TRP A 317 12.20 -13.77 -10.79
CA TRP A 317 12.97 -12.88 -9.94
C TRP A 317 13.94 -13.69 -9.11
N ALA A 318 13.47 -14.86 -8.65
CA ALA A 318 14.23 -15.75 -7.80
C ALA A 318 15.33 -16.45 -8.61
N ALA A 319 15.04 -16.86 -9.86
CA ALA A 319 15.97 -17.57 -10.73
C ALA A 319 17.24 -16.74 -10.97
N LEU A 320 17.01 -15.43 -10.96
CA LEU A 320 18.06 -14.44 -11.08
C LEU A 320 19.15 -14.65 -10.03
N GLY A 321 18.81 -15.24 -8.89
CA GLY A 321 19.79 -15.45 -7.83
C GLY A 321 20.71 -16.64 -8.11
N LEU A 322 20.34 -17.47 -9.09
CA LEU A 322 21.22 -18.54 -9.52
C LEU A 322 22.52 -17.95 -10.10
N SER A 323 22.40 -16.75 -10.68
CA SER A 323 23.52 -16.08 -11.32
C SER A 323 24.43 -15.39 -10.31
N PHE A 324 24.09 -15.43 -9.01
CA PHE A 324 24.92 -14.81 -7.99
C PHE A 324 25.05 -15.75 -6.81
N PRO A 325 26.27 -16.25 -6.49
CA PRO A 325 26.42 -17.27 -5.45
C PRO A 325 26.09 -16.70 -4.07
N TYR A 326 26.42 -15.42 -3.87
CA TYR A 326 25.87 -14.68 -2.76
C TYR A 326 24.51 -14.13 -3.20
N ASN A 327 23.45 -14.72 -2.65
CA ASN A 327 22.08 -14.36 -2.93
C ASN A 327 21.22 -14.74 -1.74
N GLU A 328 20.16 -13.98 -1.51
CA GLU A 328 19.09 -14.37 -0.59
C GLU A 328 17.79 -13.84 -1.16
N LEU A 329 16.71 -14.61 -1.04
CA LEU A 329 15.38 -14.17 -1.45
C LEU A 329 14.34 -14.67 -0.46
N ARG A 330 13.09 -14.36 -0.77
CA ARG A 330 12.00 -14.45 0.19
C ARG A 330 10.68 -14.72 -0.54
N ALA A 331 10.47 -14.07 -1.67
CA ALA A 331 9.40 -14.38 -2.58
C ALA A 331 9.92 -15.39 -3.59
N CYS A 332 9.15 -16.47 -3.80
CA CYS A 332 9.53 -17.51 -4.74
C CYS A 332 8.39 -18.45 -5.09
N TRP A 333 8.45 -19.00 -6.31
CA TRP A 333 7.55 -20.01 -6.83
C TRP A 333 8.38 -21.15 -7.47
N LYS A 334 8.22 -22.36 -6.92
CA LYS A 334 9.03 -23.51 -7.30
C LYS A 334 10.50 -23.22 -7.00
N LEU A 335 11.44 -23.66 -7.86
CA LEU A 335 12.88 -23.54 -7.66
C LEU A 335 13.31 -24.27 -6.39
N GLY A 336 12.81 -25.51 -6.34
CA GLY A 336 13.16 -26.47 -5.32
C GLY A 336 14.43 -27.21 -5.72
N GLY A 337 15.33 -27.33 -4.75
CA GLY A 337 16.56 -28.06 -4.91
C GLY A 337 17.72 -27.13 -5.30
N GLN A 338 17.36 -25.86 -5.51
CA GLN A 338 18.29 -24.93 -6.13
C GLN A 338 19.08 -24.16 -5.08
N ALA A 339 20.30 -23.76 -5.50
CA ALA A 339 21.24 -22.97 -4.70
C ALA A 339 20.70 -21.58 -4.40
N LEU A 340 19.67 -21.50 -3.55
CA LEU A 340 19.02 -20.22 -3.27
C LEU A 340 18.83 -20.10 -1.79
N VAL A 341 19.53 -19.16 -1.17
CA VAL A 341 19.21 -18.85 0.22
C VAL A 341 17.77 -18.34 0.27
N GLN A 342 16.99 -18.90 1.20
CA GLN A 342 15.56 -18.57 1.26
C GLN A 342 15.21 -18.11 2.66
N ARG A 343 14.93 -16.81 2.80
CA ARG A 343 14.67 -16.22 4.09
C ARG A 343 13.18 -16.36 4.46
N LEU A 344 12.92 -16.61 5.74
CA LEU A 344 11.55 -16.60 6.25
C LEU A 344 11.09 -15.14 6.38
N GLY A 345 9.84 -14.85 6.04
CA GLY A 345 9.40 -13.47 6.01
C GLY A 345 9.63 -12.79 7.36
N ASP A 346 10.03 -11.51 7.37
CA ASP A 346 10.16 -10.73 8.59
C ASP A 346 8.88 -10.80 9.42
N LYS A 347 8.98 -11.19 10.69
CA LYS A 347 7.81 -11.36 11.54
C LYS A 347 7.81 -10.30 12.63
N ASP A 348 7.24 -10.61 13.82
CA ASP A 348 6.92 -9.63 14.84
C ASP A 348 7.69 -9.94 16.13
N TYR A 349 7.89 -8.87 16.94
CA TYR A 349 8.46 -9.03 18.27
C TYR A 349 7.43 -9.59 19.26
N SER A 350 7.15 -10.90 19.18
CA SER A 350 6.20 -11.58 20.06
C SER A 350 6.52 -13.06 20.13
N TRP A 351 6.14 -13.69 21.27
CA TRP A 351 6.41 -15.09 21.47
C TRP A 351 5.73 -15.90 20.38
N ASN A 352 4.43 -15.64 20.15
CA ASN A 352 3.68 -16.43 19.18
C ASN A 352 4.47 -16.57 17.88
N ALA A 353 5.04 -15.43 17.44
CA ALA A 353 5.79 -15.36 16.19
C ALA A 353 7.10 -16.14 16.31
N THR A 354 7.71 -16.05 17.50
CA THR A 354 8.96 -16.75 17.77
C THR A 354 8.74 -18.26 17.63
N ARG A 355 7.53 -18.72 17.96
CA ARG A 355 7.25 -20.15 17.99
C ARG A 355 7.03 -20.69 16.58
N MET A 356 6.81 -19.78 15.62
CA MET A 356 6.51 -20.19 14.27
C MET A 356 7.79 -20.44 13.47
N LEU A 357 8.98 -20.14 14.02
CA LEU A 357 10.24 -20.22 13.26
C LEU A 357 10.49 -21.67 12.82
N ILE A 358 10.53 -22.59 13.79
CA ILE A 358 10.76 -24.01 13.52
C ILE A 358 9.79 -24.55 12.47
N PRO A 359 8.44 -24.52 12.73
CA PRO A 359 7.46 -25.16 11.85
C PRO A 359 7.48 -24.57 10.43
N ASP A 360 7.49 -23.24 10.33
CA ASP A 360 7.66 -22.58 9.04
C ASP A 360 8.93 -23.05 8.32
N MET A 361 10.07 -23.04 9.05
CA MET A 361 11.33 -23.45 8.49
C MET A 361 11.29 -24.91 8.03
N LEU A 362 10.81 -25.82 8.88
CA LEU A 362 10.75 -27.24 8.53
C LEU A 362 10.08 -27.38 7.17
N ALA A 363 8.94 -26.68 6.95
CA ALA A 363 8.18 -26.83 5.71
C ALA A 363 9.06 -26.41 4.54
N ALA A 364 9.73 -25.26 4.64
CA ALA A 364 10.59 -24.77 3.57
C ALA A 364 11.44 -25.92 3.03
N GLY A 365 12.13 -26.59 3.93
CA GLY A 365 12.93 -27.76 3.56
C GLY A 365 12.11 -28.81 2.79
N LEU A 366 11.05 -29.33 3.39
CA LEU A 366 10.21 -30.36 2.78
C LEU A 366 9.86 -29.94 1.35
N LEU A 367 9.61 -28.62 1.11
CA LEU A 367 9.09 -28.14 -0.18
C LEU A 367 10.17 -27.68 -1.18
N GLY A 368 11.42 -28.03 -0.88
CA GLY A 368 12.46 -27.81 -1.84
C GLY A 368 13.50 -26.91 -1.26
N TYR A 369 13.14 -25.82 -0.57
CA TYR A 369 14.07 -24.77 -0.19
C TYR A 369 14.82 -25.17 1.08
N TYR A 370 15.88 -25.98 0.89
CA TYR A 370 16.49 -26.66 2.02
C TYR A 370 17.29 -25.64 2.81
N TYR A 371 18.09 -24.85 2.06
CA TYR A 371 18.95 -23.83 2.65
C TYR A 371 18.06 -22.69 3.11
N THR A 372 17.94 -22.47 4.42
CA THR A 372 16.94 -21.54 4.90
C THR A 372 17.52 -20.65 5.99
N CYS A 373 17.40 -19.32 5.85
CA CYS A 373 17.60 -18.41 6.95
C CYS A 373 16.31 -18.25 7.78
N PRO A 374 16.32 -18.48 9.11
CA PRO A 374 15.09 -18.41 9.91
C PRO A 374 14.74 -16.97 10.30
N ASP A 375 14.58 -16.09 9.32
CA ASP A 375 14.10 -14.76 9.57
C ASP A 375 15.08 -14.00 10.45
N MET A 376 14.77 -12.74 10.76
CA MET A 376 15.59 -11.89 11.60
C MET A 376 15.41 -12.27 13.06
N ILE A 377 16.34 -11.82 13.91
CA ILE A 377 16.30 -12.05 15.33
C ILE A 377 15.52 -10.88 15.93
N GLY A 378 14.56 -11.28 16.79
CA GLY A 378 13.65 -10.44 17.54
C GLY A 378 12.48 -9.87 16.73
N GLY A 379 12.48 -10.04 15.41
CA GLY A 379 11.45 -9.45 14.58
C GLY A 379 12.12 -8.67 13.45
N GLY A 380 11.58 -8.86 12.23
CA GLY A 380 12.04 -8.10 11.09
C GLY A 380 11.21 -6.82 10.89
N GLN A 381 10.48 -6.43 11.94
CA GLN A 381 9.76 -5.18 11.91
C GLN A 381 10.40 -4.20 12.89
N TYR A 382 11.00 -3.14 12.31
CA TYR A 382 11.75 -2.11 13.01
C TYR A 382 10.95 -1.34 14.06
N SER A 383 9.66 -1.12 13.80
CA SER A 383 8.83 -0.21 14.59
C SER A 383 8.70 -0.68 16.04
N ALA A 384 8.90 -1.99 16.26
CA ALA A 384 8.78 -2.61 17.57
C ALA A 384 9.97 -2.20 18.47
N PHE A 385 11.11 -1.93 17.82
CA PHE A 385 12.36 -1.67 18.53
C PHE A 385 12.62 -0.17 18.59
N LEU A 386 12.00 0.60 17.68
CA LEU A 386 11.93 2.04 17.81
C LEU A 386 11.16 2.40 19.08
N ASN A 387 11.56 3.53 19.70
CA ASN A 387 10.89 4.11 20.85
C ASN A 387 10.95 3.14 22.03
N VAL A 388 12.03 2.39 22.21
CA VAL A 388 12.01 1.39 23.26
C VAL A 388 13.13 1.64 24.26
N LYS A 389 12.83 1.32 25.53
CA LYS A 389 13.69 1.61 26.66
C LYS A 389 14.05 0.32 27.40
N GLU A 390 13.04 -0.45 27.83
CA GLU A 390 13.27 -1.63 28.65
C GLU A 390 12.70 -2.91 28.04
N PHE A 391 13.52 -3.67 27.33
CA PHE A 391 13.05 -4.73 26.45
C PHE A 391 12.73 -5.99 27.24
N ASP A 392 12.00 -6.91 26.60
CA ASP A 392 11.83 -8.29 27.03
C ASP A 392 13.00 -9.10 26.49
N GLU A 393 14.01 -9.24 27.34
CA GLU A 393 15.34 -9.69 26.94
C GLU A 393 15.35 -11.21 26.76
N GLU A 394 14.40 -11.92 27.40
CA GLU A 394 14.38 -13.37 27.33
C GLU A 394 14.03 -13.77 25.90
N LEU A 395 13.00 -13.13 25.34
CA LEU A 395 12.49 -13.46 24.03
C LEU A 395 13.62 -13.41 22.99
N ILE A 396 14.45 -12.38 23.09
CA ILE A 396 15.55 -12.17 22.17
C ILE A 396 16.49 -13.37 22.26
N VAL A 397 16.83 -13.74 23.50
CA VAL A 397 17.81 -14.79 23.73
C VAL A 397 17.25 -16.17 23.35
N ARG A 398 15.97 -16.42 23.67
CA ARG A 398 15.34 -17.70 23.34
C ARG A 398 15.23 -17.83 21.82
N SER A 399 14.93 -16.68 21.19
CA SER A 399 14.81 -16.56 19.74
C SER A 399 16.16 -16.86 19.10
N CYS A 400 17.23 -16.37 19.73
CA CYS A 400 18.58 -16.62 19.30
C CYS A 400 18.87 -18.12 19.30
N GLN A 401 18.49 -18.78 20.41
CA GLN A 401 18.81 -20.18 20.59
C GLN A 401 18.25 -21.00 19.42
N VAL A 402 17.04 -20.65 18.99
CA VAL A 402 16.40 -21.35 17.89
C VAL A 402 17.33 -21.39 16.68
N HIS A 403 17.74 -20.18 16.26
CA HIS A 403 18.60 -19.97 15.09
C HIS A 403 19.92 -20.75 15.18
N ALA A 404 20.47 -20.87 16.41
CA ALA A 404 21.81 -21.41 16.62
C ALA A 404 21.95 -22.68 15.81
N LEU A 405 20.97 -23.62 15.93
CA LEU A 405 21.11 -24.95 15.32
C LEU A 405 20.21 -25.06 14.08
N MET A 406 20.24 -24.00 13.27
CA MET A 406 19.60 -23.99 11.97
C MET A 406 20.67 -23.77 10.91
N PRO A 407 20.34 -23.87 9.60
CA PRO A 407 21.35 -23.76 8.57
C PRO A 407 22.08 -22.42 8.66
N MET A 408 21.33 -21.34 8.91
CA MET A 408 21.88 -19.98 8.95
C MET A 408 21.39 -19.31 10.21
N MET A 409 21.76 -18.06 10.44
CA MET A 409 21.35 -17.32 11.63
C MET A 409 21.42 -15.82 11.33
N GLN A 410 20.28 -15.14 11.36
CA GLN A 410 20.20 -13.73 10.98
C GLN A 410 19.90 -12.94 12.24
N PHE A 411 20.72 -11.94 12.52
CA PHE A 411 20.40 -10.89 13.48
C PHE A 411 20.02 -9.63 12.72
N SER A 412 19.58 -8.63 13.45
CA SER A 412 19.22 -7.37 12.84
C SER A 412 19.32 -6.27 13.87
N VAL A 413 18.61 -6.50 14.96
CA VAL A 413 18.70 -5.67 16.14
C VAL A 413 20.10 -5.85 16.75
N ALA A 414 20.52 -4.83 17.47
CA ALA A 414 21.79 -4.80 18.18
C ALA A 414 21.67 -5.30 19.63
N PRO A 415 21.85 -6.63 19.85
CA PRO A 415 21.83 -7.20 21.20
C PRO A 415 22.59 -6.36 22.24
N TRP A 416 23.73 -5.83 21.81
CA TRP A 416 24.59 -5.04 22.67
C TRP A 416 23.88 -3.78 23.12
N ARG A 417 22.84 -3.37 22.40
CA ARG A 417 22.17 -2.12 22.70
C ARG A 417 20.91 -2.40 23.52
N ILE A 418 20.21 -3.49 23.18
CA ILE A 418 18.91 -3.76 23.78
C ILE A 418 19.05 -4.67 25.01
N LEU A 419 20.09 -5.53 25.02
CA LEU A 419 20.25 -6.54 26.06
C LEU A 419 21.22 -6.07 27.13
N SER A 420 21.26 -6.85 28.22
CA SER A 420 22.34 -6.82 29.18
C SER A 420 23.59 -7.42 28.57
N LYS A 421 24.75 -7.02 29.10
CA LYS A 421 26.02 -7.46 28.55
C LYS A 421 26.08 -8.97 28.66
N GLU A 422 25.51 -9.45 29.76
CA GLU A 422 25.41 -10.87 30.05
C GLU A 422 24.69 -11.61 28.92
N ASN A 423 23.52 -11.08 28.56
CA ASN A 423 22.63 -11.69 27.57
C ASN A 423 23.24 -11.59 26.19
N ALA A 424 23.86 -10.45 25.87
CA ALA A 424 24.62 -10.31 24.64
C ALA A 424 25.61 -11.48 24.50
N ASP A 425 26.42 -11.71 25.54
CA ASP A 425 27.45 -12.74 25.51
C ASP A 425 26.84 -14.13 25.29
N ILE A 426 25.62 -14.30 25.85
CA ILE A 426 24.84 -15.53 25.70
C ILE A 426 24.58 -15.76 24.22
N CYS A 427 24.05 -14.73 23.55
CA CYS A 427 23.81 -14.76 22.12
C CYS A 427 25.11 -14.99 21.34
N ALA A 428 26.19 -14.35 21.80
CA ALA A 428 27.51 -14.44 21.18
C ALA A 428 28.07 -15.86 21.32
N HIS A 429 27.75 -16.54 22.45
CA HIS A 429 28.04 -17.96 22.57
C HIS A 429 27.34 -18.72 21.45
N TYR A 430 26.03 -18.45 21.29
CA TYR A 430 25.21 -19.25 20.41
C TYR A 430 25.60 -19.00 18.96
N ALA A 431 26.09 -17.80 18.65
CA ALA A 431 26.63 -17.49 17.34
C ALA A 431 27.87 -18.36 17.08
N HIS A 432 28.71 -18.51 18.13
CA HIS A 432 29.95 -19.28 18.03
C HIS A 432 29.63 -20.78 18.04
N LEU A 433 28.44 -21.12 18.58
CA LEU A 433 27.99 -22.50 18.65
C LEU A 433 27.46 -22.93 17.27
N HIS A 434 26.75 -22.02 16.61
CA HIS A 434 26.33 -22.22 15.24
C HIS A 434 27.57 -22.41 14.37
N GLN A 435 28.56 -21.54 14.61
CA GLN A 435 29.78 -21.51 13.82
C GLN A 435 30.58 -22.77 14.09
N LYS A 436 30.53 -23.28 15.32
CA LYS A 436 31.12 -24.56 15.66
C LYS A 436 30.42 -25.67 14.86
N MET A 437 29.09 -25.64 14.84
CA MET A 437 28.28 -26.71 14.26
C MET A 437 28.39 -26.72 12.72
N SER A 438 28.91 -25.64 12.14
CA SER A 438 28.76 -25.37 10.72
C SER A 438 29.41 -26.45 9.87
N GLY A 439 30.47 -27.10 10.39
CA GLY A 439 31.08 -28.20 9.65
C GLY A 439 30.05 -29.25 9.23
N TYR A 440 29.13 -29.54 10.15
CA TYR A 440 28.09 -30.55 9.97
C TYR A 440 26.96 -30.02 9.10
N ILE A 441 26.65 -28.72 9.24
CA ILE A 441 25.61 -28.11 8.46
C ILE A 441 26.03 -28.09 6.99
N LEU A 442 27.30 -27.72 6.72
CA LEU A 442 27.88 -27.71 5.39
C LEU A 442 27.82 -29.10 4.75
N GLU A 443 28.10 -30.12 5.57
CA GLU A 443 28.04 -31.52 5.16
C GLU A 443 26.62 -31.84 4.69
N LEU A 444 25.61 -31.44 5.49
CA LEU A 444 24.20 -31.75 5.27
C LEU A 444 23.61 -31.08 4.03
N ALA A 445 24.13 -29.89 3.73
CA ALA A 445 23.67 -29.08 2.61
C ALA A 445 24.02 -29.77 1.29
N LYS A 446 25.17 -30.46 1.24
CA LYS A 446 25.54 -31.20 0.04
C LYS A 446 24.68 -32.45 -0.08
N ARG A 447 24.29 -33.01 1.06
CA ARG A 447 23.37 -34.14 1.07
C ARG A 447 22.00 -33.65 0.62
N ALA A 448 21.64 -32.41 0.98
CA ALA A 448 20.39 -31.82 0.52
C ALA A 448 20.44 -31.57 -0.98
N ALA A 449 21.57 -31.03 -1.44
CA ALA A 449 21.69 -30.60 -2.83
C ALA A 449 21.77 -31.80 -3.75
N GLU A 450 22.01 -33.00 -3.22
CA GLU A 450 22.28 -34.15 -4.05
C GLU A 450 21.17 -35.18 -3.87
N THR A 451 20.76 -35.48 -2.63
CA THR A 451 19.69 -36.41 -2.39
C THR A 451 18.34 -35.68 -2.43
N GLY A 452 18.27 -34.49 -1.81
CA GLY A 452 17.01 -33.78 -1.63
C GLY A 452 16.41 -34.05 -0.25
N GLU A 453 17.29 -34.32 0.72
CA GLU A 453 16.91 -34.34 2.12
C GLU A 453 17.12 -32.95 2.70
N PRO A 454 16.11 -32.35 3.34
CA PRO A 454 16.31 -31.11 4.09
C PRO A 454 17.55 -31.16 5.00
N ILE A 455 18.03 -29.98 5.38
CA ILE A 455 19.02 -29.89 6.44
C ILE A 455 18.29 -30.04 7.77
N VAL A 456 17.20 -29.28 7.92
CA VAL A 456 16.36 -29.32 9.11
C VAL A 456 15.09 -30.10 8.80
N ARG A 457 14.84 -31.12 9.63
CA ARG A 457 13.84 -32.14 9.37
C ARG A 457 12.83 -32.20 10.51
N SER A 458 11.54 -32.35 10.18
CA SER A 458 10.54 -32.55 11.22
C SER A 458 10.77 -33.89 11.89
N MET A 459 10.22 -34.04 13.10
CA MET A 459 10.37 -35.29 13.85
C MET A 459 9.63 -36.38 13.10
N GLU A 460 8.43 -36.06 12.57
CA GLU A 460 7.63 -37.02 11.80
C GLU A 460 8.37 -37.45 10.52
N TYR A 461 9.28 -36.58 10.04
CA TYR A 461 10.08 -36.86 8.86
C TYR A 461 11.02 -38.01 9.17
N GLU A 462 11.83 -37.82 10.23
CA GLU A 462 12.88 -38.76 10.59
C GLU A 462 12.33 -39.98 11.33
N TYR A 463 11.21 -39.79 12.05
CA TYR A 463 10.61 -40.82 12.88
C TYR A 463 9.11 -40.88 12.62
N PRO A 464 8.71 -41.37 11.42
CA PRO A 464 7.28 -41.38 11.06
C PRO A 464 6.43 -42.38 11.84
N HIS A 465 5.15 -42.02 12.01
CA HIS A 465 4.18 -42.88 12.66
C HIS A 465 4.55 -43.12 14.14
N GLN A 466 5.43 -42.30 14.69
CA GLN A 466 5.84 -42.48 16.07
C GLN A 466 5.32 -41.32 16.92
N GLY A 467 4.14 -40.80 16.57
CA GLY A 467 3.45 -39.78 17.37
C GLY A 467 4.15 -38.43 17.42
N PHE A 468 4.85 -38.05 16.33
CA PHE A 468 5.53 -36.77 16.29
C PHE A 468 4.90 -35.91 15.20
N THR A 469 3.61 -36.16 14.90
CA THR A 469 2.98 -35.63 13.71
C THR A 469 2.75 -34.12 13.86
N ASP A 470 2.24 -33.68 15.02
CA ASP A 470 2.02 -32.27 15.27
C ASP A 470 3.22 -31.61 15.96
N CYS A 471 4.28 -32.37 16.19
CA CYS A 471 5.36 -31.90 17.04
C CYS A 471 6.01 -30.67 16.42
N LYS A 472 5.69 -29.47 16.93
CA LYS A 472 6.03 -28.20 16.28
C LYS A 472 7.06 -27.40 17.09
N ASP A 473 7.58 -28.01 18.17
CA ASP A 473 8.54 -27.31 19.01
C ASP A 473 9.84 -28.12 19.19
N GLN A 474 10.08 -29.08 18.30
CA GLN A 474 11.40 -29.69 18.24
C GLN A 474 11.60 -30.33 16.89
N TYR A 475 12.89 -30.46 16.51
CA TYR A 475 13.28 -30.80 15.15
C TYR A 475 14.62 -31.50 15.16
N MET A 476 14.94 -32.11 14.03
CA MET A 476 16.18 -32.86 13.88
C MET A 476 17.11 -32.01 13.02
N LEU A 477 18.35 -31.79 13.49
CA LEU A 477 19.40 -31.27 12.62
C LEU A 477 20.15 -32.44 11.99
N GLY A 478 19.86 -32.68 10.73
CA GLY A 478 20.18 -33.95 10.10
C GLY A 478 19.39 -35.09 10.73
N ASP A 479 20.01 -36.27 10.87
CA ASP A 479 19.39 -37.35 11.59
C ASP A 479 20.22 -37.61 12.84
N LYS A 480 20.96 -36.59 13.30
CA LYS A 480 21.87 -36.77 14.43
C LYS A 480 21.35 -36.05 15.68
N TYR A 481 21.27 -34.71 15.61
CA TYR A 481 20.93 -33.91 16.78
C TYR A 481 19.45 -33.56 16.84
N LEU A 482 18.76 -34.01 17.90
CA LEU A 482 17.42 -33.54 18.24
C LEU A 482 17.58 -32.23 19.00
N VAL A 483 16.74 -31.24 18.67
CA VAL A 483 16.83 -29.91 19.26
C VAL A 483 15.45 -29.49 19.78
N ALA A 484 15.38 -29.22 21.08
CA ALA A 484 14.15 -28.84 21.72
C ALA A 484 14.36 -27.52 22.47
N PRO A 485 14.52 -26.39 21.74
CA PRO A 485 14.87 -25.11 22.37
C PRO A 485 13.71 -24.52 23.16
N MET A 486 14.01 -23.51 23.99
CA MET A 486 12.89 -22.93 24.71
C MET A 486 12.21 -21.93 23.76
N VAL A 487 10.87 -22.01 23.73
CA VAL A 487 9.97 -21.33 22.82
C VAL A 487 8.90 -20.59 23.62
N THR A 488 9.11 -20.44 24.92
CA THR A 488 8.13 -19.86 25.82
C THR A 488 8.89 -19.24 26.99
N PRO A 489 8.24 -18.41 27.83
CA PRO A 489 8.96 -17.88 29.00
C PRO A 489 9.14 -19.05 29.97
N GLY A 490 9.85 -18.81 31.08
CA GLY A 490 10.11 -19.85 32.06
C GLY A 490 11.36 -20.67 31.72
N VAL A 491 11.53 -21.77 32.47
CA VAL A 491 12.79 -22.51 32.50
C VAL A 491 12.54 -24.03 32.58
N LYS A 492 11.37 -24.45 32.09
CA LYS A 492 11.08 -25.87 31.91
C LYS A 492 10.48 -26.12 30.53
N ARG A 493 10.46 -27.40 30.14
CA ARG A 493 10.30 -27.83 28.77
C ARG A 493 9.97 -29.34 28.77
N THR A 494 9.02 -29.71 27.90
CA THR A 494 8.74 -31.08 27.49
C THR A 494 9.76 -31.48 26.42
N VAL A 495 10.19 -32.73 26.46
CA VAL A 495 10.92 -33.27 25.33
C VAL A 495 10.48 -34.70 25.05
N LYS A 496 9.87 -34.95 23.88
CA LYS A 496 9.64 -36.30 23.41
C LYS A 496 10.88 -36.83 22.70
N LEU A 497 11.55 -37.79 23.34
CA LEU A 497 12.62 -38.54 22.72
C LEU A 497 12.02 -39.77 22.04
N PRO A 498 12.46 -40.07 20.80
CA PRO A 498 12.05 -41.30 20.14
C PRO A 498 12.99 -42.41 20.55
N LYS A 499 12.82 -43.61 19.96
CA LYS A 499 13.70 -44.73 20.28
C LYS A 499 15.13 -44.37 19.86
N GLY A 500 16.11 -44.89 20.59
CA GLY A 500 17.51 -44.55 20.36
C GLY A 500 18.17 -44.02 21.63
N LYS A 501 19.49 -43.83 21.56
CA LYS A 501 20.27 -43.42 22.71
C LYS A 501 20.64 -41.95 22.55
N TRP A 502 20.30 -41.13 23.55
CA TRP A 502 20.30 -39.67 23.41
C TRP A 502 21.17 -39.03 24.50
N LYS A 503 22.26 -38.37 24.08
CA LYS A 503 23.11 -37.60 24.97
C LYS A 503 22.84 -36.10 24.80
N ASP A 504 22.38 -35.44 25.88
CA ASP A 504 22.15 -34.00 25.83
C ASP A 504 23.50 -33.29 25.73
N GLU A 505 23.45 -31.95 25.68
CA GLU A 505 24.65 -31.15 25.48
C GLU A 505 25.51 -31.15 26.75
N ARG A 506 24.84 -31.27 27.91
CA ARG A 506 25.52 -31.40 29.19
C ARG A 506 26.41 -32.65 29.17
N GLY A 507 25.92 -33.74 28.57
CA GLY A 507 26.67 -35.01 28.44
C GLY A 507 25.90 -36.19 29.02
N GLN A 508 24.77 -35.91 29.70
CA GLN A 508 23.95 -36.90 30.36
C GLN A 508 23.13 -37.71 29.34
N ILE A 509 23.24 -39.03 29.46
CA ILE A 509 22.68 -39.98 28.50
C ILE A 509 21.24 -40.32 28.90
N PHE A 510 20.41 -40.64 27.89
CA PHE A 510 19.02 -41.07 28.05
C PHE A 510 18.73 -42.23 27.09
N LYS A 511 17.47 -42.70 27.09
CA LYS A 511 16.96 -43.52 26.00
C LYS A 511 15.43 -43.43 25.96
N GLY A 512 14.86 -43.38 24.76
CA GLY A 512 13.42 -43.32 24.58
C GLY A 512 12.88 -44.59 23.91
N PRO A 513 11.59 -44.63 23.49
CA PRO A 513 10.67 -43.49 23.55
C PRO A 513 10.17 -43.16 24.97
N LYS A 514 10.39 -41.90 25.40
CA LYS A 514 9.88 -41.38 26.66
C LYS A 514 9.92 -39.85 26.60
N VAL A 515 9.26 -39.21 27.56
CA VAL A 515 9.01 -37.77 27.51
C VAL A 515 9.56 -37.11 28.77
N ILE A 516 10.76 -36.53 28.68
CA ILE A 516 11.43 -36.00 29.86
C ILE A 516 11.11 -34.52 30.05
N ASP A 517 11.29 -34.06 31.29
CA ASP A 517 11.25 -32.65 31.63
C ASP A 517 12.68 -32.26 31.95
N THR A 518 13.07 -31.02 31.67
CA THR A 518 14.43 -30.60 31.91
C THR A 518 14.45 -29.18 32.48
N ASP A 519 15.59 -28.86 33.10
CA ASP A 519 15.90 -27.54 33.61
C ASP A 519 16.59 -26.74 32.52
N VAL A 520 15.92 -25.68 32.05
CA VAL A 520 16.46 -24.85 30.99
C VAL A 520 16.71 -23.43 31.54
N PRO A 521 17.93 -23.10 32.05
CA PRO A 521 18.26 -21.71 32.35
C PRO A 521 18.28 -20.89 31.05
N LEU A 522 18.29 -19.56 31.20
CA LEU A 522 18.26 -18.66 30.04
C LEU A 522 19.39 -19.02 29.07
N ASN A 523 20.58 -19.34 29.61
CA ASN A 523 21.74 -19.61 28.77
C ASN A 523 21.86 -21.11 28.49
N ARG A 524 20.71 -21.79 28.39
CA ARG A 524 20.70 -23.18 27.96
C ARG A 524 19.85 -23.38 26.70
N LEU A 525 20.51 -23.91 25.66
CA LEU A 525 19.84 -24.54 24.54
C LEU A 525 19.90 -26.05 24.71
N PRO A 526 18.75 -26.70 24.97
CA PRO A 526 18.65 -28.15 24.95
C PRO A 526 18.88 -28.75 23.56
N TYR A 527 19.84 -29.66 23.44
CA TYR A 527 19.93 -30.48 22.25
C TYR A 527 20.63 -31.79 22.58
N TYR A 528 20.23 -32.84 21.85
CA TYR A 528 20.55 -34.20 22.21
C TYR A 528 21.21 -34.87 21.01
N GLU A 529 22.51 -35.20 21.13
CA GLU A 529 23.19 -36.01 20.13
C GLU A 529 22.69 -37.47 20.20
N LYS A 530 22.48 -38.10 19.04
CA LYS A 530 22.18 -39.52 19.01
C LYS A 530 23.51 -40.28 18.99
N ILE A 531 23.65 -41.18 19.99
CA ILE A 531 24.88 -41.90 20.32
C ILE A 531 24.63 -43.42 20.22
N LYS A 532 24.07 -43.91 19.11
CA LYS A 532 23.66 -45.30 19.03
C LYS A 532 22.33 -45.43 19.81
N ASN B 25 -27.99 19.75 -17.52
CA ASN B 25 -28.02 20.26 -18.91
C ASN B 25 -26.62 20.62 -19.42
N VAL B 26 -26.47 20.47 -20.74
CA VAL B 26 -25.43 21.17 -21.49
C VAL B 26 -26.02 22.51 -21.95
N PHE B 27 -25.73 23.60 -21.21
CA PHE B 27 -26.28 24.92 -21.50
C PHE B 27 -25.63 25.56 -22.73
N THR B 28 -26.08 25.13 -23.92
CA THR B 28 -25.50 25.51 -25.21
C THR B 28 -25.89 26.96 -25.52
N THR B 29 -24.99 27.67 -26.19
CA THR B 29 -25.24 29.06 -26.56
C THR B 29 -24.58 29.35 -27.90
N VAL B 30 -25.34 29.24 -29.00
CA VAL B 30 -24.86 29.56 -30.33
C VAL B 30 -24.76 31.08 -30.43
N VAL B 31 -23.53 31.60 -30.58
CA VAL B 31 -23.30 33.03 -30.62
C VAL B 31 -22.93 33.42 -32.04
N SER B 32 -23.94 34.01 -32.70
CA SER B 32 -23.78 34.55 -34.04
C SER B 32 -22.86 35.75 -33.97
N PRO B 33 -21.91 35.86 -34.92
CA PRO B 33 -21.03 37.03 -34.95
C PRO B 33 -21.78 38.28 -35.40
N LEU B 34 -21.33 39.46 -34.98
CA LEU B 34 -21.81 40.71 -35.52
C LEU B 34 -21.14 40.96 -36.87
N LYS B 35 -21.26 42.19 -37.37
CA LYS B 35 -20.63 42.58 -38.62
C LYS B 35 -19.11 42.49 -38.45
N ASN B 36 -18.47 41.67 -39.32
CA ASN B 36 -17.02 41.55 -39.42
C ASN B 36 -16.39 41.00 -38.14
N GLU B 37 -17.21 40.63 -37.15
CA GLU B 37 -16.73 40.32 -35.81
C GLU B 37 -15.95 39.01 -35.81
N ARG B 38 -14.72 39.11 -35.27
CA ARG B 38 -13.82 37.97 -35.06
C ARG B 38 -13.56 37.77 -33.57
N TRP B 39 -13.19 36.54 -33.21
CA TRP B 39 -13.16 36.08 -31.83
C TRP B 39 -11.75 35.55 -31.43
N TRP B 40 -11.33 35.96 -30.22
CA TRP B 40 -10.17 35.43 -29.52
C TRP B 40 -10.63 34.75 -28.25
N GLY B 41 -9.76 33.91 -27.65
CA GLY B 41 -9.90 33.55 -26.24
C GLY B 41 -9.82 32.05 -26.05
N GLY B 42 -9.85 31.60 -24.79
CA GLY B 42 -9.83 30.18 -24.46
C GLY B 42 -8.40 29.74 -24.11
N VAL B 43 -7.66 29.29 -25.12
CA VAL B 43 -6.42 28.57 -24.93
C VAL B 43 -5.29 29.45 -25.44
N VAL B 44 -4.29 29.68 -24.59
CA VAL B 44 -3.16 30.53 -24.94
C VAL B 44 -2.30 29.86 -26.01
N ALA B 45 -2.28 28.52 -26.06
CA ALA B 45 -1.54 27.79 -27.07
C ALA B 45 -2.11 28.00 -28.47
N LEU B 46 -3.40 28.38 -28.53
CA LEU B 46 -4.12 28.59 -29.78
C LEU B 46 -4.07 30.06 -30.21
N GLY B 47 -3.19 30.87 -29.62
CA GLY B 47 -3.01 32.25 -30.04
C GLY B 47 -2.72 32.38 -31.53
N HIS B 48 -1.97 31.39 -32.08
CA HIS B 48 -1.53 31.37 -33.48
C HIS B 48 -2.74 31.15 -34.40
N GLN B 49 -3.78 30.45 -33.90
CA GLN B 49 -4.98 30.19 -34.68
C GLN B 49 -6.08 31.21 -34.34
N MET B 50 -5.63 32.43 -33.98
CA MET B 50 -6.50 33.48 -33.47
C MET B 50 -6.30 34.73 -34.31
N PRO B 51 -7.40 35.48 -34.65
CA PRO B 51 -8.77 35.08 -34.30
C PRO B 51 -9.21 33.82 -35.06
N PHE B 52 -10.31 33.23 -34.56
CA PHE B 52 -10.72 31.90 -35.02
C PHE B 52 -11.46 32.04 -36.35
N GLY B 53 -11.16 31.10 -37.27
CA GLY B 53 -11.88 30.94 -38.52
C GLY B 53 -13.31 30.46 -38.29
N GLN B 54 -13.98 30.13 -39.39
CA GLN B 54 -15.36 29.71 -39.31
C GLN B 54 -15.48 28.27 -38.84
N GLN B 55 -14.40 27.51 -38.97
CA GLN B 55 -14.37 26.14 -38.47
C GLN B 55 -13.24 25.98 -37.46
N LEU B 56 -13.61 25.70 -36.20
CA LEU B 56 -12.68 25.36 -35.14
C LEU B 56 -13.20 24.13 -34.39
N ALA B 57 -12.38 23.08 -34.30
CA ALA B 57 -12.83 21.86 -33.64
C ALA B 57 -13.10 22.15 -32.17
N LEU B 58 -13.80 21.23 -31.50
CA LEU B 58 -14.33 21.44 -30.16
C LEU B 58 -13.17 21.53 -29.17
N GLN B 59 -13.28 22.47 -28.22
CA GLN B 59 -12.26 22.77 -27.22
C GLN B 59 -12.84 22.69 -25.81
N ASP B 60 -12.34 21.73 -25.01
CA ASP B 60 -12.87 21.44 -23.69
C ASP B 60 -11.87 21.93 -22.65
N LEU B 61 -12.21 23.03 -21.98
CA LEU B 61 -11.32 23.68 -21.02
C LEU B 61 -11.05 22.78 -19.81
N ALA B 62 -11.94 21.79 -19.58
CA ALA B 62 -11.85 20.93 -18.42
C ALA B 62 -10.77 19.86 -18.59
N ARG B 63 -10.36 19.61 -19.85
CA ARG B 63 -9.54 18.45 -20.16
C ARG B 63 -8.13 18.79 -20.66
N ASN B 64 -7.98 19.78 -21.54
CA ASN B 64 -6.70 20.00 -22.20
C ASN B 64 -6.30 21.48 -22.12
N ASN B 65 -5.10 21.74 -21.58
CA ASN B 65 -4.51 23.06 -21.52
C ASN B 65 -3.52 23.27 -22.69
N ARG B 66 -3.24 22.15 -23.39
CA ARG B 66 -2.37 22.12 -24.56
C ARG B 66 -0.97 22.60 -24.20
N ASN B 67 -0.45 22.07 -23.08
CA ASN B 67 0.87 22.37 -22.60
C ASN B 67 1.04 23.89 -22.44
N ASN B 68 -0.02 24.58 -21.97
CA ASN B 68 0.06 26.02 -21.75
C ASN B 68 -1.09 26.45 -20.86
N GLN B 69 -1.48 27.74 -20.94
CA GLN B 69 -2.41 28.35 -20.00
C GLN B 69 -3.83 28.30 -20.59
N LEU B 70 -4.83 28.43 -19.69
CA LEU B 70 -6.26 28.43 -20.00
C LEU B 70 -7.00 29.51 -19.22
N VAL B 71 -7.96 30.17 -19.88
CA VAL B 71 -8.82 31.16 -19.25
C VAL B 71 -10.24 31.00 -19.81
N PRO B 72 -11.31 31.10 -18.98
CA PRO B 72 -12.69 31.05 -19.47
C PRO B 72 -13.17 32.41 -19.96
N CYS B 73 -12.56 32.88 -21.05
CA CYS B 73 -12.74 34.23 -21.52
C CYS B 73 -12.61 34.26 -23.05
N MET B 74 -13.60 34.90 -23.71
CA MET B 74 -13.60 35.10 -25.14
C MET B 74 -13.83 36.59 -25.40
N ILE B 75 -13.05 37.17 -26.33
CA ILE B 75 -13.16 38.59 -26.64
C ILE B 75 -13.27 38.76 -28.16
N SER B 76 -14.11 39.72 -28.59
CA SER B 76 -14.33 39.98 -30.00
C SER B 76 -13.83 41.38 -30.40
N SER B 77 -13.59 41.55 -31.71
CA SER B 77 -13.10 42.81 -32.27
C SER B 77 -14.23 43.84 -32.37
N ALA B 78 -15.46 43.38 -32.11
CA ALA B 78 -16.64 44.23 -32.14
C ALA B 78 -17.05 44.64 -30.73
N GLY B 79 -16.13 44.50 -29.76
CA GLY B 79 -16.33 45.02 -28.42
C GLY B 79 -17.24 44.13 -27.58
N ARG B 80 -17.17 42.81 -27.76
CA ARG B 80 -17.96 41.87 -26.98
C ARG B 80 -17.04 40.86 -26.28
N TYR B 81 -17.60 40.20 -25.26
CA TYR B 81 -16.83 39.25 -24.47
C TYR B 81 -17.76 38.27 -23.74
N ILE B 82 -17.21 37.11 -23.40
CA ILE B 82 -17.85 36.11 -22.54
C ILE B 82 -16.93 35.81 -21.36
N TRP B 83 -17.54 35.61 -20.18
CA TRP B 83 -16.81 35.12 -19.02
C TRP B 83 -17.55 33.92 -18.40
N ALA B 84 -16.79 32.89 -18.00
CA ALA B 84 -17.32 31.78 -17.22
C ALA B 84 -16.56 31.64 -15.90
N GLU B 85 -17.29 31.38 -14.82
CA GLU B 85 -16.68 31.03 -13.56
C GLU B 85 -16.11 29.62 -13.67
N ASN B 86 -16.71 28.80 -14.54
CA ASN B 86 -16.34 27.40 -14.64
C ASN B 86 -15.85 27.10 -16.02
N PRO B 87 -15.03 26.04 -16.20
CA PRO B 87 -14.73 25.53 -17.53
C PRO B 87 -15.99 25.31 -18.38
N PHE B 88 -15.76 25.28 -19.71
CA PHE B 88 -16.78 25.05 -20.70
C PHE B 88 -16.13 24.43 -21.93
N ARG B 89 -16.99 24.10 -22.91
CA ARG B 89 -16.50 23.78 -24.25
C ARG B 89 -16.92 24.89 -25.23
N PHE B 90 -16.08 25.15 -26.23
CA PHE B 90 -16.42 26.09 -27.29
C PHE B 90 -15.92 25.55 -28.65
N GLU B 91 -16.49 26.11 -29.71
CA GLU B 91 -16.04 25.83 -31.06
C GLU B 91 -16.63 26.86 -32.03
N MET B 92 -16.02 26.94 -33.22
CA MET B 92 -16.54 27.72 -34.34
C MET B 92 -17.17 26.72 -35.30
N LYS B 93 -18.48 26.87 -35.58
CA LYS B 93 -19.14 26.12 -36.64
C LYS B 93 -19.95 27.10 -37.48
N ASN B 94 -19.49 27.23 -38.75
CA ASN B 94 -20.23 27.91 -39.79
C ASN B 94 -20.30 29.40 -39.41
N GLY B 95 -19.15 29.94 -38.98
CA GLY B 95 -19.01 31.34 -38.59
C GLY B 95 -19.35 31.59 -37.12
N ASP B 96 -20.19 30.72 -36.56
CA ASP B 96 -20.75 30.92 -35.23
C ASP B 96 -19.76 30.48 -34.15
N LEU B 97 -19.69 31.25 -33.05
CA LEU B 97 -19.11 30.76 -31.81
C LEU B 97 -20.17 30.04 -30.97
N ILE B 98 -19.94 28.73 -30.76
CA ILE B 98 -20.84 27.90 -29.96
C ILE B 98 -20.15 27.59 -28.64
N VAL B 99 -20.92 27.50 -27.56
CA VAL B 99 -20.38 27.50 -26.20
C VAL B 99 -21.18 26.54 -25.33
N TYR B 100 -20.51 25.57 -24.73
CA TYR B 100 -21.14 24.53 -23.93
C TYR B 100 -20.69 24.54 -22.47
N SER B 101 -21.60 24.94 -21.55
CA SER B 101 -21.27 24.92 -20.13
C SER B 101 -22.29 24.10 -19.35
N ASP B 102 -21.78 23.21 -18.47
CA ASP B 102 -22.66 22.31 -17.73
C ASP B 102 -23.18 23.00 -16.47
N SER B 103 -22.47 24.05 -16.06
CA SER B 103 -22.66 24.70 -14.79
C SER B 103 -23.54 25.93 -14.93
N GLU B 104 -23.46 26.60 -16.09
CA GLU B 104 -24.07 27.91 -16.28
C GLU B 104 -24.37 28.08 -17.77
N LYS B 105 -25.40 28.88 -18.07
CA LYS B 105 -25.69 29.30 -19.43
C LYS B 105 -24.98 30.63 -19.69
N LEU B 106 -24.33 30.73 -20.85
CA LEU B 106 -23.34 31.78 -21.07
C LEU B 106 -23.79 32.74 -22.16
N GLU B 107 -23.53 34.03 -21.97
CA GLU B 107 -23.90 35.05 -22.94
C GLU B 107 -22.77 36.04 -23.05
N PRO B 108 -22.61 36.65 -24.24
CA PRO B 108 -21.68 37.76 -24.43
C PRO B 108 -22.08 39.05 -23.72
N VAL B 109 -21.25 40.09 -23.83
CA VAL B 109 -21.43 41.37 -23.15
C VAL B 109 -20.98 42.49 -24.09
N SER B 110 -21.76 43.56 -24.33
CA SER B 110 -21.25 44.75 -25.01
C SER B 110 -20.35 45.56 -24.09
N ALA B 111 -19.05 45.50 -24.39
CA ALA B 111 -18.05 46.34 -23.77
C ALA B 111 -17.33 47.16 -24.83
N GLY B 112 -17.94 48.27 -25.25
CA GLY B 112 -17.41 49.13 -26.29
C GLY B 112 -17.71 48.58 -27.68
N THR B 113 -16.82 48.90 -28.62
CA THR B 113 -17.00 48.49 -30.00
C THR B 113 -15.66 48.06 -30.61
N THR B 114 -14.65 47.82 -29.77
CA THR B 114 -13.33 47.44 -30.25
C THR B 114 -12.87 46.17 -29.52
N LEU B 115 -11.77 45.58 -29.98
CA LEU B 115 -11.13 44.51 -29.22
C LEU B 115 -10.55 45.10 -27.94
N LYS B 116 -9.85 46.24 -28.07
CA LYS B 116 -9.20 46.88 -26.93
C LYS B 116 -10.21 47.17 -25.82
N GLU B 117 -11.34 47.80 -26.17
CA GLU B 117 -12.35 48.20 -25.21
C GLU B 117 -12.92 46.99 -24.48
N ALA B 118 -13.17 45.90 -25.22
CA ALA B 118 -13.75 44.66 -24.68
C ALA B 118 -12.77 43.95 -23.76
N GLN B 119 -11.47 44.01 -24.06
CA GLN B 119 -10.43 43.43 -23.24
C GLN B 119 -10.34 44.12 -21.87
N LEU B 120 -10.52 45.44 -21.84
CA LEU B 120 -10.35 46.22 -20.62
C LEU B 120 -11.57 46.11 -19.71
N ALA B 121 -12.72 45.80 -20.29
CA ALA B 121 -13.93 45.59 -19.53
C ALA B 121 -13.87 44.28 -18.77
N VAL B 122 -13.58 43.19 -19.52
CA VAL B 122 -13.55 41.85 -18.94
C VAL B 122 -12.42 41.75 -17.92
N ALA B 123 -11.29 42.41 -18.21
CA ALA B 123 -10.13 42.36 -17.34
C ALA B 123 -10.46 43.05 -16.03
N LYS B 124 -10.88 44.32 -16.10
CA LYS B 124 -11.17 45.08 -14.90
C LYS B 124 -12.27 44.41 -14.08
N LYS B 125 -13.25 43.79 -14.76
CA LYS B 125 -14.36 43.14 -14.06
C LYS B 125 -13.95 41.78 -13.50
N HIS B 126 -13.33 40.93 -14.33
CA HIS B 126 -13.22 39.51 -14.03
C HIS B 126 -11.78 39.05 -13.73
N PHE B 127 -10.74 39.77 -14.14
CA PHE B 127 -9.36 39.48 -13.75
C PHE B 127 -8.56 40.79 -13.62
N PRO B 128 -9.04 41.71 -12.73
CA PRO B 128 -8.33 42.97 -12.49
C PRO B 128 -6.91 42.73 -11.98
N SER B 129 -6.01 43.64 -12.37
CA SER B 129 -4.60 43.48 -12.03
C SER B 129 -4.34 43.79 -10.55
N SER B 130 -3.32 43.10 -10.01
CA SER B 130 -2.96 43.14 -8.60
C SER B 130 -2.43 44.53 -8.22
N GLY B 131 -1.86 45.24 -9.17
CA GLY B 131 -1.15 46.46 -8.89
C GLY B 131 0.34 46.21 -8.68
N GLN B 132 0.80 44.97 -8.97
CA GLN B 132 2.19 44.59 -8.78
C GLN B 132 2.68 43.72 -9.93
N ILE B 133 4.01 43.55 -9.98
CA ILE B 133 4.68 42.81 -11.03
C ILE B 133 5.65 41.78 -10.42
N PRO B 134 6.29 40.92 -11.23
CA PRO B 134 7.42 40.11 -10.76
C PRO B 134 8.64 41.02 -10.66
N LYS B 135 9.80 40.39 -10.45
CA LYS B 135 11.05 41.11 -10.42
C LYS B 135 11.28 41.81 -11.75
N GLU B 136 11.90 42.98 -11.67
CA GLU B 136 12.17 43.83 -12.80
C GLU B 136 13.34 43.26 -13.62
N GLU B 137 14.15 42.40 -13.00
CA GLU B 137 15.28 41.79 -13.68
C GLU B 137 14.79 40.84 -14.78
N PHE B 138 13.53 40.39 -14.71
CA PHE B 138 12.97 39.48 -15.71
C PHE B 138 12.93 40.18 -17.07
N PHE B 139 12.53 41.46 -17.05
CA PHE B 139 12.31 42.27 -18.23
C PHE B 139 13.64 42.83 -18.75
N SER B 140 14.55 43.15 -17.82
CA SER B 140 15.85 43.75 -18.14
C SER B 140 16.78 42.72 -18.75
N LEU B 141 16.69 41.49 -18.26
CA LEU B 141 17.70 40.47 -18.55
C LEU B 141 17.08 39.36 -19.39
N PRO B 142 17.91 38.76 -20.27
CA PRO B 142 17.60 37.47 -20.87
C PRO B 142 17.63 36.31 -19.87
N GLN B 143 16.95 35.22 -20.25
CA GLN B 143 16.90 34.00 -19.48
C GLN B 143 17.68 32.95 -20.25
N TYR B 144 18.46 32.16 -19.51
CA TYR B 144 19.29 31.13 -20.11
C TYR B 144 18.93 29.76 -19.54
N ASN B 145 18.23 28.95 -20.34
CA ASN B 145 17.72 27.68 -19.87
C ASN B 145 18.68 26.58 -20.30
N THR B 146 18.99 25.68 -19.37
CA THR B 146 20.02 24.69 -19.57
C THR B 146 19.48 23.40 -20.21
N TRP B 147 18.19 23.34 -20.53
CA TRP B 147 17.62 22.12 -21.04
C TRP B 147 18.23 21.68 -22.37
N ILE B 148 18.41 22.60 -23.31
CA ILE B 148 18.83 22.23 -24.65
C ILE B 148 20.28 21.76 -24.55
N GLU B 149 21.04 22.37 -23.63
CA GLU B 149 22.46 22.11 -23.57
C GLU B 149 22.77 20.86 -22.74
N LEU B 150 22.36 20.88 -21.47
CA LEU B 150 22.73 19.87 -20.51
C LEU B 150 21.71 18.71 -20.50
N MET B 151 20.42 19.10 -20.67
CA MET B 151 19.29 18.18 -20.82
C MET B 151 19.03 17.52 -19.47
N TYR B 152 19.18 16.20 -19.40
CA TYR B 152 18.92 15.46 -18.18
C TYR B 152 20.12 15.55 -17.23
N ASP B 153 21.31 15.71 -17.83
CA ASP B 153 22.57 15.74 -17.11
C ASP B 153 22.87 17.16 -16.61
N GLN B 154 22.09 17.61 -15.62
CA GLN B 154 22.29 18.92 -15.02
C GLN B 154 23.43 18.83 -14.01
N ASN B 155 24.56 19.50 -14.29
CA ASN B 155 25.72 19.41 -13.39
C ASN B 155 26.41 20.77 -13.25
N GLN B 156 27.09 20.96 -12.13
CA GLN B 156 27.70 22.21 -11.76
C GLN B 156 28.73 22.65 -12.82
N ARG B 157 29.53 21.69 -13.26
CA ARG B 157 30.63 21.93 -14.17
C ARG B 157 30.13 22.68 -15.41
N ASP B 158 29.20 22.07 -16.14
CA ASP B 158 28.76 22.56 -17.44
C ASP B 158 27.91 23.82 -17.31
N ILE B 159 27.30 23.98 -16.14
CA ILE B 159 26.54 25.19 -15.83
C ILE B 159 27.52 26.35 -15.78
N MET B 160 28.70 26.12 -15.21
CA MET B 160 29.67 27.20 -15.09
C MET B 160 30.38 27.44 -16.42
N GLN B 161 30.48 26.40 -17.27
CA GLN B 161 31.02 26.56 -18.60
C GLN B 161 30.11 27.44 -19.46
N TYR B 162 28.81 27.11 -19.42
CA TYR B 162 27.77 27.85 -20.13
C TYR B 162 27.75 29.29 -19.64
N ALA B 163 27.76 29.48 -18.30
CA ALA B 163 27.63 30.78 -17.66
C ALA B 163 28.77 31.70 -18.07
N HIS B 164 29.98 31.15 -18.20
CA HIS B 164 31.16 31.89 -18.62
C HIS B 164 31.06 32.21 -20.11
N LYS B 165 30.67 31.21 -20.90
CA LYS B 165 30.58 31.40 -22.34
C LYS B 165 29.53 32.45 -22.72
N VAL B 166 28.50 32.62 -21.89
CA VAL B 166 27.57 33.72 -22.06
C VAL B 166 28.38 35.02 -22.07
N VAL B 167 29.20 35.18 -21.01
CA VAL B 167 29.94 36.40 -20.77
C VAL B 167 31.01 36.55 -21.84
N GLU B 168 31.87 35.53 -21.98
CA GLU B 168 32.99 35.52 -22.92
C GLU B 168 32.56 35.95 -24.32
N ASN B 169 31.38 35.50 -24.77
CA ASN B 169 30.88 35.78 -26.10
C ASN B 169 30.01 37.04 -26.09
N GLY B 170 30.13 37.88 -25.04
CA GLY B 170 29.55 39.21 -25.02
C GLY B 170 28.03 39.21 -24.91
N PHE B 171 27.43 38.08 -24.51
CA PHE B 171 26.01 38.06 -24.23
C PHE B 171 25.80 38.59 -22.81
N PRO B 172 24.69 39.30 -22.55
CA PRO B 172 24.41 39.83 -21.21
C PRO B 172 24.06 38.78 -20.17
N GLN B 173 24.20 39.16 -18.88
CA GLN B 173 23.87 38.31 -17.76
C GLN B 173 22.38 38.40 -17.55
N GLY B 174 21.80 37.33 -17.02
CA GLY B 174 20.38 37.32 -16.72
C GLY B 174 19.99 36.18 -15.81
N VAL B 175 18.73 35.74 -15.92
CA VAL B 175 18.23 34.67 -15.08
C VAL B 175 18.65 33.32 -15.68
N PHE B 176 19.48 32.62 -14.89
CA PHE B 176 19.96 31.30 -15.23
C PHE B 176 18.94 30.30 -14.71
N MET B 177 18.18 29.69 -15.63
CA MET B 177 17.15 28.76 -15.23
C MET B 177 17.61 27.32 -15.45
N ILE B 178 18.10 26.72 -14.36
CA ILE B 178 18.51 25.32 -14.37
C ILE B 178 17.24 24.47 -14.46
N ASP B 179 17.19 23.56 -15.44
CA ASP B 179 15.96 22.88 -15.78
C ASP B 179 15.98 21.52 -15.10
N ASP B 180 15.05 20.64 -15.48
CA ASP B 180 14.79 19.38 -14.78
C ASP B 180 16.03 18.52 -14.57
N ASN B 181 16.06 17.74 -13.46
CA ASN B 181 17.07 16.73 -13.16
C ASN B 181 18.27 17.28 -12.37
N TRP B 182 18.10 18.42 -11.71
CA TRP B 182 19.12 18.90 -10.79
C TRP B 182 18.87 18.21 -9.46
N GLN B 183 17.59 17.92 -9.20
CA GLN B 183 17.15 17.38 -7.93
C GLN B 183 17.51 15.88 -7.87
N ARG B 184 17.70 15.37 -6.65
CA ARG B 184 18.05 13.97 -6.47
C ARG B 184 17.01 13.06 -7.13
N TYR B 185 15.73 13.36 -6.90
CA TYR B 185 14.61 12.77 -7.60
C TYR B 185 13.36 13.67 -7.39
N TYR B 186 12.24 13.26 -8.01
CA TYR B 186 11.01 14.03 -8.00
C TYR B 186 10.36 14.00 -6.60
N GLY B 187 10.19 15.20 -6.06
CA GLY B 187 9.72 15.37 -4.70
C GLY B 187 10.83 15.90 -3.81
N ASN B 188 12.08 15.52 -4.12
CA ASN B 188 13.25 15.96 -3.38
C ASN B 188 13.69 17.30 -3.95
N PHE B 189 14.06 18.23 -3.06
CA PHE B 189 14.50 19.57 -3.44
C PHE B 189 15.92 19.83 -2.92
N ASP B 190 16.76 18.79 -2.94
CA ASP B 190 18.20 18.93 -2.85
C ASP B 190 18.79 18.57 -4.20
N PHE B 191 20.05 18.98 -4.41
CA PHE B 191 20.75 18.71 -5.66
C PHE B 191 21.29 17.29 -5.63
N LYS B 192 21.52 16.70 -6.81
CA LYS B 192 22.35 15.51 -6.92
C LYS B 192 23.78 15.91 -6.57
N PRO B 193 24.35 15.41 -5.45
CA PRO B 193 25.69 15.80 -5.05
C PRO B 193 26.82 15.19 -5.89
N GLU B 194 26.50 14.13 -6.65
CA GLU B 194 27.43 13.54 -7.60
C GLU B 194 27.58 14.48 -8.80
N LYS B 195 26.67 15.44 -8.95
CA LYS B 195 26.69 16.44 -10.02
C LYS B 195 27.03 17.84 -9.49
N PHE B 196 26.76 18.07 -8.21
CA PHE B 196 26.91 19.38 -7.61
C PHE B 196 27.77 19.25 -6.34
N PRO B 197 29.11 19.26 -6.46
CA PRO B 197 29.99 19.13 -5.30
C PRO B 197 29.87 20.30 -4.31
N ASP B 198 29.50 21.49 -4.81
CA ASP B 198 29.30 22.66 -3.97
C ASP B 198 28.30 23.59 -4.65
N PRO B 199 26.99 23.29 -4.49
CA PRO B 199 25.94 24.08 -5.15
C PRO B 199 25.67 25.45 -4.51
N LYS B 200 25.90 25.56 -3.20
CA LYS B 200 25.79 26.83 -2.50
C LYS B 200 26.86 27.80 -3.03
N GLY B 201 28.08 27.28 -3.26
CA GLY B 201 29.19 28.07 -3.76
C GLY B 201 29.00 28.43 -5.24
N MET B 202 28.43 27.49 -6.00
CA MET B 202 28.09 27.72 -7.39
C MET B 202 27.06 28.85 -7.51
N THR B 203 26.15 28.94 -6.54
CA THR B 203 25.16 30.00 -6.52
C THR B 203 25.81 31.37 -6.25
N ASP B 204 26.71 31.41 -5.27
CA ASP B 204 27.46 32.62 -4.98
C ASP B 204 28.28 33.04 -6.20
N GLU B 205 28.96 32.07 -6.80
CA GLU B 205 29.78 32.30 -7.97
C GLU B 205 28.97 32.97 -9.08
N LEU B 206 27.75 32.48 -9.32
CA LEU B 206 26.88 33.00 -10.36
C LEU B 206 26.33 34.37 -9.95
N HIS B 207 26.17 34.59 -8.64
CA HIS B 207 25.74 35.89 -8.12
C HIS B 207 26.84 36.92 -8.30
N ARG B 208 28.09 36.53 -8.03
CA ARG B 208 29.26 37.38 -8.22
C ARG B 208 29.44 37.71 -9.70
N MET B 209 29.04 36.81 -10.58
CA MET B 209 29.11 37.07 -12.01
C MET B 209 27.93 37.94 -12.48
N GLY B 210 26.98 38.24 -11.59
CA GLY B 210 25.88 39.17 -11.86
C GLY B 210 24.61 38.50 -12.40
N PHE B 211 24.50 37.18 -12.20
CA PHE B 211 23.35 36.40 -12.63
C PHE B 211 22.32 36.30 -11.51
N LYS B 212 21.12 35.81 -11.86
CA LYS B 212 20.19 35.24 -10.90
C LYS B 212 20.00 33.76 -11.25
N VAL B 213 19.50 32.96 -10.28
CA VAL B 213 19.35 31.53 -10.49
C VAL B 213 17.94 31.08 -10.10
N MET B 214 17.35 30.22 -10.95
CA MET B 214 16.01 29.70 -10.72
C MET B 214 16.01 28.19 -11.03
N LEU B 215 15.20 27.43 -10.27
CA LEU B 215 15.26 25.97 -10.33
C LEU B 215 13.92 25.40 -10.77
N TRP B 216 14.00 24.35 -11.61
CA TRP B 216 12.82 23.68 -12.17
C TRP B 216 12.17 22.81 -11.11
N ILE B 217 10.85 22.91 -11.02
CA ILE B 217 10.09 22.11 -10.07
C ILE B 217 8.76 21.71 -10.69
N ALA B 218 8.14 20.67 -10.11
CA ALA B 218 6.85 20.17 -10.56
C ALA B 218 6.12 19.55 -9.36
N PRO B 219 4.77 19.45 -9.34
CA PRO B 219 4.08 18.83 -8.21
C PRO B 219 4.19 17.29 -8.13
N TYR B 220 4.94 16.71 -9.06
CA TYR B 220 5.13 15.28 -9.15
C TYR B 220 6.16 14.82 -8.13
N VAL B 221 5.90 13.64 -7.59
CA VAL B 221 6.67 13.05 -6.50
C VAL B 221 6.89 11.60 -6.86
N SER B 222 8.16 11.17 -6.83
CA SER B 222 8.46 9.76 -7.01
C SER B 222 7.47 8.96 -6.15
N ALA B 223 6.89 7.92 -6.74
CA ALA B 223 5.76 7.21 -6.16
C ALA B 223 6.20 6.25 -5.06
N ASP B 224 7.53 6.09 -4.89
CA ASP B 224 8.17 5.10 -4.04
C ASP B 224 9.22 5.75 -3.14
N SER B 225 9.18 7.10 -3.04
CA SER B 225 10.21 7.90 -2.37
C SER B 225 9.90 8.11 -0.89
N PRO B 226 10.95 8.32 -0.07
CA PRO B 226 10.74 8.77 1.30
C PRO B 226 9.68 9.85 1.43
N GLU B 227 9.81 10.88 0.56
CA GLU B 227 8.96 12.07 0.58
C GLU B 227 7.52 11.70 0.25
N PHE B 228 7.36 10.75 -0.68
CA PHE B 228 6.04 10.24 -1.03
C PHE B 228 5.32 9.74 0.21
N ARG B 229 6.01 8.90 1.00
CA ARG B 229 5.41 8.29 2.17
C ARG B 229 5.04 9.36 3.20
N ILE B 230 5.96 10.33 3.38
CA ILE B 230 5.80 11.41 4.35
C ILE B 230 4.53 12.20 4.06
N LEU B 231 4.39 12.54 2.76
CA LEU B 231 3.28 13.33 2.25
C LEU B 231 2.01 12.49 2.31
N GLU B 232 2.14 11.19 1.92
CA GLU B 232 1.03 10.24 1.91
C GLU B 232 0.38 10.18 3.29
N LYS B 233 1.25 10.12 4.32
CA LYS B 233 0.83 10.12 5.71
C LYS B 233 0.01 11.38 5.97
N LYS B 234 0.54 12.53 5.52
CA LYS B 234 -0.05 13.81 5.88
C LYS B 234 -1.23 14.17 4.99
N GLY B 235 -1.61 13.26 4.08
CA GLY B 235 -2.71 13.48 3.14
C GLY B 235 -2.45 14.70 2.24
N TYR B 236 -1.15 14.95 1.99
CA TYR B 236 -0.71 16.09 1.22
C TYR B 236 -0.61 15.68 -0.25
N LEU B 237 -0.66 14.37 -0.52
CA LEU B 237 -0.67 13.91 -1.90
C LEU B 237 -2.07 14.05 -2.46
N LEU B 238 -2.13 14.01 -3.79
CA LEU B 238 -3.40 14.05 -4.46
C LEU B 238 -3.97 12.64 -4.44
N LYS B 239 -5.24 12.59 -4.00
CA LYS B 239 -5.92 11.36 -3.62
C LYS B 239 -6.88 10.93 -4.72
N LYS B 240 -6.91 9.63 -5.00
CA LYS B 240 -7.88 9.08 -5.94
C LYS B 240 -9.18 8.86 -5.16
N LYS B 241 -10.33 8.99 -5.83
CA LYS B 241 -11.62 8.96 -5.15
C LYS B 241 -11.98 7.56 -4.62
N ASP B 242 -12.21 6.63 -5.54
CA ASP B 242 -12.65 5.29 -5.21
C ASP B 242 -11.74 4.55 -4.24
N THR B 243 -10.52 5.08 -4.00
CA THR B 243 -9.55 4.33 -3.23
C THR B 243 -9.02 5.17 -2.07
N GLY B 244 -9.32 6.48 -2.08
CA GLY B 244 -8.72 7.39 -1.12
C GLY B 244 -7.20 7.24 -1.06
N GLN B 245 -6.62 6.67 -2.14
CA GLN B 245 -5.20 6.37 -2.19
C GLN B 245 -4.50 7.43 -3.03
N PRO B 246 -3.16 7.60 -2.95
CA PRO B 246 -2.46 8.54 -3.82
C PRO B 246 -2.88 8.39 -5.29
N ALA B 247 -3.18 9.52 -5.93
CA ALA B 247 -3.36 9.52 -7.36
C ALA B 247 -1.98 9.51 -8.03
N ILE B 248 -1.83 8.54 -8.95
CA ILE B 248 -0.59 8.30 -9.66
C ILE B 248 -0.78 8.82 -11.07
N ILE B 249 -0.13 9.94 -11.39
CA ILE B 249 -0.33 10.59 -12.68
C ILE B 249 0.74 10.13 -13.67
N HIS B 250 0.29 9.78 -14.90
CA HIS B 250 1.18 9.58 -16.04
C HIS B 250 1.35 10.93 -16.72
N TRP B 251 2.60 11.40 -16.75
CA TRP B 251 2.99 12.70 -17.29
C TRP B 251 4.20 12.47 -18.19
N TRP B 252 4.77 13.55 -18.72
CA TRP B 252 5.73 13.45 -19.79
C TRP B 252 7.01 12.76 -19.32
N ASN B 253 7.27 12.72 -18.00
CA ASN B 253 8.51 12.09 -17.53
C ASN B 253 8.28 10.64 -17.06
N GLY B 254 7.01 10.25 -16.86
CA GLY B 254 6.67 8.93 -16.35
C GLY B 254 5.40 8.96 -15.47
N PHE B 255 5.40 8.14 -14.40
CA PHE B 255 4.27 8.07 -13.47
C PHE B 255 4.74 8.49 -12.09
N SER B 256 4.01 9.46 -11.54
CA SER B 256 4.35 10.01 -10.25
C SER B 256 3.09 10.13 -9.39
N ALA B 257 3.26 10.02 -8.08
CA ALA B 257 2.30 10.57 -7.14
C ALA B 257 2.31 12.08 -7.28
N CYS B 258 1.37 12.77 -6.66
CA CYS B 258 1.32 14.20 -6.89
C CYS B 258 0.90 14.95 -5.64
N TYR B 259 1.53 16.11 -5.40
CA TYR B 259 1.08 17.10 -4.41
C TYR B 259 -0.34 17.58 -4.73
N ASP B 260 -1.29 17.41 -3.78
CA ASP B 260 -2.60 18.02 -3.85
C ASP B 260 -2.43 19.51 -3.58
N THR B 261 -2.71 20.32 -4.61
CA THR B 261 -2.45 21.75 -4.55
C THR B 261 -3.65 22.44 -3.89
N THR B 262 -4.80 21.75 -3.81
CA THR B 262 -5.99 22.29 -3.16
C THR B 262 -5.85 22.18 -1.64
N ASN B 263 -5.05 21.20 -1.19
CA ASN B 263 -4.66 21.15 0.22
C ASN B 263 -3.71 22.32 0.52
N PRO B 264 -4.18 23.30 1.33
CA PRO B 264 -3.39 24.50 1.61
C PRO B 264 -2.22 24.20 2.55
N GLU B 265 -2.40 23.23 3.45
CA GLU B 265 -1.29 22.87 4.34
C GLU B 265 -0.21 22.18 3.52
N ALA B 266 -0.67 21.41 2.51
CA ALA B 266 0.27 20.72 1.62
C ALA B 266 1.15 21.75 0.91
N MET B 267 0.47 22.84 0.50
CA MET B 267 1.13 23.92 -0.22
C MET B 267 1.88 24.81 0.77
N GLU B 268 1.38 24.89 2.02
CA GLU B 268 2.05 25.57 3.11
C GLU B 268 3.42 24.92 3.33
N TYR B 269 3.37 23.58 3.39
CA TYR B 269 4.54 22.76 3.61
C TYR B 269 5.51 22.90 2.46
N LEU B 270 4.95 22.73 1.26
CA LEU B 270 5.72 22.80 0.03
C LEU B 270 6.40 24.16 -0.09
N LYS B 271 5.76 25.22 0.41
CA LYS B 271 6.35 26.54 0.24
C LYS B 271 7.63 26.59 1.07
N GLN B 272 7.55 26.04 2.30
CA GLN B 272 8.70 26.06 3.20
C GLN B 272 9.77 25.08 2.75
N GLN B 273 9.36 24.06 1.98
CA GLN B 273 10.26 23.13 1.31
C GLN B 273 11.26 23.92 0.45
N LEU B 274 10.69 24.91 -0.24
CA LEU B 274 11.36 25.64 -1.31
C LEU B 274 12.19 26.76 -0.68
N ARG B 275 11.65 27.41 0.37
CA ARG B 275 12.34 28.52 1.03
C ARG B 275 13.64 28.03 1.63
N ALA B 276 13.57 26.79 2.18
CA ALA B 276 14.69 26.13 2.80
C ALA B 276 15.80 25.93 1.76
N ASN B 277 15.36 25.55 0.54
CA ASN B 277 16.24 25.44 -0.62
C ASN B 277 16.90 26.79 -0.89
N GLN B 278 16.12 27.87 -0.84
CA GLN B 278 16.61 29.19 -1.20
C GLN B 278 17.69 29.64 -0.21
N GLU B 279 17.53 29.37 1.09
CA GLU B 279 18.58 29.72 2.06
C GLU B 279 19.78 28.78 1.89
N LYS B 280 19.46 27.49 1.92
CA LYS B 280 20.46 26.42 1.90
C LYS B 280 21.39 26.57 0.71
N TYR B 281 20.84 26.76 -0.50
CA TYR B 281 21.60 26.75 -1.73
C TYR B 281 21.84 28.15 -2.28
N GLY B 282 20.90 29.07 -2.04
CA GLY B 282 21.04 30.46 -2.47
C GLY B 282 20.22 30.79 -3.71
N ILE B 283 19.16 30.06 -3.92
CA ILE B 283 18.35 30.19 -5.12
C ILE B 283 17.41 31.39 -4.97
N ASP B 284 17.18 32.10 -6.09
CA ASP B 284 16.37 33.32 -6.12
C ASP B 284 14.89 33.02 -6.36
N GLY B 285 14.61 31.95 -7.12
CA GLY B 285 13.23 31.57 -7.39
C GLY B 285 13.13 30.20 -8.04
N PHE B 286 11.94 29.89 -8.60
CA PHE B 286 11.69 28.58 -9.16
C PHE B 286 10.87 28.68 -10.44
N LYS B 287 11.19 27.76 -11.36
CA LYS B 287 10.37 27.49 -12.52
C LYS B 287 9.33 26.42 -12.16
N PHE B 288 8.04 26.82 -12.21
CA PHE B 288 6.94 25.94 -11.83
C PHE B 288 6.37 25.30 -13.09
N ASP B 289 6.58 23.99 -13.27
CA ASP B 289 6.22 23.40 -14.54
C ASP B 289 5.43 22.13 -14.37
N GLY B 290 4.15 22.09 -14.71
CA GLY B 290 3.49 20.81 -14.90
C GLY B 290 2.27 20.61 -14.02
N ALA B 291 1.40 21.58 -13.96
CA ALA B 291 0.13 21.32 -13.33
C ALA B 291 -0.91 20.91 -14.37
N ASP B 292 -0.48 20.26 -15.46
CA ASP B 292 -1.31 20.11 -16.64
C ASP B 292 -2.57 19.35 -16.26
N ILE B 293 -3.72 19.97 -16.60
CA ILE B 293 -5.01 19.35 -16.45
C ILE B 293 -5.14 18.31 -17.54
N SER B 294 -4.18 18.40 -18.47
CA SER B 294 -4.08 17.49 -19.61
C SER B 294 -3.83 16.06 -19.12
N TYR B 295 -3.14 15.93 -17.98
CA TYR B 295 -2.83 14.64 -17.43
C TYR B 295 -3.95 14.13 -16.55
N MET B 296 -4.70 15.05 -15.97
CA MET B 296 -5.71 14.67 -15.02
C MET B 296 -7.03 14.35 -15.73
N THR B 297 -7.78 13.40 -15.15
CA THR B 297 -9.12 13.06 -15.62
C THR B 297 -10.18 13.51 -14.60
N PRO B 298 -10.91 14.62 -14.86
CA PRO B 298 -11.88 15.20 -13.93
C PRO B 298 -12.87 14.20 -13.31
N GLY B 299 -13.04 14.32 -11.98
CA GLY B 299 -13.99 13.54 -11.21
C GLY B 299 -13.34 12.41 -10.41
N GLU B 300 -12.23 11.82 -10.93
CA GLU B 300 -11.63 10.62 -10.34
C GLU B 300 -10.96 10.92 -8.99
N TYR B 301 -10.83 12.22 -8.64
CA TYR B 301 -9.97 12.56 -7.51
C TYR B 301 -10.68 13.22 -6.33
N ASP B 302 -10.21 12.88 -5.13
CA ASP B 302 -10.62 13.52 -3.90
C ASP B 302 -9.66 14.67 -3.63
N PHE B 303 -10.01 15.80 -4.15
CA PHE B 303 -9.26 17.00 -3.80
C PHE B 303 -9.57 17.30 -2.34
N TYR B 304 -8.68 18.04 -1.68
CA TYR B 304 -8.91 18.59 -0.37
C TYR B 304 -10.11 19.51 -0.45
N ASP B 305 -10.01 20.53 -1.33
CA ASP B 305 -11.14 21.35 -1.74
C ASP B 305 -12.11 20.42 -2.46
N LYS B 306 -13.32 20.23 -1.89
CA LYS B 306 -14.34 19.35 -2.43
C LYS B 306 -15.06 20.00 -3.60
N ASP B 307 -14.93 21.33 -3.70
CA ASP B 307 -15.50 22.10 -4.81
C ASP B 307 -14.52 22.24 -5.96
N ALA B 308 -13.35 21.59 -5.88
CA ALA B 308 -12.27 21.80 -6.82
C ALA B 308 -12.39 20.86 -8.01
N THR B 309 -11.96 21.41 -9.15
CA THR B 309 -11.88 20.69 -10.41
C THR B 309 -10.39 20.49 -10.67
N PRO B 310 -10.01 19.79 -11.77
CA PRO B 310 -8.61 19.74 -12.20
C PRO B 310 -8.05 21.15 -12.48
N ASN B 311 -8.92 21.99 -13.03
CA ASN B 311 -8.60 23.36 -13.38
C ASN B 311 -8.18 24.09 -12.09
N THR B 312 -8.92 23.87 -11.01
CA THR B 312 -8.65 24.51 -9.72
C THR B 312 -7.22 24.15 -9.33
N PHE B 313 -6.92 22.84 -9.42
CA PHE B 313 -5.58 22.31 -9.12
C PHE B 313 -4.51 23.06 -9.91
N MET B 314 -4.79 23.22 -11.22
CA MET B 314 -3.82 23.84 -12.10
C MET B 314 -3.57 25.29 -11.68
N GLU B 315 -4.63 25.93 -11.16
CA GLU B 315 -4.58 27.33 -10.74
C GLU B 315 -3.77 27.47 -9.46
N LYS B 316 -3.78 26.40 -8.66
CA LYS B 316 -3.20 26.47 -7.33
C LYS B 316 -1.72 26.19 -7.42
N TRP B 317 -1.28 25.38 -8.40
CA TRP B 317 0.14 25.19 -8.62
C TRP B 317 0.78 26.51 -9.04
N ALA B 318 0.04 27.27 -9.85
CA ALA B 318 0.51 28.55 -10.36
C ALA B 318 0.49 29.64 -9.27
N ALA B 319 -0.54 29.61 -8.41
CA ALA B 319 -0.71 30.57 -7.32
C ALA B 319 0.50 30.55 -6.38
N LEU B 320 1.09 29.37 -6.31
CA LEU B 320 2.30 29.11 -5.55
C LEU B 320 3.43 30.06 -5.94
N GLY B 321 3.40 30.53 -7.19
CA GLY B 321 4.42 31.45 -7.69
C GLY B 321 4.29 32.88 -7.16
N LEU B 322 3.09 33.22 -6.67
CA LEU B 322 2.86 34.52 -6.06
C LEU B 322 3.79 34.70 -4.87
N SER B 323 4.09 33.59 -4.20
CA SER B 323 4.83 33.60 -2.96
C SER B 323 6.33 33.75 -3.21
N PHE B 324 6.76 33.76 -4.47
CA PHE B 324 8.17 33.92 -4.80
C PHE B 324 8.29 34.90 -5.97
N PRO B 325 8.94 36.07 -5.77
CA PRO B 325 8.97 37.13 -6.78
C PRO B 325 9.75 36.69 -8.00
N TYR B 326 10.78 35.86 -7.80
CA TYR B 326 11.34 35.10 -8.91
C TYR B 326 10.51 33.83 -9.10
N ASN B 327 9.71 33.83 -10.18
CA ASN B 327 8.86 32.71 -10.54
C ASN B 327 8.65 32.72 -12.04
N GLU B 328 8.47 31.52 -12.62
CA GLU B 328 7.99 31.38 -13.98
C GLU B 328 7.14 30.12 -14.06
N LEU B 329 6.02 30.19 -14.82
CA LEU B 329 5.19 29.02 -15.02
C LEU B 329 4.69 28.93 -16.44
N ARG B 330 3.90 27.89 -16.69
CA ARG B 330 3.57 27.47 -18.04
C ARG B 330 2.20 26.83 -18.06
N ALA B 331 1.92 25.98 -17.07
CA ALA B 331 0.57 25.47 -16.88
C ALA B 331 -0.16 26.39 -15.91
N CYS B 332 -1.40 26.80 -16.24
CA CYS B 332 -2.16 27.73 -15.42
C CYS B 332 -3.63 27.82 -15.85
N TRP B 333 -4.50 28.13 -14.88
CA TRP B 333 -5.91 28.44 -15.08
C TRP B 333 -6.26 29.73 -14.33
N LYS B 334 -6.77 30.72 -15.07
CA LYS B 334 -7.08 32.03 -14.54
C LYS B 334 -5.79 32.68 -14.08
N LEU B 335 -5.84 33.45 -12.98
CA LEU B 335 -4.70 34.20 -12.44
C LEU B 335 -4.22 35.24 -13.45
N GLY B 336 -5.24 35.95 -13.95
CA GLY B 336 -5.04 37.09 -14.82
C GLY B 336 -4.83 38.35 -13.98
N GLY B 337 -3.88 39.16 -14.43
CA GLY B 337 -3.60 40.44 -13.78
C GLY B 337 -2.46 40.31 -12.78
N GLN B 338 -2.01 39.06 -12.62
CA GLN B 338 -1.18 38.71 -11.48
C GLN B 338 0.30 38.80 -11.87
N ALA B 339 1.11 39.16 -10.87
CA ALA B 339 2.57 39.23 -10.95
C ALA B 339 3.12 37.82 -11.09
N LEU B 340 2.93 37.25 -12.28
CA LEU B 340 3.38 35.91 -12.61
C LEU B 340 4.04 35.94 -13.99
N VAL B 341 5.30 35.50 -14.04
CA VAL B 341 5.91 35.26 -15.32
C VAL B 341 5.23 34.04 -15.96
N GLN B 342 4.84 34.19 -17.23
CA GLN B 342 4.14 33.14 -17.97
C GLN B 342 4.94 32.82 -19.23
N ARG B 343 5.23 31.53 -19.39
CA ARG B 343 6.01 31.06 -20.52
C ARG B 343 5.06 30.41 -21.52
N LEU B 344 5.50 30.36 -22.77
CA LEU B 344 4.84 29.63 -23.82
C LEU B 344 5.43 28.21 -23.88
N GLY B 345 4.61 27.24 -24.28
CA GLY B 345 5.03 25.85 -24.37
C GLY B 345 6.32 25.74 -25.18
N ASP B 346 7.17 24.78 -24.80
CA ASP B 346 8.42 24.50 -25.49
C ASP B 346 8.12 24.13 -26.95
N LYS B 347 8.54 24.98 -27.90
CA LYS B 347 8.13 24.82 -29.27
C LYS B 347 9.07 23.89 -30.02
N ASP B 348 8.82 23.78 -31.30
CA ASP B 348 9.59 22.98 -32.22
C ASP B 348 10.74 23.80 -32.79
N TYR B 349 11.73 23.13 -33.38
CA TYR B 349 12.69 23.81 -34.24
C TYR B 349 12.19 23.83 -35.69
N SER B 350 11.33 24.80 -36.06
CA SER B 350 11.01 25.08 -37.46
C SER B 350 10.43 26.50 -37.61
N TRP B 351 10.40 26.97 -38.86
CA TRP B 351 9.80 28.24 -39.21
C TRP B 351 8.34 28.25 -38.78
N ASN B 352 7.63 27.18 -39.16
CA ASN B 352 6.24 26.92 -38.82
C ASN B 352 5.97 27.43 -37.40
N ALA B 353 6.81 26.94 -36.48
CA ALA B 353 6.69 27.18 -35.06
C ALA B 353 7.12 28.61 -34.73
N THR B 354 8.14 29.12 -35.45
CA THR B 354 8.68 30.46 -35.22
C THR B 354 7.57 31.50 -35.42
N ARG B 355 6.65 31.18 -36.33
CA ARG B 355 5.66 32.15 -36.75
C ARG B 355 4.59 32.30 -35.68
N MET B 356 4.47 31.28 -34.81
CA MET B 356 3.41 31.23 -33.82
C MET B 356 3.76 32.03 -32.55
N LEU B 357 5.04 32.42 -32.40
CA LEU B 357 5.49 33.11 -31.19
C LEU B 357 4.69 34.38 -30.95
N ILE B 358 4.57 35.19 -32.00
CA ILE B 358 3.95 36.50 -31.90
C ILE B 358 2.49 36.35 -31.48
N PRO B 359 1.65 35.61 -32.26
CA PRO B 359 0.21 35.50 -31.95
C PRO B 359 -0.10 34.77 -30.65
N ASP B 360 0.75 33.80 -30.27
CA ASP B 360 0.66 33.14 -28.97
C ASP B 360 0.95 34.17 -27.86
N MET B 361 1.98 34.98 -28.06
CA MET B 361 2.41 35.98 -27.10
C MET B 361 1.35 37.06 -26.94
N LEU B 362 0.66 37.35 -28.05
CA LEU B 362 -0.44 38.31 -28.07
C LEU B 362 -1.65 37.79 -27.31
N ALA B 363 -1.88 36.46 -27.41
CA ALA B 363 -3.03 35.78 -26.80
C ALA B 363 -2.86 35.73 -25.28
N ALA B 364 -1.61 35.64 -24.83
CA ALA B 364 -1.29 35.72 -23.42
C ALA B 364 -1.75 37.08 -22.90
N GLY B 365 -1.26 38.15 -23.52
CA GLY B 365 -1.65 39.49 -23.17
C GLY B 365 -3.16 39.64 -23.01
N LEU B 366 -3.90 39.43 -24.10
CA LEU B 366 -5.34 39.65 -24.10
C LEU B 366 -5.99 39.02 -22.88
N LEU B 367 -5.49 37.83 -22.49
CA LEU B 367 -6.14 36.94 -21.53
C LEU B 367 -5.65 37.16 -20.09
N GLY B 368 -4.84 38.21 -19.86
CA GLY B 368 -4.45 38.58 -18.51
C GLY B 368 -3.05 38.12 -18.09
N TYR B 369 -2.31 37.49 -18.98
CA TYR B 369 -0.99 37.01 -18.66
C TYR B 369 0.03 37.98 -19.23
N TYR B 370 0.11 39.18 -18.65
CA TYR B 370 0.66 40.33 -19.37
C TYR B 370 2.18 40.21 -19.50
N TYR B 371 2.79 39.77 -18.40
CA TYR B 371 4.24 39.64 -18.27
C TYR B 371 4.59 38.24 -18.75
N THR B 372 5.17 38.18 -19.94
CA THR B 372 5.21 36.94 -20.71
C THR B 372 6.63 36.67 -21.23
N CYS B 373 7.13 35.44 -21.03
CA CYS B 373 8.37 34.99 -21.63
C CYS B 373 8.06 34.23 -22.93
N PRO B 374 8.74 34.52 -24.06
CA PRO B 374 8.44 33.89 -25.35
C PRO B 374 9.09 32.52 -25.58
N ASP B 375 8.59 31.47 -24.93
CA ASP B 375 9.05 30.13 -25.28
C ASP B 375 10.58 30.13 -25.18
N MET B 376 11.28 29.25 -25.91
CA MET B 376 12.73 29.23 -25.94
C MET B 376 13.18 29.71 -27.32
N ILE B 377 14.48 29.91 -27.49
CA ILE B 377 15.00 30.32 -28.79
C ILE B 377 15.53 29.06 -29.45
N GLY B 378 15.21 28.88 -30.73
CA GLY B 378 15.63 27.72 -31.49
C GLY B 378 14.69 26.51 -31.36
N GLY B 379 13.94 26.45 -30.26
CA GLY B 379 13.16 25.26 -29.95
C GLY B 379 13.48 24.82 -28.53
N GLY B 380 12.45 24.54 -27.75
CA GLY B 380 12.61 24.02 -26.41
C GLY B 380 12.61 22.49 -26.40
N GLN B 381 12.76 21.88 -27.60
CA GLN B 381 12.86 20.44 -27.68
C GLN B 381 14.27 20.07 -28.11
N TYR B 382 14.99 19.45 -27.18
CA TYR B 382 16.42 19.20 -27.24
C TYR B 382 16.78 18.19 -28.32
N SER B 383 15.85 17.27 -28.61
CA SER B 383 16.11 16.16 -29.52
C SER B 383 16.41 16.66 -30.94
N ALA B 384 15.92 17.88 -31.24
CA ALA B 384 16.06 18.51 -32.54
C ALA B 384 17.51 18.93 -32.77
N PHE B 385 18.23 19.23 -31.67
CA PHE B 385 19.60 19.72 -31.73
C PHE B 385 20.57 18.55 -31.54
N PHE B 391 23.59 23.37 -39.04
CA PHE B 391 22.40 24.12 -38.51
C PHE B 391 21.93 25.14 -39.54
N ASP B 392 20.61 25.38 -39.53
CA ASP B 392 19.97 26.50 -40.21
C ASP B 392 20.05 27.69 -39.28
N GLU B 393 21.11 28.50 -39.50
CA GLU B 393 21.52 29.53 -38.56
C GLU B 393 20.62 30.75 -38.70
N GLU B 394 19.92 30.91 -39.84
CA GLU B 394 19.08 32.07 -40.05
C GLU B 394 17.91 31.99 -39.06
N LEU B 395 17.27 30.82 -38.99
CA LEU B 395 16.11 30.59 -38.16
C LEU B 395 16.40 31.03 -36.71
N ILE B 396 17.58 30.66 -36.22
CA ILE B 396 17.99 30.97 -34.86
C ILE B 396 18.02 32.49 -34.68
N VAL B 397 18.65 33.18 -35.63
CA VAL B 397 18.87 34.62 -35.53
C VAL B 397 17.55 35.37 -35.68
N ARG B 398 16.71 34.92 -36.63
CA ARG B 398 15.42 35.57 -36.86
C ARG B 398 14.52 35.35 -35.66
N SER B 399 14.64 34.15 -35.07
CA SER B 399 13.90 33.74 -33.88
C SER B 399 14.31 34.63 -32.71
N CYS B 400 15.61 34.94 -32.64
CA CYS B 400 16.15 35.87 -31.65
C CYS B 400 15.49 37.24 -31.79
N GLN B 401 15.42 37.73 -33.03
CA GLN B 401 14.95 39.07 -33.31
C GLN B 401 13.53 39.25 -32.76
N VAL B 402 12.70 38.22 -32.92
CA VAL B 402 11.33 38.27 -32.45
C VAL B 402 11.30 38.67 -30.96
N HIS B 403 12.04 37.85 -30.17
CA HIS B 403 12.13 37.98 -28.72
C HIS B 403 12.63 39.36 -28.31
N ALA B 404 13.55 39.94 -29.10
CA ALA B 404 14.25 41.16 -28.72
C ALA B 404 13.25 42.18 -28.20
N LEU B 405 12.16 42.38 -28.96
CA LEU B 405 11.18 43.40 -28.62
C LEU B 405 9.90 42.84 -27.97
N MET B 406 10.11 41.89 -27.06
CA MET B 406 9.06 41.32 -26.25
C MET B 406 9.41 41.59 -24.79
N PRO B 407 8.51 41.27 -23.83
CA PRO B 407 8.77 41.59 -22.44
C PRO B 407 10.08 40.95 -21.95
N MET B 408 10.28 39.68 -22.32
CA MET B 408 11.43 38.90 -21.86
C MET B 408 12.07 38.25 -23.07
N MET B 409 13.15 37.49 -22.85
CA MET B 409 13.87 36.84 -23.92
C MET B 409 14.61 35.59 -23.39
N GLN B 410 14.22 34.39 -23.85
CA GLN B 410 14.78 33.15 -23.32
C GLN B 410 15.61 32.52 -24.42
N PHE B 411 16.88 32.24 -24.10
CA PHE B 411 17.72 31.35 -24.90
C PHE B 411 17.80 29.99 -24.24
N SER B 412 18.24 28.98 -24.99
CA SER B 412 18.42 27.66 -24.40
C SER B 412 19.59 26.99 -25.09
N VAL B 413 19.47 26.92 -26.41
CA VAL B 413 20.56 26.49 -27.25
C VAL B 413 21.64 27.56 -27.21
N ALA B 414 22.90 27.08 -27.37
CA ALA B 414 24.09 27.88 -27.20
C ALA B 414 24.51 28.45 -28.56
N PRO B 415 24.12 29.72 -28.85
CA PRO B 415 24.47 30.36 -30.12
C PRO B 415 25.97 30.21 -30.48
N TRP B 416 26.82 30.35 -29.47
CA TRP B 416 28.26 30.31 -29.66
C TRP B 416 28.68 28.93 -30.11
N ARG B 417 27.85 27.90 -29.84
CA ARG B 417 28.20 26.56 -30.26
C ARG B 417 27.63 26.29 -31.66
N ILE B 418 26.36 26.66 -31.89
CA ILE B 418 25.68 26.26 -33.10
C ILE B 418 25.87 27.27 -34.24
N LEU B 419 26.11 28.55 -33.92
CA LEU B 419 26.18 29.62 -34.92
C LEU B 419 27.63 29.92 -35.33
N SER B 420 27.77 30.71 -36.40
CA SER B 420 29.01 31.41 -36.71
C SER B 420 29.21 32.53 -35.69
N LYS B 421 30.47 32.92 -35.48
CA LYS B 421 30.80 33.94 -34.50
C LYS B 421 30.06 35.22 -34.85
N GLU B 422 29.95 35.45 -36.15
CA GLU B 422 29.25 36.59 -36.72
C GLU B 422 27.80 36.63 -36.22
N ASN B 423 27.12 35.49 -36.37
CA ASN B 423 25.70 35.34 -36.08
C ASN B 423 25.46 35.40 -34.58
N ALA B 424 26.35 34.77 -33.81
CA ALA B 424 26.33 34.90 -32.37
C ALA B 424 26.32 36.40 -31.99
N ASP B 425 27.25 37.20 -32.52
CA ASP B 425 27.38 38.60 -32.17
C ASP B 425 26.10 39.36 -32.52
N ILE B 426 25.45 38.92 -33.63
CA ILE B 426 24.19 39.48 -34.08
C ILE B 426 23.15 39.31 -32.97
N CYS B 427 23.03 38.06 -32.46
CA CYS B 427 22.13 37.72 -31.37
C CYS B 427 22.50 38.51 -30.11
N ALA B 428 23.80 38.67 -29.87
CA ALA B 428 24.33 39.35 -28.70
C ALA B 428 23.99 40.84 -28.76
N HIS B 429 23.94 41.41 -29.97
CA HIS B 429 23.43 42.75 -30.14
C HIS B 429 21.98 42.78 -29.67
N TYR B 430 21.17 41.84 -30.16
CA TYR B 430 19.74 41.86 -29.95
C TYR B 430 19.40 41.63 -28.48
N ALA B 431 20.25 40.87 -27.80
CA ALA B 431 20.14 40.72 -26.35
C ALA B 431 20.40 42.08 -25.67
N HIS B 432 21.40 42.82 -26.17
CA HIS B 432 21.76 44.13 -25.66
C HIS B 432 20.73 45.18 -26.07
N LEU B 433 20.00 44.89 -27.15
CA LEU B 433 18.96 45.77 -27.65
C LEU B 433 17.72 45.63 -26.77
N HIS B 434 17.40 44.38 -26.40
CA HIS B 434 16.34 44.10 -25.45
C HIS B 434 16.66 44.80 -24.13
N GLN B 435 17.92 44.68 -23.72
CA GLN B 435 18.40 45.23 -22.48
C GLN B 435 18.36 46.75 -22.53
N LYS B 436 18.67 47.32 -23.69
CA LYS B 436 18.53 48.76 -23.91
C LYS B 436 17.06 49.16 -23.73
N MET B 437 16.16 48.40 -24.37
CA MET B 437 14.75 48.76 -24.47
C MET B 437 14.03 48.59 -23.13
N SER B 438 14.65 47.86 -22.20
CA SER B 438 13.98 47.39 -20.99
C SER B 438 13.40 48.53 -20.15
N GLY B 439 13.99 49.73 -20.20
CA GLY B 439 13.44 50.86 -19.48
C GLY B 439 11.96 51.07 -19.82
N TYR B 440 11.63 50.90 -21.11
CA TYR B 440 10.28 51.09 -21.64
C TYR B 440 9.39 49.89 -21.30
N ILE B 441 9.99 48.71 -21.33
CA ILE B 441 9.24 47.50 -21.04
C ILE B 441 8.81 47.53 -19.57
N LEU B 442 9.74 47.91 -18.67
CA LEU B 442 9.47 48.06 -17.25
C LEU B 442 8.36 49.06 -16.99
N GLU B 443 8.38 50.15 -17.75
CA GLU B 443 7.35 51.19 -17.69
C GLU B 443 5.99 50.58 -18.02
N LEU B 444 5.94 49.77 -19.10
CA LEU B 444 4.72 49.20 -19.65
C LEU B 444 4.07 48.15 -18.75
N ALA B 445 4.93 47.44 -18.01
CA ALA B 445 4.51 46.38 -17.10
C ALA B 445 3.70 46.97 -15.95
N LYS B 446 4.06 48.16 -15.50
CA LYS B 446 3.31 48.83 -14.44
C LYS B 446 1.98 49.35 -14.98
N ARG B 447 1.97 49.73 -16.27
CA ARG B 447 0.74 50.11 -16.95
C ARG B 447 -0.15 48.87 -17.08
N ALA B 448 0.47 47.72 -17.34
CA ALA B 448 -0.27 46.47 -17.40
C ALA B 448 -0.83 46.10 -16.03
N ALA B 449 0.02 46.24 -14.99
CA ALA B 449 -0.33 45.80 -13.65
C ALA B 449 -1.39 46.69 -13.04
N GLU B 450 -1.65 47.85 -13.63
CA GLU B 450 -2.55 48.83 -13.04
C GLU B 450 -3.80 49.01 -13.89
N THR B 451 -3.61 49.19 -15.21
CA THR B 451 -4.75 49.38 -16.10
C THR B 451 -5.26 48.01 -16.54
N GLY B 452 -4.34 47.08 -16.85
CA GLY B 452 -4.70 45.80 -17.42
C GLY B 452 -4.57 45.84 -18.95
N GLU B 453 -3.70 46.72 -19.44
CA GLU B 453 -3.30 46.71 -20.84
C GLU B 453 -2.08 45.81 -20.99
N PRO B 454 -2.13 44.81 -21.91
CA PRO B 454 -0.93 44.05 -22.25
C PRO B 454 0.31 44.91 -22.47
N ILE B 455 1.48 44.31 -22.33
CA ILE B 455 2.72 44.94 -22.77
C ILE B 455 2.80 44.79 -24.28
N VAL B 456 2.58 43.56 -24.76
CA VAL B 456 2.56 43.29 -26.19
C VAL B 456 1.11 43.14 -26.66
N ARG B 457 0.77 43.95 -27.67
CA ARG B 457 -0.61 44.20 -28.10
C ARG B 457 -0.75 43.85 -29.58
N SER B 458 -1.86 43.20 -29.95
CA SER B 458 -2.14 42.94 -31.35
C SER B 458 -2.39 44.26 -32.08
N MET B 459 -2.26 44.21 -33.41
CA MET B 459 -2.47 45.40 -34.21
C MET B 459 -3.95 45.81 -34.09
N GLU B 460 -4.84 44.80 -34.11
CA GLU B 460 -6.27 45.03 -34.01
C GLU B 460 -6.63 45.62 -32.63
N TYR B 461 -5.77 45.37 -31.64
CA TYR B 461 -5.96 45.88 -30.29
C TYR B 461 -5.81 47.41 -30.32
N GLU B 462 -4.64 47.87 -30.81
CA GLU B 462 -4.30 49.28 -30.81
C GLU B 462 -4.99 50.03 -31.95
N TYR B 463 -5.27 49.33 -33.06
CA TYR B 463 -5.86 49.94 -34.25
C TYR B 463 -7.04 49.11 -34.75
N PRO B 464 -8.18 49.12 -34.00
CA PRO B 464 -9.31 48.27 -34.35
C PRO B 464 -10.08 48.71 -35.59
N HIS B 465 -10.69 47.72 -36.26
CA HIS B 465 -11.52 47.94 -37.43
C HIS B 465 -10.68 48.45 -38.60
N GLN B 466 -9.34 48.36 -38.52
CA GLN B 466 -8.54 48.95 -39.58
C GLN B 466 -7.81 47.86 -40.35
N GLY B 467 -8.47 46.69 -40.49
CA GLY B 467 -7.98 45.59 -41.30
C GLY B 467 -6.69 44.94 -40.78
N PHE B 468 -6.53 44.92 -39.46
CA PHE B 468 -5.36 44.29 -38.85
C PHE B 468 -5.81 43.10 -38.03
N THR B 469 -6.95 42.52 -38.43
CA THR B 469 -7.68 41.58 -37.60
C THR B 469 -6.90 40.27 -37.49
N ASP B 470 -6.34 39.81 -38.61
CA ASP B 470 -5.51 38.60 -38.58
C ASP B 470 -4.04 38.96 -38.67
N CYS B 471 -3.68 40.23 -38.46
CA CYS B 471 -2.26 40.60 -38.51
C CYS B 471 -1.50 39.71 -37.54
N LYS B 472 -0.79 38.71 -38.06
CA LYS B 472 -0.18 37.69 -37.19
C LYS B 472 1.35 37.74 -37.26
N ASP B 473 1.90 38.69 -38.00
CA ASP B 473 3.34 38.74 -38.19
C ASP B 473 3.85 40.13 -37.82
N GLN B 474 3.05 40.91 -37.09
CA GLN B 474 3.53 42.15 -36.52
C GLN B 474 2.63 42.53 -35.35
N TYR B 475 3.19 43.33 -34.43
CA TYR B 475 2.56 43.66 -33.15
C TYR B 475 3.07 45.00 -32.67
N MET B 476 2.37 45.54 -31.66
CA MET B 476 2.74 46.80 -31.05
C MET B 476 3.43 46.50 -29.72
N LEU B 477 4.62 47.07 -29.49
CA LEU B 477 5.21 47.10 -28.17
C LEU B 477 4.76 48.38 -27.46
N GLY B 478 3.80 48.22 -26.53
CA GLY B 478 3.01 49.34 -26.05
C GLY B 478 2.15 49.90 -27.17
N ASP B 479 2.00 51.22 -27.20
CA ASP B 479 1.33 51.89 -28.29
C ASP B 479 2.36 52.73 -29.02
N LYS B 480 3.66 52.41 -28.87
CA LYS B 480 4.73 53.22 -29.46
C LYS B 480 5.39 52.54 -30.66
N TYR B 481 6.03 51.39 -30.44
CA TYR B 481 6.79 50.72 -31.46
C TYR B 481 6.00 49.62 -32.17
N LEU B 482 5.80 49.77 -33.49
CA LEU B 482 5.34 48.69 -34.34
C LEU B 482 6.56 47.84 -34.71
N VAL B 483 6.38 46.52 -34.65
CA VAL B 483 7.47 45.58 -34.86
C VAL B 483 7.06 44.54 -35.90
N ALA B 484 7.82 44.48 -37.00
CA ALA B 484 7.51 43.58 -38.10
C ALA B 484 8.75 42.74 -38.42
N PRO B 485 9.14 41.81 -37.52
CA PRO B 485 10.37 41.02 -37.70
C PRO B 485 10.23 40.01 -38.82
N MET B 486 11.36 39.42 -39.23
CA MET B 486 11.30 38.47 -40.32
C MET B 486 10.75 37.15 -39.77
N VAL B 487 9.76 36.60 -40.50
CA VAL B 487 8.97 35.45 -40.11
C VAL B 487 9.23 34.21 -41.01
N THR B 488 10.11 34.41 -42.01
CA THR B 488 10.39 33.40 -43.02
C THR B 488 11.83 33.57 -43.52
N PRO B 489 12.34 32.65 -44.38
CA PRO B 489 13.66 32.84 -44.97
C PRO B 489 13.61 34.06 -45.90
N GLY B 490 14.78 34.42 -46.45
CA GLY B 490 14.90 35.58 -47.33
C GLY B 490 15.15 36.85 -46.53
N VAL B 491 14.97 38.00 -47.22
CA VAL B 491 15.38 39.29 -46.72
C VAL B 491 14.37 40.38 -47.13
N LYS B 492 13.12 39.98 -47.46
CA LYS B 492 12.08 40.95 -47.78
C LYS B 492 10.79 40.65 -47.01
N ARG B 493 10.06 41.73 -46.73
CA ARG B 493 8.94 41.62 -45.80
C ARG B 493 7.89 42.71 -46.01
N THR B 494 6.60 42.31 -46.02
CA THR B 494 5.46 43.22 -46.09
C THR B 494 5.24 43.87 -44.74
N VAL B 495 4.84 45.14 -44.73
CA VAL B 495 4.52 45.82 -43.50
C VAL B 495 3.28 46.68 -43.70
N LYS B 496 2.17 46.38 -43.00
CA LYS B 496 1.03 47.28 -42.93
C LYS B 496 1.26 48.32 -41.83
N LEU B 497 1.48 49.57 -42.23
CA LEU B 497 1.48 50.69 -41.31
C LEU B 497 0.06 51.26 -41.24
N PRO B 498 -0.43 51.57 -40.02
CA PRO B 498 -1.70 52.26 -39.87
C PRO B 498 -1.46 53.77 -39.95
N LYS B 499 -2.51 54.56 -39.73
CA LYS B 499 -2.37 56.01 -39.77
C LYS B 499 -1.42 56.45 -38.66
N GLY B 500 -0.68 57.54 -38.91
CA GLY B 500 0.29 58.05 -37.94
C GLY B 500 1.65 58.20 -38.59
N LYS B 501 2.59 58.75 -37.81
CA LYS B 501 3.92 59.08 -38.33
C LYS B 501 4.91 58.05 -37.79
N TRP B 502 5.62 57.35 -38.70
CA TRP B 502 6.35 56.12 -38.37
C TRP B 502 7.83 56.21 -38.77
N LYS B 503 8.73 56.22 -37.78
CA LYS B 503 10.16 56.25 -38.01
C LYS B 503 10.76 54.87 -37.74
N ASP B 504 11.37 54.25 -38.76
CA ASP B 504 12.00 52.97 -38.58
C ASP B 504 13.26 53.13 -37.71
N GLU B 505 13.93 52.02 -37.44
CA GLU B 505 15.08 52.01 -36.55
C GLU B 505 16.26 52.71 -37.21
N ARG B 506 16.33 52.63 -38.55
CA ARG B 506 17.37 53.31 -39.31
C ARG B 506 17.25 54.83 -39.11
N GLY B 507 16.00 55.32 -39.04
CA GLY B 507 15.74 56.75 -38.79
C GLY B 507 14.81 57.37 -39.83
N GLN B 508 14.57 56.64 -40.93
CA GLN B 508 13.77 57.11 -42.04
C GLN B 508 12.28 57.12 -41.69
N ILE B 509 11.63 58.28 -41.93
CA ILE B 509 10.26 58.54 -41.54
C ILE B 509 9.30 58.08 -42.64
N PHE B 510 8.07 57.72 -42.24
CA PHE B 510 7.00 57.29 -43.14
C PHE B 510 5.68 57.94 -42.69
N LYS B 511 4.59 57.63 -43.42
CA LYS B 511 3.24 57.81 -42.89
C LYS B 511 2.26 56.86 -43.57
N GLY B 512 1.31 56.30 -42.80
CA GLY B 512 0.31 55.40 -43.34
C GLY B 512 -1.09 56.01 -43.26
N PRO B 513 -2.19 55.26 -43.52
CA PRO B 513 -2.15 53.83 -43.83
C PRO B 513 -1.59 53.48 -45.21
N LYS B 514 -0.55 52.65 -45.24
CA LYS B 514 0.04 52.13 -46.47
C LYS B 514 0.83 50.87 -46.15
N VAL B 515 1.21 50.13 -47.19
CA VAL B 515 1.81 48.81 -47.04
C VAL B 515 3.18 48.80 -47.71
N ILE B 516 4.26 48.97 -46.94
CA ILE B 516 5.59 49.10 -47.52
C ILE B 516 6.28 47.75 -47.58
N ASP B 517 7.26 47.64 -48.50
CA ASP B 517 8.26 46.58 -48.49
C ASP B 517 9.44 47.07 -47.68
N THR B 518 10.35 46.14 -47.36
CA THR B 518 11.61 46.57 -46.80
C THR B 518 12.68 45.52 -47.07
N ASP B 519 13.92 46.02 -47.03
CA ASP B 519 15.11 45.22 -47.11
C ASP B 519 15.50 44.85 -45.68
N VAL B 520 15.44 43.54 -45.36
CA VAL B 520 15.79 43.06 -44.04
C VAL B 520 17.03 42.15 -44.16
N PRO B 521 18.28 42.66 -44.01
CA PRO B 521 19.45 41.78 -43.91
C PRO B 521 19.35 40.96 -42.62
N LEU B 522 20.17 39.92 -42.52
CA LEU B 522 20.12 38.99 -41.41
C LEU B 522 20.21 39.75 -40.08
N ASN B 523 21.08 40.77 -40.04
CA ASN B 523 21.30 41.56 -38.84
C ASN B 523 20.38 42.78 -38.80
N ARG B 524 19.17 42.66 -39.36
CA ARG B 524 18.18 43.72 -39.23
C ARG B 524 16.89 43.20 -38.59
N LEU B 525 16.51 43.84 -37.48
CA LEU B 525 15.15 43.77 -36.95
C LEU B 525 14.39 45.04 -37.34
N PRO B 526 13.38 44.93 -38.23
CA PRO B 526 12.48 46.03 -38.53
C PRO B 526 11.59 46.43 -37.35
N TYR B 527 11.65 47.71 -36.97
CA TYR B 527 10.70 48.26 -36.03
C TYR B 527 10.61 49.77 -36.20
N TYR B 528 9.40 50.28 -35.96
CA TYR B 528 9.04 51.64 -36.36
C TYR B 528 8.48 52.36 -35.14
N GLU B 529 9.19 53.39 -34.67
CA GLU B 529 8.71 54.25 -33.59
C GLU B 529 7.62 55.16 -34.12
N LYS B 530 6.55 55.36 -33.33
CA LYS B 530 5.55 56.35 -33.66
C LYS B 530 6.01 57.70 -33.09
N ILE B 531 6.13 58.70 -34.00
CA ILE B 531 6.80 59.97 -33.73
C ILE B 531 5.81 61.13 -33.81
N LYS B 532 4.58 60.83 -34.20
CA LYS B 532 3.43 61.67 -33.92
C LYS B 532 2.17 60.79 -34.08
N ASN C 25 -21.79 -24.32 -41.47
CA ASN C 25 -20.47 -24.65 -42.04
C ASN C 25 -19.49 -25.05 -40.94
N VAL C 26 -19.64 -24.51 -39.73
CA VAL C 26 -18.67 -24.75 -38.66
C VAL C 26 -18.86 -26.18 -38.15
N PHE C 27 -18.88 -27.16 -39.04
CA PHE C 27 -18.99 -28.56 -38.65
C PHE C 27 -18.08 -28.76 -37.44
N THR C 28 -18.66 -29.01 -36.26
CA THR C 28 -17.90 -29.16 -35.02
C THR C 28 -17.82 -30.63 -34.64
N THR C 29 -16.73 -31.04 -33.97
CA THR C 29 -16.51 -32.44 -33.61
C THR C 29 -15.77 -32.51 -32.27
N VAL C 30 -16.55 -32.69 -31.20
CA VAL C 30 -16.01 -32.85 -29.86
C VAL C 30 -15.44 -34.26 -29.77
N VAL C 31 -14.12 -34.38 -29.58
CA VAL C 31 -13.47 -35.69 -29.48
C VAL C 31 -13.07 -35.95 -28.03
N SER C 32 -13.91 -36.69 -27.31
CA SER C 32 -13.62 -37.13 -25.96
C SER C 32 -12.47 -38.12 -26.00
N PRO C 33 -11.55 -38.00 -25.03
CA PRO C 33 -10.38 -38.88 -25.00
C PRO C 33 -10.79 -40.29 -24.58
N LEU C 34 -10.00 -41.28 -24.97
CA LEU C 34 -10.10 -42.60 -24.39
C LEU C 34 -9.40 -42.59 -23.04
N LYS C 35 -9.21 -43.80 -22.49
CA LYS C 35 -8.46 -44.00 -21.26
C LYS C 35 -7.02 -43.50 -21.47
N ASN C 36 -6.60 -42.55 -20.62
CA ASN C 36 -5.23 -42.07 -20.55
C ASN C 36 -4.80 -41.36 -21.83
N GLU C 37 -5.69 -41.26 -22.84
CA GLU C 37 -5.31 -40.84 -24.17
C GLU C 37 -4.91 -39.37 -24.18
N ARG C 38 -3.68 -39.11 -24.70
CA ARG C 38 -3.12 -37.77 -24.87
C ARG C 38 -2.89 -37.50 -26.35
N TRP C 39 -2.88 -36.21 -26.71
CA TRP C 39 -2.97 -35.78 -28.11
C TRP C 39 -1.77 -34.91 -28.49
N TRP C 40 -1.26 -35.18 -29.69
CA TRP C 40 -0.25 -34.39 -30.38
C TRP C 40 -0.87 -33.84 -31.66
N GLY C 41 -0.23 -32.85 -32.30
CA GLY C 41 -0.55 -32.51 -33.69
C GLY C 41 -0.86 -31.02 -33.86
N GLY C 42 -1.02 -30.62 -35.14
CA GLY C 42 -1.40 -29.26 -35.51
C GLY C 42 -0.16 -28.41 -35.84
N VAL C 43 0.41 -27.76 -34.82
CA VAL C 43 1.47 -26.78 -34.98
C VAL C 43 2.77 -27.35 -34.43
N VAL C 44 3.82 -27.36 -35.27
CA VAL C 44 5.12 -27.92 -34.89
C VAL C 44 5.75 -27.07 -33.81
N ALA C 45 5.44 -25.75 -33.80
CA ALA C 45 6.00 -24.84 -32.82
C ALA C 45 5.43 -25.11 -31.42
N LEU C 46 4.30 -25.82 -31.33
CA LEU C 46 3.67 -26.18 -30.07
C LEU C 46 4.11 -27.57 -29.59
N GLY C 47 5.21 -28.10 -30.14
CA GLY C 47 5.77 -29.38 -29.70
C GLY C 47 6.06 -29.41 -28.20
N HIS C 48 6.46 -28.23 -27.67
CA HIS C 48 6.82 -28.04 -26.27
C HIS C 48 5.59 -28.16 -25.38
N GLN C 49 4.40 -27.78 -25.90
CA GLN C 49 3.16 -27.88 -25.15
C GLN C 49 2.42 -29.17 -25.53
N MET C 50 3.19 -30.22 -25.87
CA MET C 50 2.67 -31.47 -26.38
C MET C 50 3.22 -32.64 -25.55
N PRO C 51 2.39 -33.64 -25.19
CA PRO C 51 0.96 -33.65 -25.55
C PRO C 51 0.17 -32.56 -24.84
N PHE C 52 -1.03 -32.30 -25.36
CA PHE C 52 -1.81 -31.14 -24.95
C PHE C 52 -2.50 -31.45 -23.63
N GLY C 53 -2.47 -30.44 -22.71
CA GLY C 53 -3.22 -30.46 -21.47
C GLY C 53 -4.72 -30.40 -21.72
N GLN C 54 -5.50 -30.37 -20.64
CA GLN C 54 -6.95 -30.43 -20.75
C GLN C 54 -7.52 -29.08 -21.17
N GLN C 55 -6.78 -28.00 -20.93
CA GLN C 55 -7.12 -26.70 -21.47
C GLN C 55 -6.06 -26.25 -22.47
N LEU C 56 -6.52 -25.92 -23.69
CA LEU C 56 -5.70 -25.31 -24.72
C LEU C 56 -6.55 -24.31 -25.51
N ALA C 57 -6.09 -23.06 -25.59
CA ALA C 57 -6.82 -22.04 -26.32
C ALA C 57 -6.91 -22.44 -27.79
N LEU C 58 -7.78 -21.75 -28.53
CA LEU C 58 -8.13 -22.10 -29.89
C LEU C 58 -6.93 -21.86 -30.81
N GLN C 59 -6.77 -22.78 -31.77
CA GLN C 59 -5.69 -22.75 -32.75
C GLN C 59 -6.34 -22.80 -34.13
N ASP C 60 -6.18 -21.75 -34.94
CA ASP C 60 -6.68 -21.74 -36.32
C ASP C 60 -5.52 -21.94 -37.29
N LEU C 61 -5.47 -23.12 -37.93
CA LEU C 61 -4.40 -23.47 -38.87
C LEU C 61 -4.38 -22.54 -40.09
N ALA C 62 -5.51 -21.86 -40.36
CA ALA C 62 -5.65 -21.00 -41.53
C ALA C 62 -4.95 -19.66 -41.31
N ARG C 63 -4.69 -19.30 -40.05
CA ARG C 63 -4.27 -17.94 -39.70
C ARG C 63 -2.82 -17.86 -39.18
N ASN C 64 -2.36 -18.80 -38.36
CA ASN C 64 -1.06 -18.68 -37.74
C ASN C 64 -0.28 -19.99 -37.84
N ASN C 65 0.95 -19.92 -38.35
CA ASN C 65 1.89 -21.05 -38.37
C ASN C 65 2.88 -20.97 -37.20
N ARG C 66 2.84 -19.81 -36.50
CA ARG C 66 3.68 -19.51 -35.35
C ARG C 66 5.17 -19.61 -35.71
N ASN C 67 5.52 -18.95 -36.83
CA ASN C 67 6.89 -18.85 -37.32
C ASN C 67 7.48 -20.26 -37.46
N ASN C 68 6.66 -21.22 -37.94
CA ASN C 68 7.14 -22.58 -38.15
C ASN C 68 6.16 -23.36 -39.03
N GLN C 69 6.14 -24.70 -38.91
CA GLN C 69 5.43 -25.57 -39.84
C GLN C 69 4.05 -25.90 -39.26
N LEU C 70 3.13 -26.33 -40.15
CA LEU C 70 1.76 -26.74 -39.85
C LEU C 70 1.37 -27.98 -40.67
N VAL C 71 0.62 -28.91 -40.04
CA VAL C 71 0.06 -30.08 -40.70
C VAL C 71 -1.34 -30.32 -40.16
N PRO C 72 -2.33 -30.70 -41.01
CA PRO C 72 -3.69 -30.96 -40.54
C PRO C 72 -3.84 -32.38 -40.00
N CYS C 73 -3.17 -32.63 -38.88
CA CYS C 73 -2.97 -33.96 -38.35
C CYS C 73 -2.92 -33.91 -36.83
N MET C 74 -3.76 -34.74 -36.19
CA MET C 74 -3.72 -34.94 -34.74
C MET C 74 -3.52 -36.43 -34.46
N ILE C 75 -2.61 -36.78 -33.54
CA ILE C 75 -2.26 -38.15 -33.23
C ILE C 75 -2.36 -38.39 -31.72
N SER C 76 -2.89 -39.55 -31.29
CA SER C 76 -3.05 -39.87 -29.87
C SER C 76 -2.20 -41.06 -29.46
N SER C 77 -1.95 -41.17 -28.13
CA SER C 77 -1.14 -42.24 -27.57
C SER C 77 -1.94 -43.53 -27.48
N ALA C 78 -3.25 -43.44 -27.75
CA ALA C 78 -4.15 -44.58 -27.76
C ALA C 78 -4.41 -45.08 -29.19
N GLY C 79 -3.54 -44.69 -30.13
CA GLY C 79 -3.56 -45.23 -31.47
C GLY C 79 -4.65 -44.62 -32.34
N ARG C 80 -4.95 -43.34 -32.17
CA ARG C 80 -5.96 -42.66 -32.98
C ARG C 80 -5.36 -41.43 -33.65
N TYR C 81 -6.06 -40.95 -34.67
CA TYR C 81 -5.58 -39.84 -35.46
C TYR C 81 -6.73 -39.20 -36.25
N ILE C 82 -6.52 -37.91 -36.57
CA ILE C 82 -7.39 -37.15 -37.46
C ILE C 82 -6.55 -36.62 -38.61
N TRP C 83 -7.16 -36.64 -39.82
CA TRP C 83 -6.57 -35.95 -40.96
C TRP C 83 -7.61 -35.06 -41.62
N ALA C 84 -7.17 -33.86 -42.03
CA ALA C 84 -7.99 -32.94 -42.78
C ALA C 84 -7.29 -32.61 -44.09
N GLU C 85 -8.09 -32.51 -45.14
CA GLU C 85 -7.64 -32.02 -46.43
C GLU C 85 -7.35 -30.52 -46.31
N ASN C 86 -8.08 -29.86 -45.42
CA ASN C 86 -8.05 -28.40 -45.34
C ASN C 86 -7.63 -28.02 -43.94
N PRO C 87 -7.22 -26.77 -43.72
CA PRO C 87 -7.08 -26.24 -42.38
C PRO C 87 -8.32 -26.46 -41.50
N PHE C 88 -8.07 -26.42 -40.17
CA PHE C 88 -9.15 -26.41 -39.19
C PHE C 88 -8.69 -25.68 -37.92
N ARG C 89 -9.67 -25.55 -37.02
CA ARG C 89 -9.42 -24.94 -35.72
C ARG C 89 -9.65 -26.02 -34.67
N PHE C 90 -8.79 -26.07 -33.67
CA PHE C 90 -8.87 -27.05 -32.62
C PHE C 90 -8.53 -26.44 -31.27
N GLU C 91 -8.93 -27.16 -30.23
CA GLU C 91 -8.66 -26.74 -28.88
C GLU C 91 -8.97 -27.90 -27.93
N MET C 92 -8.37 -27.82 -26.73
CA MET C 92 -8.65 -28.72 -25.64
C MET C 92 -9.56 -27.98 -24.65
N LYS C 93 -10.76 -28.53 -24.40
CA LYS C 93 -11.64 -28.02 -23.35
C LYS C 93 -12.12 -29.21 -22.54
N ASN C 94 -11.66 -29.24 -21.27
CA ASN C 94 -12.18 -30.14 -20.26
C ASN C 94 -11.79 -31.57 -20.67
N GLY C 95 -10.54 -31.72 -21.14
CA GLY C 95 -10.02 -33.01 -21.57
C GLY C 95 -10.31 -33.36 -23.02
N ASP C 96 -11.38 -32.76 -23.55
CA ASP C 96 -11.85 -33.04 -24.89
C ASP C 96 -11.00 -32.29 -25.91
N LEU C 97 -10.67 -32.96 -27.03
CA LEU C 97 -10.17 -32.32 -28.23
C LEU C 97 -11.37 -31.95 -29.12
N ILE C 98 -11.56 -30.64 -29.30
CA ILE C 98 -12.66 -30.15 -30.11
C ILE C 98 -12.05 -29.60 -31.40
N VAL C 99 -12.78 -29.82 -32.52
CA VAL C 99 -12.26 -29.58 -33.86
C VAL C 99 -13.33 -28.91 -34.71
N TYR C 100 -12.94 -27.78 -35.29
CA TYR C 100 -13.80 -26.97 -36.12
C TYR C 100 -13.26 -26.89 -37.55
N SER C 101 -13.98 -27.49 -38.52
CA SER C 101 -13.62 -27.28 -39.92
C SER C 101 -14.81 -26.74 -40.71
N ASP C 102 -14.52 -25.73 -41.55
CA ASP C 102 -15.53 -25.07 -42.35
C ASP C 102 -15.87 -25.91 -43.58
N SER C 103 -14.90 -26.72 -43.98
CA SER C 103 -14.93 -27.43 -45.24
C SER C 103 -15.45 -28.85 -45.05
N GLU C 104 -15.21 -29.44 -43.88
CA GLU C 104 -15.44 -30.86 -43.70
C GLU C 104 -15.76 -31.15 -42.22
N LYS C 105 -16.55 -32.21 -42.00
CA LYS C 105 -16.78 -32.71 -40.66
C LYS C 105 -15.85 -33.90 -40.44
N LEU C 106 -15.14 -33.89 -39.30
CA LEU C 106 -13.94 -34.70 -39.12
C LEU C 106 -14.16 -35.73 -38.03
N GLU C 107 -13.56 -36.91 -38.19
CA GLU C 107 -13.60 -37.97 -37.19
C GLU C 107 -12.20 -38.56 -37.01
N PRO C 108 -11.91 -39.12 -35.83
CA PRO C 108 -10.68 -39.88 -35.63
C PRO C 108 -10.65 -41.21 -36.39
N VAL C 109 -9.53 -41.91 -36.29
CA VAL C 109 -9.30 -43.20 -36.92
C VAL C 109 -8.53 -44.11 -35.96
N SER C 110 -9.10 -45.28 -35.62
CA SER C 110 -8.40 -46.27 -34.80
C SER C 110 -7.36 -46.96 -35.65
N ALA C 111 -6.11 -46.58 -35.44
CA ALA C 111 -4.95 -47.14 -36.12
C ALA C 111 -3.99 -47.65 -35.05
N GLY C 112 -4.29 -48.85 -34.56
CA GLY C 112 -3.53 -49.49 -33.50
C GLY C 112 -3.98 -49.00 -32.14
N THR C 113 -3.05 -49.10 -31.20
CA THR C 113 -3.33 -48.77 -29.82
C THR C 113 -2.18 -47.99 -29.19
N THR C 114 -1.24 -47.51 -30.02
CA THR C 114 -0.08 -46.79 -29.56
C THR C 114 0.03 -45.45 -30.30
N LEU C 115 0.90 -44.58 -29.80
CA LEU C 115 1.26 -43.38 -30.54
C LEU C 115 2.00 -43.79 -31.80
N LYS C 116 2.96 -44.71 -31.67
CA LYS C 116 3.78 -45.15 -32.77
C LYS C 116 2.92 -45.66 -33.92
N GLU C 117 1.99 -46.56 -33.60
CA GLU C 117 1.14 -47.20 -34.60
C GLU C 117 0.29 -46.17 -35.34
N ALA C 118 -0.27 -45.19 -34.60
CA ALA C 118 -1.13 -44.15 -35.14
C ALA C 118 -0.35 -43.18 -36.04
N GLN C 119 0.93 -42.92 -35.71
CA GLN C 119 1.80 -42.05 -36.50
C GLN C 119 2.08 -42.70 -37.86
N LEU C 120 2.27 -44.02 -37.89
CA LEU C 120 2.67 -44.71 -39.10
C LEU C 120 1.49 -44.95 -40.02
N ALA C 121 0.28 -44.96 -39.46
CA ALA C 121 -0.92 -45.11 -40.25
C ALA C 121 -1.21 -43.83 -41.03
N VAL C 122 -1.23 -42.70 -40.31
CA VAL C 122 -1.54 -41.41 -40.91
C VAL C 122 -0.48 -41.03 -41.92
N ALA C 123 0.78 -41.33 -41.62
CA ALA C 123 1.90 -40.99 -42.48
C ALA C 123 1.81 -41.77 -43.79
N LYS C 124 1.74 -43.11 -43.67
CA LYS C 124 1.68 -43.99 -44.82
C LYS C 124 0.49 -43.63 -45.70
N LYS C 125 -0.65 -43.30 -45.05
CA LYS C 125 -1.88 -43.03 -45.77
C LYS C 125 -1.89 -41.62 -46.36
N HIS C 126 -1.55 -40.60 -45.54
CA HIS C 126 -1.86 -39.23 -45.88
C HIS C 126 -0.63 -38.37 -46.17
N PHE C 127 0.59 -38.77 -45.74
CA PHE C 127 1.82 -38.08 -46.14
C PHE C 127 2.96 -39.10 -46.27
N PRO C 128 2.78 -40.12 -47.14
CA PRO C 128 3.81 -41.15 -47.36
C PRO C 128 5.10 -40.54 -47.86
N SER C 129 6.21 -41.17 -47.43
CA SER C 129 7.53 -40.62 -47.68
C SER C 129 7.93 -40.82 -49.15
N SER C 130 8.71 -39.86 -49.69
CA SER C 130 9.09 -39.83 -51.09
C SER C 130 10.00 -41.02 -51.44
N GLY C 131 10.72 -41.54 -50.44
CA GLY C 131 11.74 -42.54 -50.68
C GLY C 131 13.12 -41.91 -50.84
N GLN C 132 13.22 -40.60 -50.61
CA GLN C 132 14.46 -39.85 -50.76
C GLN C 132 14.65 -38.86 -49.63
N ILE C 133 15.87 -38.33 -49.55
CA ILE C 133 16.29 -37.43 -48.48
C ILE C 133 16.94 -36.19 -49.10
N PRO C 134 17.31 -35.16 -48.30
CA PRO C 134 18.16 -34.09 -48.80
C PRO C 134 19.58 -34.62 -48.87
N LYS C 135 20.55 -33.73 -49.09
CA LYS C 135 21.93 -34.16 -49.11
C LYS C 135 22.28 -34.82 -47.78
N GLU C 136 23.21 -35.78 -47.85
CA GLU C 136 23.70 -36.49 -46.69
C GLU C 136 24.64 -35.59 -45.88
N GLU C 137 25.18 -34.55 -46.52
CA GLU C 137 26.08 -33.61 -45.86
C GLU C 137 25.35 -32.84 -44.75
N PHE C 138 24.01 -32.77 -44.83
CA PHE C 138 23.21 -32.03 -43.87
C PHE C 138 23.34 -32.67 -42.49
N PHE C 139 23.28 -34.02 -42.51
CA PHE C 139 23.27 -34.85 -41.32
C PHE C 139 24.68 -35.01 -40.76
N SER C 140 25.69 -35.07 -41.66
CA SER C 140 27.08 -35.28 -41.27
C SER C 140 27.66 -34.02 -40.64
N LEU C 141 27.28 -32.87 -41.19
CA LEU C 141 27.98 -31.62 -40.93
C LEU C 141 27.09 -30.67 -40.16
N PRO C 142 27.75 -29.85 -39.29
CA PRO C 142 27.10 -28.69 -38.71
C PRO C 142 26.83 -27.57 -39.72
N GLN C 143 25.85 -26.73 -39.35
CA GLN C 143 25.46 -25.59 -40.14
C GLN C 143 25.87 -24.33 -39.38
N TYR C 144 26.43 -23.37 -40.11
CA TYR C 144 26.95 -22.16 -39.49
C TYR C 144 26.30 -20.93 -40.11
N ASN C 145 25.41 -20.33 -39.32
CA ASN C 145 24.60 -19.25 -39.82
C ASN C 145 25.23 -17.93 -39.39
N THR C 146 25.30 -17.01 -40.33
CA THR C 146 26.00 -15.75 -40.10
C THR C 146 25.08 -14.74 -39.43
N TRP C 147 23.84 -15.15 -39.10
CA TRP C 147 22.82 -14.22 -38.64
C TRP C 147 23.26 -13.53 -37.35
N ILE C 148 23.75 -14.30 -36.37
CA ILE C 148 24.00 -13.74 -35.05
C ILE C 148 25.21 -12.84 -35.14
N GLU C 149 26.15 -13.19 -36.01
CA GLU C 149 27.44 -12.50 -36.03
C GLU C 149 27.39 -11.24 -36.89
N LEU C 150 27.02 -11.38 -38.18
CA LEU C 150 27.05 -10.27 -39.11
C LEU C 150 25.67 -9.63 -39.29
N MET C 151 24.61 -10.28 -38.77
CA MET C 151 23.24 -9.76 -38.82
C MET C 151 22.90 -9.30 -40.23
N TYR C 152 22.50 -8.03 -40.42
CA TYR C 152 22.07 -7.60 -41.75
C TYR C 152 23.27 -7.17 -42.57
N ASP C 153 24.39 -6.84 -41.89
CA ASP C 153 25.62 -6.40 -42.54
C ASP C 153 26.43 -7.59 -43.06
N GLN C 154 25.87 -8.26 -44.06
CA GLN C 154 26.49 -9.43 -44.66
C GLN C 154 27.57 -8.97 -45.64
N ASN C 155 28.84 -9.28 -45.34
CA ASN C 155 29.95 -8.90 -46.20
C ASN C 155 30.97 -10.02 -46.26
N GLN C 156 31.70 -10.05 -47.37
CA GLN C 156 32.62 -11.11 -47.71
C GLN C 156 33.69 -11.23 -46.63
N ARG C 157 34.21 -10.08 -46.19
CA ARG C 157 35.30 -10.00 -45.24
C ARG C 157 35.00 -10.86 -44.02
N ASP C 158 33.91 -10.52 -43.31
CA ASP C 158 33.59 -11.09 -42.00
C ASP C 158 33.08 -12.53 -42.14
N ILE C 159 32.56 -12.86 -43.32
CA ILE C 159 32.17 -14.23 -43.64
C ILE C 159 33.42 -15.11 -43.66
N MET C 160 34.50 -14.57 -44.23
CA MET C 160 35.71 -15.35 -44.35
C MET C 160 36.46 -15.36 -43.01
N GLN C 161 36.26 -14.35 -42.17
CA GLN C 161 36.83 -14.35 -40.84
C GLN C 161 36.19 -15.44 -40.00
N TYR C 162 34.86 -15.49 -40.06
CA TYR C 162 34.06 -16.51 -39.40
C TYR C 162 34.49 -17.91 -39.88
N ALA C 163 34.58 -18.07 -41.21
CA ALA C 163 34.85 -19.34 -41.84
C ALA C 163 36.22 -19.89 -41.41
N HIS C 164 37.22 -19.00 -41.28
CA HIS C 164 38.56 -19.35 -40.82
C HIS C 164 38.50 -19.69 -39.33
N LYS C 165 37.81 -18.87 -38.54
CA LYS C 165 37.74 -19.09 -37.10
C LYS C 165 37.03 -20.41 -36.75
N VAL C 166 36.11 -20.87 -37.61
CA VAL C 166 35.54 -22.20 -37.46
C VAL C 166 36.68 -23.20 -37.45
N VAL C 167 37.53 -23.11 -38.49
CA VAL C 167 38.64 -24.03 -38.73
C VAL C 167 39.67 -23.88 -37.62
N GLU C 168 40.19 -22.66 -37.44
CA GLU C 168 41.25 -22.35 -36.49
C GLU C 168 40.93 -22.92 -35.11
N ASN C 169 39.66 -22.81 -34.70
CA ASN C 169 39.22 -23.25 -33.39
C ASN C 169 38.74 -24.70 -33.45
N GLY C 170 39.10 -25.44 -34.50
CA GLY C 170 38.95 -26.88 -34.57
C GLY C 170 37.50 -27.34 -34.65
N PHE C 171 36.60 -26.43 -35.04
CA PHE C 171 35.22 -26.82 -35.33
C PHE C 171 35.18 -27.39 -36.74
N PRO C 172 34.30 -28.40 -36.98
CA PRO C 172 34.20 -29.05 -38.27
C PRO C 172 33.57 -28.16 -39.34
N GLN C 173 33.86 -28.52 -40.60
CA GLN C 173 33.35 -27.83 -41.76
C GLN C 173 31.96 -28.35 -41.98
N GLY C 174 31.11 -27.48 -42.55
CA GLY C 174 29.77 -27.90 -42.89
C GLY C 174 29.11 -26.83 -43.75
N VAL C 175 27.79 -26.74 -43.65
CA VAL C 175 27.03 -25.87 -44.54
C VAL C 175 27.01 -24.47 -43.94
N PHE C 176 27.64 -23.55 -44.68
CA PHE C 176 27.72 -22.16 -44.31
C PHE C 176 26.48 -21.47 -44.89
N MET C 177 25.56 -21.09 -44.01
CA MET C 177 24.34 -20.43 -44.45
C MET C 177 24.42 -18.93 -44.21
N ILE C 178 24.77 -18.19 -45.28
CA ILE C 178 24.74 -16.73 -45.25
C ILE C 178 23.29 -16.28 -45.20
N ASP C 179 22.98 -15.42 -44.22
CA ASP C 179 21.59 -15.12 -43.90
C ASP C 179 21.23 -13.81 -44.58
N ASP C 180 20.11 -13.20 -44.17
CA ASP C 180 19.49 -12.07 -44.84
C ASP C 180 20.45 -10.91 -45.13
N ASN C 181 20.26 -10.22 -46.29
CA ASN C 181 20.89 -8.94 -46.63
C ASN C 181 22.23 -9.07 -47.38
N TRP C 182 22.52 -10.24 -47.93
CA TRP C 182 23.62 -10.38 -48.86
C TRP C 182 23.19 -9.79 -50.21
N GLN C 183 21.90 -9.90 -50.51
CA GLN C 183 21.32 -9.48 -51.77
C GLN C 183 21.33 -7.94 -51.85
N ARG C 184 21.27 -7.40 -53.05
CA ARG C 184 21.25 -5.96 -53.23
C ARG C 184 20.01 -5.38 -52.56
N TYR C 185 18.86 -6.02 -52.82
CA TYR C 185 17.62 -5.78 -52.08
C TYR C 185 16.72 -7.00 -52.27
N TYR C 186 15.54 -6.95 -51.63
CA TYR C 186 14.60 -8.06 -51.62
C TYR C 186 13.99 -8.22 -53.02
N GLY C 187 14.17 -9.42 -53.59
CA GLY C 187 13.78 -9.64 -54.97
C GLY C 187 14.99 -9.80 -55.87
N ASN C 188 16.09 -9.12 -55.54
CA ASN C 188 17.32 -9.20 -56.31
C ASN C 188 18.12 -10.40 -55.81
N PHE C 189 18.73 -11.14 -56.75
CA PHE C 189 19.50 -12.34 -56.41
C PHE C 189 20.97 -12.21 -56.85
N ASP C 190 21.47 -10.98 -56.80
CA ASP C 190 22.89 -10.70 -56.85
C ASP C 190 23.32 -10.23 -55.48
N PHE C 191 24.64 -10.28 -55.23
CA PHE C 191 25.21 -9.81 -54.00
C PHE C 191 25.33 -8.29 -54.05
N LYS C 192 25.34 -7.66 -52.88
CA LYS C 192 25.81 -6.28 -52.76
C LYS C 192 27.29 -6.25 -53.10
N PRO C 193 27.71 -5.62 -54.22
CA PRO C 193 29.12 -5.66 -54.61
C PRO C 193 30.03 -4.74 -53.78
N GLU C 194 29.43 -3.79 -53.04
CA GLU C 194 30.17 -2.96 -52.11
C GLU C 194 30.56 -3.80 -50.89
N LYS C 195 29.91 -4.96 -50.70
CA LYS C 195 30.17 -5.87 -49.61
C LYS C 195 30.88 -7.14 -50.09
N PHE C 196 30.72 -7.46 -51.38
CA PHE C 196 31.28 -8.67 -51.94
C PHE C 196 32.12 -8.33 -53.17
N PRO C 197 33.42 -7.98 -52.97
CA PRO C 197 34.29 -7.61 -54.08
C PRO C 197 34.58 -8.76 -55.05
N ASP C 198 34.48 -10.01 -54.58
CA ASP C 198 34.61 -11.19 -55.43
C ASP C 198 33.89 -12.37 -54.79
N PRO C 199 32.55 -12.46 -54.98
CA PRO C 199 31.74 -13.50 -54.35
C PRO C 199 31.89 -14.89 -54.97
N LYS C 200 32.17 -14.93 -56.28
CA LYS C 200 32.44 -16.19 -56.94
C LYS C 200 33.72 -16.82 -56.36
N GLY C 201 34.74 -15.99 -56.13
CA GLY C 201 36.01 -16.42 -55.57
C GLY C 201 35.91 -16.80 -54.09
N MET C 202 35.06 -16.07 -53.36
CA MET C 202 34.75 -16.38 -51.97
C MET C 202 34.09 -17.75 -51.86
N THR C 203 33.26 -18.10 -52.85
CA THR C 203 32.60 -19.39 -52.88
C THR C 203 33.62 -20.51 -53.13
N ASP C 204 34.52 -20.30 -54.11
CA ASP C 204 35.58 -21.24 -54.37
C ASP C 204 36.45 -21.45 -53.13
N GLU C 205 36.84 -20.34 -52.52
CA GLU C 205 37.64 -20.36 -51.30
C GLU C 205 37.00 -21.26 -50.24
N LEU C 206 35.68 -21.11 -50.04
CA LEU C 206 34.96 -21.89 -49.04
C LEU C 206 34.84 -23.35 -49.48
N HIS C 207 34.75 -23.58 -50.79
CA HIS C 207 34.72 -24.93 -51.35
C HIS C 207 36.06 -25.64 -51.14
N ARG C 208 37.16 -24.90 -51.36
CA ARG C 208 38.50 -25.42 -51.15
C ARG C 208 38.73 -25.73 -49.67
N MET C 209 38.08 -24.96 -48.79
CA MET C 209 38.20 -25.22 -47.36
C MET C 209 37.30 -26.37 -46.91
N GLY C 210 36.49 -26.93 -47.83
CA GLY C 210 35.67 -28.10 -47.54
C GLY C 210 34.28 -27.77 -46.96
N PHE C 211 33.82 -26.53 -47.18
CA PHE C 211 32.48 -26.08 -46.79
C PHE C 211 31.49 -26.26 -47.95
N LYS C 212 30.20 -26.09 -47.64
CA LYS C 212 29.17 -25.79 -48.62
C LYS C 212 28.58 -24.41 -48.31
N VAL C 213 27.89 -23.77 -49.29
CA VAL C 213 27.34 -22.45 -49.10
C VAL C 213 25.86 -22.40 -49.51
N MET C 214 25.04 -21.72 -48.70
CA MET C 214 23.60 -21.60 -48.92
C MET C 214 23.18 -20.16 -48.64
N LEU C 215 22.22 -19.65 -49.42
CA LEU C 215 21.86 -18.23 -49.35
C LEU C 215 20.40 -18.05 -48.95
N TRP C 216 20.18 -17.04 -48.10
CA TRP C 216 18.86 -16.73 -47.56
C TRP C 216 18.01 -16.05 -48.62
N ILE C 217 16.78 -16.53 -48.75
CA ILE C 217 15.82 -15.99 -49.70
C ILE C 217 14.43 -16.02 -49.06
N ALA C 218 13.54 -15.21 -49.63
CA ALA C 218 12.16 -15.14 -49.20
C ALA C 218 11.33 -14.70 -50.39
N PRO C 219 9.99 -14.93 -50.39
CA PRO C 219 9.14 -14.52 -51.50
C PRO C 219 8.89 -13.02 -51.64
N TYR C 220 9.46 -12.25 -50.69
CA TYR C 220 9.23 -10.83 -50.60
C TYR C 220 10.10 -10.11 -51.64
N VAL C 221 9.54 -9.03 -52.17
CA VAL C 221 10.13 -8.28 -53.26
C VAL C 221 9.99 -6.81 -52.92
N SER C 222 11.09 -6.05 -52.95
CA SER C 222 11.02 -4.59 -52.84
C SER C 222 9.85 -4.09 -53.68
N ALA C 223 8.98 -3.25 -53.12
CA ALA C 223 7.70 -2.97 -53.75
C ALA C 223 7.81 -1.89 -54.82
N ASP C 224 9.03 -1.33 -54.96
CA ASP C 224 9.40 -0.21 -55.82
C ASP C 224 10.68 -0.55 -56.60
N SER C 225 10.96 -1.86 -56.73
CA SER C 225 12.18 -2.32 -57.38
C SER C 225 11.94 -2.57 -58.87
N PRO C 226 13.00 -2.44 -59.70
CA PRO C 226 12.98 -2.93 -61.07
C PRO C 226 12.31 -4.30 -61.21
N GLU C 227 12.72 -5.24 -60.34
CA GLU C 227 12.26 -6.63 -60.37
C GLU C 227 10.78 -6.70 -60.02
N PHE C 228 10.33 -5.86 -59.10
CA PHE C 228 8.92 -5.76 -58.79
C PHE C 228 8.11 -5.46 -60.04
N ARG C 229 8.55 -4.46 -60.81
CA ARG C 229 7.81 -4.04 -61.99
C ARG C 229 7.74 -5.17 -63.01
N ILE C 230 8.88 -5.85 -63.18
CA ILE C 230 9.05 -6.93 -64.14
C ILE C 230 8.07 -8.06 -63.84
N LEU C 231 8.00 -8.41 -62.55
CA LEU C 231 7.17 -9.50 -62.06
C LEU C 231 5.69 -9.09 -62.15
N GLU C 232 5.44 -7.83 -61.76
CA GLU C 232 4.09 -7.28 -61.79
C GLU C 232 3.52 -7.37 -63.19
N LYS C 233 4.35 -7.03 -64.19
CA LYS C 233 3.99 -7.11 -65.59
C LYS C 233 3.56 -8.54 -65.90
N LYS C 234 4.35 -9.52 -65.44
CA LYS C 234 4.17 -10.91 -65.82
C LYS C 234 3.10 -11.59 -64.95
N GLY C 235 2.45 -10.82 -64.05
CA GLY C 235 1.41 -11.34 -63.17
C GLY C 235 1.97 -12.40 -62.22
N TYR C 236 3.26 -12.30 -61.90
CA TYR C 236 3.97 -13.28 -61.10
C TYR C 236 3.91 -12.87 -59.63
N LEU C 237 3.53 -11.60 -59.36
CA LEU C 237 3.39 -11.18 -57.97
C LEU C 237 2.05 -11.66 -57.47
N LEU C 238 1.94 -11.63 -56.14
CA LEU C 238 0.70 -12.01 -55.50
C LEU C 238 -0.20 -10.78 -55.58
N LYS C 239 -1.44 -11.05 -56.02
CA LYS C 239 -2.42 -10.04 -56.36
C LYS C 239 -3.45 -10.01 -55.25
N LYS C 240 -3.96 -8.82 -54.90
CA LYS C 240 -5.00 -8.74 -53.88
C LYS C 240 -6.34 -8.98 -54.54
N LYS C 241 -7.40 -9.21 -53.75
CA LYS C 241 -8.72 -9.53 -54.32
C LYS C 241 -9.38 -8.32 -54.99
N ASP C 242 -9.96 -7.42 -54.19
CA ASP C 242 -10.76 -6.35 -54.76
C ASP C 242 -9.84 -5.22 -55.24
N THR C 243 -8.74 -5.57 -55.90
CA THR C 243 -7.75 -4.58 -56.33
C THR C 243 -7.02 -5.10 -57.56
N GLY C 244 -6.79 -6.42 -57.62
CA GLY C 244 -5.97 -7.00 -58.68
C GLY C 244 -4.53 -6.48 -58.64
N GLN C 245 -4.34 -5.39 -57.91
CA GLN C 245 -3.04 -4.82 -57.65
C GLN C 245 -2.16 -5.80 -56.85
N PRO C 246 -0.82 -5.71 -56.98
CA PRO C 246 0.09 -6.51 -56.17
C PRO C 246 -0.19 -6.41 -54.67
N ALA C 247 -0.23 -7.57 -54.02
CA ALA C 247 -0.43 -7.67 -52.59
C ALA C 247 0.87 -7.32 -51.86
N ILE C 248 0.71 -6.41 -50.89
CA ILE C 248 1.78 -5.84 -50.08
C ILE C 248 1.73 -6.49 -48.72
N ILE C 249 2.75 -7.29 -48.42
CA ILE C 249 2.81 -8.01 -47.15
C ILE C 249 3.62 -7.23 -46.12
N HIS C 250 3.04 -7.07 -44.90
CA HIS C 250 3.77 -6.64 -43.73
C HIS C 250 4.25 -7.89 -43.04
N TRP C 251 5.58 -7.98 -43.01
CA TRP C 251 6.32 -9.08 -42.43
C TRP C 251 7.38 -8.50 -41.50
N TRP C 252 8.20 -9.41 -40.96
CA TRP C 252 9.10 -9.06 -39.87
C TRP C 252 10.14 -8.03 -40.30
N ASN C 253 10.39 -7.91 -41.63
CA ASN C 253 11.41 -6.95 -42.06
C ASN C 253 10.85 -5.66 -42.64
N GLY C 254 9.50 -5.56 -42.73
CA GLY C 254 8.84 -4.37 -43.23
C GLY C 254 7.69 -4.71 -44.18
N PHE C 255 7.53 -3.87 -45.24
CA PHE C 255 6.52 -4.16 -46.25
C PHE C 255 7.14 -4.44 -47.60
N SER C 256 6.63 -5.51 -48.20
CA SER C 256 7.14 -5.94 -49.48
C SER C 256 5.96 -6.44 -50.31
N ALA C 257 6.09 -6.34 -51.62
CA ALA C 257 5.30 -7.13 -52.53
C ALA C 257 5.70 -8.59 -52.36
N CYS C 258 5.17 -9.46 -53.19
CA CYS C 258 5.44 -10.86 -52.94
C CYS C 258 5.10 -11.69 -54.16
N TYR C 259 6.00 -12.67 -54.41
CA TYR C 259 5.86 -13.72 -55.42
C TYR C 259 4.59 -14.52 -55.11
N ASP C 260 3.71 -14.63 -56.10
CA ASP C 260 2.61 -15.59 -56.06
C ASP C 260 3.19 -16.99 -56.28
N THR C 261 3.15 -17.81 -55.25
CA THR C 261 3.74 -19.14 -55.29
C THR C 261 2.77 -20.12 -55.94
N THR C 262 1.48 -19.74 -56.03
CA THR C 262 0.48 -20.56 -56.69
C THR C 262 0.60 -20.41 -58.21
N ASN C 263 1.14 -19.29 -58.65
CA ASN C 263 1.55 -19.15 -60.03
C ASN C 263 2.77 -20.04 -60.30
N PRO C 264 2.59 -21.11 -61.09
CA PRO C 264 3.70 -22.06 -61.34
C PRO C 264 4.75 -21.48 -62.28
N GLU C 265 4.30 -20.60 -63.18
CA GLU C 265 5.23 -19.95 -64.09
C GLU C 265 6.06 -18.94 -63.34
N ALA C 266 5.46 -18.39 -62.26
CA ALA C 266 6.17 -17.47 -61.40
C ALA C 266 7.28 -18.22 -60.65
N MET C 267 6.94 -19.44 -60.22
CA MET C 267 7.86 -20.31 -59.50
C MET C 267 8.85 -20.94 -60.47
N GLU C 268 8.40 -21.17 -61.72
CA GLU C 268 9.25 -21.64 -62.81
C GLU C 268 10.37 -20.63 -63.02
N TYR C 269 9.95 -19.35 -63.10
CA TYR C 269 10.86 -18.25 -63.34
C TYR C 269 11.79 -18.10 -62.17
N LEU C 270 11.20 -18.07 -60.96
CA LEU C 270 11.96 -17.93 -59.74
C LEU C 270 12.97 -19.06 -59.61
N LYS C 271 12.63 -20.24 -60.12
CA LYS C 271 13.54 -21.37 -60.02
C LYS C 271 14.80 -21.06 -60.83
N GLN C 272 14.60 -20.51 -62.04
CA GLN C 272 15.71 -20.17 -62.92
C GLN C 272 16.48 -18.97 -62.40
N GLN C 273 15.79 -18.12 -61.63
CA GLN C 273 16.39 -16.98 -60.95
C GLN C 273 17.54 -17.45 -60.08
N LEU C 274 17.25 -18.56 -59.38
CA LEU C 274 18.11 -19.07 -58.33
C LEU C 274 19.23 -19.90 -58.95
N ARG C 275 18.92 -20.67 -60.01
CA ARG C 275 19.91 -21.51 -60.67
C ARG C 275 21.01 -20.65 -61.28
N ALA C 276 20.61 -19.51 -61.82
CA ALA C 276 21.52 -18.52 -62.38
C ALA C 276 22.49 -18.03 -61.31
N ASN C 277 21.96 -17.83 -60.10
CA ASN C 277 22.77 -17.52 -58.92
C ASN C 277 23.77 -18.64 -58.66
N GLN C 278 23.31 -19.89 -58.72
CA GLN C 278 24.13 -21.04 -58.39
C GLN C 278 25.32 -21.18 -59.37
N GLU C 279 25.09 -20.96 -60.67
CA GLU C 279 26.18 -21.00 -61.65
C GLU C 279 27.07 -19.78 -61.44
N LYS C 280 26.44 -18.59 -61.43
CA LYS C 280 27.14 -17.33 -61.42
C LYS C 280 28.09 -17.25 -60.24
N TYR C 281 27.60 -17.57 -59.04
CA TYR C 281 28.35 -17.34 -57.81
C TYR C 281 28.96 -18.63 -57.25
N GLY C 282 28.31 -19.76 -57.52
CA GLY C 282 28.81 -21.07 -57.09
C GLY C 282 28.10 -21.58 -55.85
N ILE C 283 26.85 -21.16 -55.67
CA ILE C 283 26.07 -21.47 -54.49
C ILE C 283 25.51 -22.89 -54.60
N ASP C 284 25.47 -23.59 -53.45
CA ASP C 284 25.08 -25.00 -53.38
C ASP C 284 23.57 -25.14 -53.15
N GLY C 285 22.97 -24.18 -52.42
CA GLY C 285 21.53 -24.22 -52.20
C GLY C 285 21.02 -22.91 -51.60
N PHE C 286 19.77 -22.96 -51.09
CA PHE C 286 19.14 -21.77 -50.54
C PHE C 286 18.38 -22.07 -49.26
N LYS C 287 18.43 -21.08 -48.35
CA LYS C 287 17.57 -21.06 -47.19
C LYS C 287 16.28 -20.30 -47.53
N PHE C 288 15.16 -21.00 -47.51
CA PHE C 288 13.87 -20.46 -47.87
C PHE C 288 13.14 -20.03 -46.60
N ASP C 289 12.93 -18.72 -46.47
CA ASP C 289 12.19 -18.21 -45.33
C ASP C 289 10.95 -17.41 -45.75
N GLY C 290 9.87 -17.40 -44.91
CA GLY C 290 8.89 -16.33 -45.01
C GLY C 290 7.64 -16.62 -45.81
N ALA C 291 7.19 -17.86 -45.78
CA ALA C 291 5.90 -18.08 -46.42
C ALA C 291 4.80 -18.03 -45.36
N ASP C 292 5.00 -17.24 -44.31
CA ASP C 292 4.16 -17.34 -43.14
C ASP C 292 2.76 -16.95 -43.53
N ILE C 293 1.81 -17.86 -43.23
CA ILE C 293 0.39 -17.60 -43.39
C ILE C 293 -0.01 -16.66 -42.26
N SER C 294 0.92 -16.51 -41.30
CA SER C 294 0.79 -15.61 -40.18
C SER C 294 0.66 -14.14 -40.64
N TYR C 295 1.26 -13.81 -41.78
CA TYR C 295 1.15 -12.48 -42.35
C TYR C 295 -0.12 -12.34 -43.20
N MET C 296 -0.55 -13.43 -43.83
CA MET C 296 -1.65 -13.37 -44.77
C MET C 296 -3.02 -13.48 -44.11
N THR C 297 -4.04 -12.82 -44.69
CA THR C 297 -5.41 -12.89 -44.22
C THR C 297 -6.29 -13.60 -45.26
N PRO C 298 -6.67 -14.88 -45.04
CA PRO C 298 -7.31 -15.73 -46.05
C PRO C 298 -8.45 -15.11 -46.85
N GLY C 299 -8.33 -15.28 -48.19
CA GLY C 299 -9.32 -14.89 -49.20
C GLY C 299 -9.11 -13.49 -49.79
N GLU C 300 -8.29 -12.63 -49.17
CA GLU C 300 -8.08 -11.28 -49.67
C GLU C 300 -7.18 -11.27 -50.89
N TYR C 301 -6.73 -12.44 -51.37
CA TYR C 301 -5.75 -12.53 -52.44
C TYR C 301 -6.39 -13.23 -53.65
N ASP C 302 -6.08 -12.76 -54.87
CA ASP C 302 -6.37 -13.46 -56.10
C ASP C 302 -5.19 -14.33 -56.47
N PHE C 303 -5.21 -15.53 -55.92
CA PHE C 303 -4.19 -16.50 -56.20
C PHE C 303 -4.36 -16.90 -57.67
N TYR C 304 -3.25 -17.32 -58.30
CA TYR C 304 -3.28 -17.92 -59.62
C TYR C 304 -4.15 -19.17 -59.56
N ASP C 305 -3.76 -20.13 -58.69
CA ASP C 305 -4.61 -21.26 -58.30
C ASP C 305 -5.82 -20.64 -57.58
N LYS C 306 -7.03 -20.78 -58.16
CA LYS C 306 -8.25 -20.23 -57.57
C LYS C 306 -8.82 -21.20 -56.53
N ASP C 307 -8.25 -22.41 -56.44
CA ASP C 307 -8.54 -23.37 -55.39
C ASP C 307 -7.59 -23.20 -54.20
N ALA C 308 -6.73 -22.17 -54.21
CA ALA C 308 -5.64 -22.06 -53.25
C ALA C 308 -6.04 -21.23 -52.05
N THR C 309 -5.50 -21.61 -50.88
CA THR C 309 -5.64 -20.88 -49.64
C THR C 309 -4.29 -20.26 -49.35
N PRO C 310 -4.12 -19.46 -48.25
CA PRO C 310 -2.79 -19.02 -47.82
C PRO C 310 -1.88 -20.20 -47.47
N ASN C 311 -2.49 -21.26 -46.92
CA ASN C 311 -1.79 -22.47 -46.58
C ASN C 311 -1.17 -23.06 -47.85
N THR C 312 -1.94 -23.06 -48.95
CA THR C 312 -1.48 -23.59 -50.23
C THR C 312 -0.20 -22.85 -50.62
N PHE C 313 -0.29 -21.51 -50.52
CA PHE C 313 0.82 -20.61 -50.82
C PHE C 313 2.05 -21.03 -50.02
N MET C 314 1.84 -21.26 -48.72
CA MET C 314 2.95 -21.61 -47.84
C MET C 314 3.57 -22.93 -48.27
N GLU C 315 2.74 -23.83 -48.80
CA GLU C 315 3.16 -25.16 -49.22
C GLU C 315 3.99 -25.04 -50.51
N LYS C 316 3.68 -24.04 -51.32
CA LYS C 316 4.29 -23.90 -52.62
C LYS C 316 5.66 -23.23 -52.52
N TRP C 317 5.82 -22.32 -51.54
CA TRP C 317 7.13 -21.72 -51.28
C TRP C 317 8.10 -22.81 -50.86
N ALA C 318 7.60 -23.75 -50.06
CA ALA C 318 8.40 -24.83 -49.50
C ALA C 318 8.72 -25.88 -50.56
N ALA C 319 7.73 -26.15 -51.45
CA ALA C 319 7.87 -27.16 -52.49
C ALA C 319 9.04 -26.81 -53.41
N LEU C 320 9.28 -25.51 -53.50
CA LEU C 320 10.36 -24.95 -54.29
C LEU C 320 11.73 -25.54 -53.87
N GLY C 321 11.82 -25.98 -52.62
CA GLY C 321 13.06 -26.55 -52.12
C GLY C 321 13.30 -27.97 -52.61
N LEU C 322 12.24 -28.62 -53.12
CA LEU C 322 12.37 -29.96 -53.68
C LEU C 322 13.32 -29.89 -54.87
N SER C 323 13.31 -28.74 -55.55
CA SER C 323 14.09 -28.54 -56.76
C SER C 323 15.55 -28.23 -56.45
N PHE C 324 15.92 -28.15 -55.16
CA PHE C 324 17.28 -27.84 -54.78
C PHE C 324 17.70 -28.81 -53.66
N PRO C 325 18.73 -29.66 -53.88
CA PRO C 325 19.08 -30.69 -52.92
C PRO C 325 19.61 -30.09 -51.61
N TYR C 326 20.34 -28.99 -51.77
CA TYR C 326 20.67 -28.12 -50.67
C TYR C 326 19.51 -27.13 -50.54
N ASN C 327 18.74 -27.34 -49.47
CA ASN C 327 17.60 -26.51 -49.15
C ASN C 327 17.37 -26.54 -47.65
N GLU C 328 16.88 -25.42 -47.12
CA GLU C 328 16.43 -25.40 -45.75
C GLU C 328 15.24 -24.46 -45.69
N LEU C 329 14.21 -24.84 -44.94
CA LEU C 329 13.02 -24.00 -44.79
C LEU C 329 12.65 -23.90 -43.31
N ARG C 330 11.43 -23.44 -43.03
CA ARG C 330 10.97 -23.24 -41.67
C ARG C 330 9.47 -23.05 -41.72
N ALA C 331 9.01 -22.17 -42.62
CA ALA C 331 7.58 -22.01 -42.87
C ALA C 331 7.12 -23.08 -43.85
N CYS C 332 6.07 -23.83 -43.51
CA CYS C 332 5.58 -24.94 -44.33
C CYS C 332 4.17 -25.42 -43.95
N TRP C 333 3.45 -25.98 -44.94
CA TRP C 333 2.17 -26.63 -44.79
C TRP C 333 2.19 -27.95 -45.55
N LYS C 334 1.97 -29.06 -44.83
CA LYS C 334 2.09 -30.42 -45.36
C LYS C 334 3.53 -30.60 -45.82
N LEU C 335 3.74 -31.33 -46.93
CA LEU C 335 5.07 -31.74 -47.40
C LEU C 335 5.75 -32.60 -46.34
N GLY C 336 4.94 -33.56 -45.85
CA GLY C 336 5.36 -34.60 -44.95
C GLY C 336 5.94 -35.76 -45.76
N GLY C 337 7.07 -36.27 -45.29
CA GLY C 337 7.72 -37.41 -45.91
C GLY C 337 8.80 -36.95 -46.90
N GLN C 338 8.89 -35.64 -47.07
CA GLN C 338 9.57 -35.10 -48.22
C GLN C 338 11.01 -34.75 -47.86
N ALA C 339 11.90 -34.90 -48.85
CA ALA C 339 13.31 -34.57 -48.74
C ALA C 339 13.51 -33.05 -48.59
N LEU C 340 13.15 -32.54 -47.42
CA LEU C 340 13.23 -31.12 -47.12
C LEU C 340 13.83 -30.95 -45.74
N VAL C 341 14.91 -30.17 -45.67
CA VAL C 341 15.41 -29.73 -44.39
C VAL C 341 14.37 -28.78 -43.79
N GLN C 342 14.03 -29.04 -42.52
CA GLN C 342 13.10 -28.21 -41.81
C GLN C 342 13.78 -27.68 -40.55
N ARG C 343 13.73 -26.37 -40.36
CA ARG C 343 14.28 -25.74 -39.17
C ARG C 343 13.14 -25.43 -38.20
N LEU C 344 13.50 -25.27 -36.94
CA LEU C 344 12.63 -24.72 -35.90
C LEU C 344 12.84 -23.20 -35.83
N GLY C 345 11.78 -22.47 -35.46
CA GLY C 345 11.84 -21.02 -35.38
C GLY C 345 13.01 -20.57 -34.51
N ASP C 346 13.65 -19.46 -34.88
CA ASP C 346 14.77 -18.91 -34.13
C ASP C 346 14.30 -18.51 -32.74
N LYS C 347 14.85 -19.18 -31.74
CA LYS C 347 14.37 -19.05 -30.38
C LYS C 347 15.04 -17.87 -29.69
N ASP C 348 14.75 -17.78 -28.41
CA ASP C 348 15.23 -16.77 -27.51
C ASP C 348 16.57 -17.20 -26.90
N TYR C 349 17.29 -16.26 -26.27
CA TYR C 349 18.41 -16.64 -25.40
C TYR C 349 17.95 -16.86 -23.96
N SER C 350 17.41 -18.05 -23.60
CA SER C 350 17.14 -18.41 -22.21
C SER C 350 16.94 -19.91 -22.08
N TRP C 351 17.01 -20.38 -20.82
CA TRP C 351 16.77 -21.77 -20.49
C TRP C 351 15.37 -22.16 -20.94
N ASN C 352 14.38 -21.32 -20.55
CA ASN C 352 12.98 -21.44 -20.91
C ASN C 352 12.84 -21.97 -22.35
N ALA C 353 13.55 -21.29 -23.26
CA ALA C 353 13.51 -21.56 -24.69
C ALA C 353 14.27 -22.86 -25.00
N THR C 354 15.40 -23.04 -24.28
CA THR C 354 16.28 -24.18 -24.51
C THR C 354 15.53 -25.49 -24.24
N ARG C 355 14.56 -25.44 -23.32
CA ARG C 355 13.87 -26.64 -22.89
C ARG C 355 12.89 -27.10 -23.97
N MET C 356 12.48 -26.17 -24.83
CA MET C 356 11.49 -26.45 -25.86
C MET C 356 12.09 -27.14 -27.09
N LEU C 357 13.44 -27.18 -27.22
CA LEU C 357 14.10 -27.73 -28.40
C LEU C 357 13.71 -29.19 -28.64
N ILE C 358 13.84 -30.00 -27.58
CA ILE C 358 13.63 -31.43 -27.73
C ILE C 358 12.19 -31.71 -28.17
N PRO C 359 11.16 -31.24 -27.40
CA PRO C 359 9.75 -31.55 -27.73
C PRO C 359 9.26 -30.94 -29.06
N ASP C 360 9.80 -29.79 -29.43
CA ASP C 360 9.54 -29.20 -30.74
C ASP C 360 10.15 -30.10 -31.82
N MET C 361 11.37 -30.58 -31.59
CA MET C 361 12.08 -31.43 -32.53
C MET C 361 11.37 -32.77 -32.69
N LEU C 362 10.77 -33.25 -31.60
CA LEU C 362 10.02 -34.50 -31.59
C LEU C 362 8.73 -34.36 -32.39
N ALA C 363 8.09 -33.18 -32.28
CA ALA C 363 6.81 -32.89 -32.91
C ALA C 363 6.96 -32.75 -34.42
N ALA C 364 8.15 -32.32 -34.84
CA ALA C 364 8.50 -32.29 -36.25
C ALA C 364 8.43 -33.70 -36.80
N GLY C 365 9.19 -34.61 -36.18
CA GLY C 365 9.21 -36.00 -36.56
C GLY C 365 7.80 -36.56 -36.72
N LEU C 366 7.01 -36.57 -35.63
CA LEU C 366 5.70 -37.18 -35.63
C LEU C 366 4.90 -36.72 -36.85
N LEU C 367 5.06 -35.45 -37.24
CA LEU C 367 4.19 -34.77 -38.21
C LEU C 367 4.76 -34.82 -39.63
N GLY C 368 5.83 -35.58 -39.86
CA GLY C 368 6.31 -35.85 -41.21
C GLY C 368 7.54 -35.03 -41.63
N TYR C 369 8.06 -34.22 -40.73
CA TYR C 369 9.23 -33.43 -41.02
C TYR C 369 10.44 -34.07 -40.39
N TYR C 370 10.80 -35.24 -40.91
CA TYR C 370 11.64 -36.18 -40.18
C TYR C 370 13.07 -35.64 -40.07
N TYR C 371 13.52 -35.05 -41.19
CA TYR C 371 14.85 -34.49 -41.33
C TYR C 371 14.76 -33.04 -40.85
N THR C 372 15.32 -32.84 -39.67
CA THR C 372 15.04 -31.67 -38.86
C THR C 372 16.36 -31.00 -38.41
N CYS C 373 16.51 -29.69 -38.65
CA CYS C 373 17.57 -28.90 -38.06
C CYS C 373 17.06 -28.22 -36.79
N PRO C 374 17.76 -28.35 -35.64
CA PRO C 374 17.24 -27.82 -34.37
C PRO C 374 17.59 -26.36 -34.12
N ASP C 375 17.15 -25.46 -35.00
CA ASP C 375 17.21 -24.04 -34.66
C ASP C 375 18.67 -23.70 -34.40
N MET C 376 18.95 -22.43 -34.09
CA MET C 376 20.33 -21.99 -33.91
C MET C 376 20.78 -22.27 -32.47
N ILE C 377 22.08 -22.58 -32.27
CA ILE C 377 22.61 -22.86 -30.94
C ILE C 377 22.67 -21.56 -30.14
N GLY C 378 22.33 -21.62 -28.85
CA GLY C 378 22.33 -20.46 -27.97
C GLY C 378 21.12 -19.53 -28.17
N GLY C 379 20.62 -19.43 -29.39
CA GLY C 379 19.53 -18.50 -29.69
C GLY C 379 19.70 -17.95 -31.11
N GLY C 380 18.58 -17.78 -31.80
CA GLY C 380 18.62 -17.30 -33.17
C GLY C 380 18.25 -15.81 -33.25
N GLN C 381 18.19 -15.16 -32.09
CA GLN C 381 17.93 -13.75 -32.02
C GLN C 381 19.20 -13.02 -31.56
N TYR C 382 19.72 -12.23 -32.50
CA TYR C 382 21.01 -11.56 -32.42
C TYR C 382 21.09 -10.53 -31.29
N SER C 383 19.93 -9.89 -31.02
CA SER C 383 19.87 -8.73 -30.15
C SER C 383 20.31 -9.06 -28.72
N ALA C 384 20.25 -10.36 -28.37
CA ALA C 384 20.61 -10.83 -27.03
C ALA C 384 22.11 -10.73 -26.81
N PHE C 385 22.94 -11.44 -27.61
CA PHE C 385 24.37 -11.52 -27.40
C PHE C 385 25.07 -10.21 -27.70
N LEU C 386 24.29 -9.16 -28.00
CA LEU C 386 24.86 -7.86 -28.32
C LEU C 386 24.99 -7.02 -27.06
N ASN C 387 25.97 -6.09 -27.01
CA ASN C 387 26.21 -5.23 -25.86
C ASN C 387 26.46 -6.07 -24.61
N VAL C 388 26.48 -7.40 -24.75
CA VAL C 388 26.67 -8.29 -23.61
C VAL C 388 28.10 -8.12 -23.12
N LYS C 389 28.31 -8.45 -21.84
CA LYS C 389 29.59 -8.29 -21.18
C LYS C 389 30.09 -9.64 -20.69
N GLU C 390 29.27 -10.34 -19.91
CA GLU C 390 29.67 -11.56 -19.22
C GLU C 390 28.65 -12.68 -19.48
N PHE C 391 28.95 -13.59 -20.41
CA PHE C 391 27.94 -14.53 -20.90
C PHE C 391 27.64 -15.62 -19.88
N ASP C 392 26.41 -16.15 -19.98
CA ASP C 392 26.05 -17.42 -19.35
C ASP C 392 26.47 -18.55 -20.28
N GLU C 393 27.69 -19.04 -20.05
CA GLU C 393 28.36 -19.92 -20.99
C GLU C 393 27.85 -21.35 -20.84
N GLU C 394 27.18 -21.68 -19.72
CA GLU C 394 26.68 -23.02 -19.51
C GLU C 394 25.55 -23.25 -20.49
N LEU C 395 24.62 -22.29 -20.59
CA LEU C 395 23.45 -22.41 -21.44
C LEU C 395 23.87 -22.75 -22.86
N ILE C 396 24.91 -22.08 -23.34
CA ILE C 396 25.42 -22.26 -24.68
C ILE C 396 25.86 -23.72 -24.86
N VAL C 397 26.64 -24.21 -23.89
CA VAL C 397 27.24 -25.53 -23.99
C VAL C 397 26.18 -26.61 -23.82
N ARG C 398 25.23 -26.41 -22.90
CA ARG C 398 24.17 -27.38 -22.68
C ARG C 398 23.26 -27.44 -23.90
N SER C 399 23.05 -26.26 -24.50
CA SER C 399 22.24 -26.11 -25.70
C SER C 399 22.93 -26.84 -26.85
N CYS C 400 24.27 -26.76 -26.90
CA CYS C 400 25.07 -27.46 -27.88
C CYS C 400 24.86 -28.97 -27.73
N GLN C 401 24.90 -29.46 -26.50
CA GLN C 401 24.84 -30.88 -26.23
C GLN C 401 23.55 -31.46 -26.80
N VAL C 402 22.46 -30.71 -26.68
CA VAL C 402 21.17 -31.16 -27.19
C VAL C 402 21.31 -31.52 -28.67
N HIS C 403 21.81 -30.55 -29.46
CA HIS C 403 22.00 -30.66 -30.89
C HIS C 403 22.88 -31.86 -31.27
N ALA C 404 23.88 -32.17 -30.43
CA ALA C 404 24.90 -33.15 -30.78
C ALA C 404 24.22 -34.42 -31.31
N LEU C 405 23.22 -34.91 -30.58
CA LEU C 405 22.58 -36.17 -30.93
C LEU C 405 21.21 -35.93 -31.58
N MET C 406 21.18 -34.96 -32.49
CA MET C 406 20.02 -34.69 -33.31
C MET C 406 20.42 -34.88 -34.77
N PRO C 407 19.44 -34.86 -35.71
CA PRO C 407 19.76 -35.13 -37.11
C PRO C 407 20.84 -34.17 -37.63
N MET C 408 20.71 -32.89 -37.30
CA MET C 408 21.62 -31.84 -37.76
C MET C 408 22.04 -31.01 -36.56
N MET C 409 22.83 -29.96 -36.77
CA MET C 409 23.34 -29.13 -35.69
C MET C 409 23.70 -27.74 -36.22
N GLN C 410 23.02 -26.71 -35.75
CA GLN C 410 23.19 -25.37 -36.29
C GLN C 410 23.79 -24.51 -35.20
N PHE C 411 24.90 -23.86 -35.52
CA PHE C 411 25.42 -22.77 -34.70
C PHE C 411 25.10 -21.45 -35.39
N SER C 412 25.27 -20.36 -34.67
CA SER C 412 25.14 -19.04 -35.29
C SER C 412 26.05 -18.06 -34.58
N VAL C 413 25.90 -18.04 -33.25
CA VAL C 413 26.82 -17.32 -32.40
C VAL C 413 28.19 -18.00 -32.45
N ALA C 414 29.22 -17.18 -32.25
CA ALA C 414 30.61 -17.59 -32.33
C ALA C 414 31.11 -18.01 -30.94
N PRO C 415 31.08 -19.35 -30.67
CA PRO C 415 31.55 -19.85 -29.37
C PRO C 415 32.93 -19.30 -28.98
N TRP C 416 33.82 -19.19 -29.96
CA TRP C 416 35.18 -18.72 -29.74
C TRP C 416 35.16 -17.26 -29.29
N ARG C 417 34.08 -16.52 -29.55
CA ARG C 417 34.00 -15.15 -29.11
C ARG C 417 33.38 -15.09 -27.70
N ILE C 418 32.27 -15.82 -27.51
CA ILE C 418 31.49 -15.65 -26.30
C ILE C 418 31.97 -16.57 -25.18
N LEU C 419 32.55 -17.72 -25.52
CA LEU C 419 32.93 -18.75 -24.53
C LEU C 419 34.40 -18.63 -24.14
N SER C 420 34.75 -19.33 -23.06
CA SER C 420 36.13 -19.62 -22.70
C SER C 420 36.67 -20.64 -23.68
N LYS C 421 38.00 -20.66 -23.83
CA LYS C 421 38.68 -21.56 -24.76
C LYS C 421 38.25 -23.00 -24.46
N GLU C 422 38.15 -23.27 -23.16
CA GLU C 422 37.78 -24.56 -22.65
C GLU C 422 36.42 -24.98 -23.17
N ASN C 423 35.45 -24.06 -23.02
CA ASN C 423 34.06 -24.30 -23.35
C ASN C 423 33.88 -24.40 -24.87
N ALA C 424 34.59 -23.56 -25.62
CA ALA C 424 34.64 -23.67 -27.06
C ALA C 424 35.00 -25.10 -27.46
N ASP C 425 36.11 -25.62 -26.90
CA ASP C 425 36.61 -26.94 -27.25
C ASP C 425 35.55 -28.00 -26.92
N ILE C 426 34.80 -27.77 -25.83
CA ILE C 426 33.72 -28.65 -25.40
C ILE C 426 32.70 -28.75 -26.53
N CYS C 427 32.26 -27.59 -27.04
CA CYS C 427 31.31 -27.50 -28.14
C CYS C 427 31.89 -28.17 -29.39
N ALA C 428 33.20 -27.97 -29.61
CA ALA C 428 33.92 -28.50 -30.76
C ALA C 428 34.01 -30.02 -30.71
N HIS C 429 34.11 -30.57 -29.49
CA HIS C 429 34.01 -31.99 -29.27
C HIS C 429 32.64 -32.45 -29.76
N TYR C 430 31.60 -31.77 -29.29
CA TYR C 430 30.24 -32.20 -29.51
C TYR C 430 29.86 -32.09 -30.98
N ALA C 431 30.46 -31.13 -31.69
CA ALA C 431 30.32 -31.06 -33.14
C ALA C 431 30.95 -32.30 -33.80
N HIS C 432 32.12 -32.72 -33.27
CA HIS C 432 32.83 -33.89 -33.76
C HIS C 432 32.12 -35.17 -33.31
N LEU C 433 31.33 -35.07 -32.25
CA LEU C 433 30.58 -36.19 -31.72
C LEU C 433 29.35 -36.43 -32.58
N HIS C 434 28.70 -35.33 -32.97
CA HIS C 434 27.63 -35.40 -33.95
C HIS C 434 28.14 -36.03 -35.24
N GLN C 435 29.32 -35.55 -35.65
CA GLN C 435 29.94 -35.97 -36.89
C GLN C 435 30.35 -37.44 -36.81
N LYS C 436 30.77 -37.88 -35.62
CA LYS C 436 31.03 -39.28 -35.36
C LYS C 436 29.74 -40.10 -35.53
N MET C 437 28.65 -39.60 -34.93
CA MET C 437 27.40 -40.33 -34.86
C MET C 437 26.68 -40.40 -36.21
N SER C 438 27.08 -39.54 -37.15
CA SER C 438 26.34 -39.31 -38.38
C SER C 438 26.16 -40.58 -39.20
N GLY C 439 27.06 -41.56 -39.12
CA GLY C 439 26.88 -42.81 -39.82
C GLY C 439 25.53 -43.44 -39.53
N TYR C 440 25.14 -43.40 -38.24
CA TYR C 440 23.89 -43.98 -37.75
C TYR C 440 22.70 -43.08 -38.10
N ILE C 441 22.92 -41.77 -38.06
CA ILE C 441 21.88 -40.82 -38.35
C ILE C 441 21.49 -40.95 -39.84
N LEU C 442 22.49 -41.06 -40.73
CA LEU C 442 22.30 -41.26 -42.15
C LEU C 442 21.51 -42.53 -42.42
N GLU C 443 21.82 -43.58 -41.67
CA GLU C 443 21.11 -44.84 -41.75
C GLU C 443 19.62 -44.64 -41.42
N LEU C 444 19.34 -43.89 -40.34
CA LEU C 444 17.98 -43.66 -39.82
C LEU C 444 17.10 -42.81 -40.74
N ALA C 445 17.76 -41.90 -41.47
CA ALA C 445 17.09 -40.99 -42.37
C ALA C 445 16.50 -41.76 -43.55
N LYS C 446 17.18 -42.82 -44.00
CA LYS C 446 16.67 -43.64 -45.07
C LYS C 446 15.51 -44.48 -44.55
N ARG C 447 15.57 -44.86 -43.27
CA ARG C 447 14.47 -45.56 -42.62
C ARG C 447 13.28 -44.61 -42.52
N ALA C 448 13.56 -43.33 -42.25
CA ALA C 448 12.50 -42.33 -42.20
C ALA C 448 11.89 -42.11 -43.59
N ALA C 449 12.76 -42.04 -44.62
CA ALA C 449 12.31 -41.67 -45.95
C ALA C 449 11.53 -42.80 -46.58
N GLU C 450 11.63 -44.01 -46.00
CA GLU C 450 11.09 -45.20 -46.65
C GLU C 450 9.93 -45.74 -45.81
N THR C 451 10.10 -45.85 -44.50
CA THR C 451 9.03 -46.32 -43.64
C THR C 451 8.16 -45.14 -43.21
N GLY C 452 8.79 -44.02 -42.85
CA GLY C 452 8.09 -42.89 -42.26
C GLY C 452 8.19 -42.88 -40.74
N GLU C 453 9.26 -43.49 -40.22
CA GLU C 453 9.62 -43.39 -38.82
C GLU C 453 10.55 -42.21 -38.64
N PRO C 454 10.22 -41.25 -37.74
CA PRO C 454 11.15 -40.19 -37.37
C PRO C 454 12.57 -40.69 -37.13
N ILE C 455 13.55 -39.79 -37.22
CA ILE C 455 14.89 -40.06 -36.75
C ILE C 455 14.88 -39.94 -35.24
N VAL C 456 14.32 -38.82 -34.75
CA VAL C 456 14.22 -38.54 -33.33
C VAL C 456 12.78 -38.78 -32.87
N ARG C 457 12.66 -39.64 -31.84
CA ARG C 457 11.41 -40.27 -31.45
C ARG C 457 11.12 -39.96 -29.97
N SER C 458 9.87 -39.65 -29.63
CA SER C 458 9.50 -39.48 -28.23
C SER C 458 9.61 -40.82 -27.52
N MET C 459 9.72 -40.77 -26.19
CA MET C 459 9.83 -41.97 -25.38
C MET C 459 8.51 -42.74 -25.52
N GLU C 460 7.38 -42.01 -25.50
CA GLU C 460 6.05 -42.60 -25.61
C GLU C 460 5.87 -43.27 -26.98
N TYR C 461 6.64 -42.80 -27.98
CA TYR C 461 6.61 -43.33 -29.33
C TYR C 461 7.14 -44.77 -29.29
N GLU C 462 8.38 -44.89 -28.79
CA GLU C 462 9.10 -46.15 -28.79
C GLU C 462 8.63 -47.08 -27.67
N TYR C 463 8.15 -46.50 -26.55
CA TYR C 463 7.74 -47.26 -25.37
C TYR C 463 6.38 -46.79 -24.87
N PRO C 464 5.30 -47.07 -25.63
CA PRO C 464 3.96 -46.54 -25.30
C PRO C 464 3.32 -47.18 -24.08
N HIS C 465 2.48 -46.38 -23.40
CA HIS C 465 1.73 -46.86 -22.23
C HIS C 465 2.66 -47.27 -21.08
N GLN C 466 3.92 -46.84 -21.13
CA GLN C 466 4.85 -47.11 -20.05
C GLN C 466 5.22 -45.80 -19.34
N GLY C 467 4.26 -44.87 -19.29
CA GLY C 467 4.37 -43.64 -18.50
C GLY C 467 5.44 -42.67 -18.98
N PHE C 468 5.68 -42.60 -20.29
CA PHE C 468 6.65 -41.67 -20.84
C PHE C 468 5.95 -40.59 -21.67
N THR C 469 4.68 -40.34 -21.32
CA THR C 469 3.75 -39.58 -22.12
C THR C 469 4.18 -38.12 -22.14
N ASP C 470 4.56 -37.56 -20.97
CA ASP C 470 4.95 -36.16 -20.88
C ASP C 470 6.44 -36.03 -20.60
N CYS C 471 7.22 -37.10 -20.80
CA CYS C 471 8.66 -37.00 -20.63
C CYS C 471 9.26 -36.25 -21.82
N LYS C 472 9.38 -34.91 -21.70
CA LYS C 472 9.79 -34.08 -22.82
C LYS C 472 11.26 -33.72 -22.73
N ASP C 473 11.98 -34.26 -21.74
CA ASP C 473 13.38 -33.86 -21.55
C ASP C 473 14.31 -35.04 -21.84
N GLN C 474 13.75 -36.07 -22.48
CA GLN C 474 14.60 -37.09 -23.07
C GLN C 474 13.85 -37.73 -24.24
N TYR C 475 14.66 -38.29 -25.14
CA TYR C 475 14.19 -38.81 -26.41
C TYR C 475 15.06 -39.97 -26.87
N MET C 476 14.56 -40.69 -27.87
CA MET C 476 15.28 -41.80 -28.47
C MET C 476 15.89 -41.32 -29.78
N LEU C 477 17.19 -41.53 -29.99
CA LEU C 477 17.79 -41.44 -31.31
C LEU C 477 17.72 -42.81 -32.00
N GLY C 478 16.77 -42.93 -32.93
CA GLY C 478 16.34 -44.21 -33.42
C GLY C 478 15.65 -45.00 -32.31
N ASP C 479 15.89 -46.32 -32.29
CA ASP C 479 15.40 -47.16 -31.22
C ASP C 479 16.60 -47.70 -30.47
N LYS C 480 17.75 -47.03 -30.58
CA LYS C 480 18.98 -47.53 -29.97
C LYS C 480 19.40 -46.66 -28.78
N TYR C 481 19.70 -45.38 -29.02
CA TYR C 481 20.23 -44.51 -28.00
C TYR C 481 19.15 -43.67 -27.33
N LEU C 482 18.99 -43.84 -26.01
CA LEU C 482 18.26 -42.91 -25.17
C LEU C 482 19.18 -41.74 -24.84
N VAL C 483 18.64 -40.52 -24.89
CA VAL C 483 19.42 -39.31 -24.67
C VAL C 483 18.71 -38.42 -23.66
N ALA C 484 19.39 -38.12 -22.56
CA ALA C 484 18.80 -37.32 -21.50
C ALA C 484 19.71 -36.12 -21.18
N PRO C 485 19.80 -35.14 -22.10
CA PRO C 485 20.75 -34.03 -21.94
C PRO C 485 20.32 -33.06 -20.85
N MET C 486 21.28 -32.23 -20.42
CA MET C 486 20.97 -31.26 -19.40
C MET C 486 20.30 -30.09 -20.12
N VAL C 487 19.19 -29.64 -19.51
CA VAL C 487 18.34 -28.56 -20.02
C VAL C 487 18.04 -27.56 -18.91
N THR C 488 18.87 -27.56 -17.87
CA THR C 488 18.74 -26.65 -16.73
C THR C 488 20.13 -26.44 -16.16
N PRO C 489 20.32 -25.42 -15.27
CA PRO C 489 21.64 -25.20 -14.71
C PRO C 489 21.97 -26.36 -13.78
N GLY C 490 23.18 -26.38 -13.20
CA GLY C 490 23.62 -27.42 -12.28
C GLY C 490 24.24 -28.62 -13.01
N VAL C 491 24.37 -29.76 -12.30
CA VAL C 491 25.10 -30.92 -12.81
C VAL C 491 24.41 -32.24 -12.44
N LYS C 492 23.10 -32.20 -12.16
CA LYS C 492 22.34 -33.39 -11.84
C LYS C 492 21.01 -33.41 -12.61
N ARG C 493 20.52 -34.62 -12.85
CA ARG C 493 19.41 -34.83 -13.76
C ARG C 493 18.73 -36.18 -13.52
N THR C 494 17.39 -36.18 -13.57
CA THR C 494 16.57 -37.39 -13.46
C THR C 494 16.50 -38.08 -14.82
N VAL C 495 16.48 -39.41 -14.82
CA VAL C 495 16.42 -40.17 -16.06
C VAL C 495 15.51 -41.39 -15.88
N LYS C 496 14.38 -41.45 -16.60
CA LYS C 496 13.56 -42.64 -16.69
C LYS C 496 14.10 -43.58 -17.77
N LEU C 497 14.63 -44.72 -17.33
CA LEU C 497 14.97 -45.80 -18.22
C LEU C 497 13.78 -46.74 -18.32
N PRO C 498 13.42 -47.21 -19.54
CA PRO C 498 12.41 -48.25 -19.70
C PRO C 498 13.06 -49.61 -19.57
N LYS C 499 12.26 -50.67 -19.79
CA LYS C 499 12.79 -52.02 -19.73
C LYS C 499 13.84 -52.20 -20.82
N GLY C 500 14.86 -53.02 -20.54
CA GLY C 500 15.96 -53.21 -21.48
C GLY C 500 17.31 -52.95 -20.82
N LYS C 501 18.37 -53.24 -21.57
CA LYS C 501 19.72 -53.16 -21.05
C LYS C 501 20.40 -51.90 -21.60
N TRP C 502 20.87 -51.01 -20.71
CA TRP C 502 21.25 -49.65 -21.05
C TRP C 502 22.69 -49.35 -20.63
N LYS C 503 23.58 -49.12 -21.60
CA LYS C 503 24.96 -48.73 -21.35
C LYS C 503 25.15 -47.23 -21.62
N ASP C 504 25.52 -46.46 -20.59
CA ASP C 504 25.76 -45.03 -20.77
C ASP C 504 27.04 -44.85 -21.61
N GLU C 505 27.38 -43.59 -21.87
CA GLU C 505 28.50 -43.29 -22.77
C GLU C 505 29.82 -43.60 -22.06
N ARG C 506 29.84 -43.45 -20.73
CA ARG C 506 30.99 -43.84 -19.92
C ARG C 506 31.32 -45.32 -20.13
N GLY C 507 30.28 -46.17 -20.23
CA GLY C 507 30.43 -47.59 -20.48
C GLY C 507 29.71 -48.46 -19.45
N GLN C 508 29.26 -47.81 -18.37
CA GLN C 508 28.63 -48.49 -17.25
C GLN C 508 27.20 -48.92 -17.59
N ILE C 509 26.91 -50.20 -17.33
CA ILE C 509 25.65 -50.84 -17.74
C ILE C 509 24.58 -50.65 -16.66
N PHE C 510 23.30 -50.64 -17.08
CA PHE C 510 22.13 -50.51 -16.21
C PHE C 510 21.03 -51.45 -16.70
N LYS C 511 19.88 -51.44 -16.02
CA LYS C 511 18.66 -52.05 -16.57
C LYS C 511 17.43 -51.48 -15.86
N GLY C 512 16.39 -51.23 -16.66
CA GLY C 512 15.16 -50.66 -16.14
C GLY C 512 14.00 -51.65 -16.23
N PRO C 513 12.73 -51.23 -15.98
CA PRO C 513 12.37 -49.85 -15.69
C PRO C 513 12.79 -49.34 -14.30
N LYS C 514 13.51 -48.22 -14.28
CA LYS C 514 13.88 -47.52 -13.05
C LYS C 514 14.27 -46.08 -13.40
N VAL C 515 14.44 -45.23 -12.38
CA VAL C 515 14.71 -43.81 -12.56
C VAL C 515 16.04 -43.46 -11.90
N ILE C 516 17.12 -43.30 -12.68
CA ILE C 516 18.43 -43.01 -12.08
C ILE C 516 18.69 -41.50 -12.01
N ASP C 517 19.54 -41.08 -11.07
CA ASP C 517 20.17 -39.74 -11.05
C ASP C 517 21.65 -39.81 -11.44
N THR C 518 22.11 -38.89 -12.26
CA THR C 518 23.45 -38.98 -12.77
C THR C 518 24.22 -37.69 -12.48
N ASP C 519 25.55 -37.83 -12.52
CA ASP C 519 26.49 -36.72 -12.42
C ASP C 519 26.77 -36.23 -13.83
N VAL C 520 26.36 -35.00 -14.15
CA VAL C 520 26.57 -34.44 -15.47
C VAL C 520 27.52 -33.23 -15.34
N PRO C 521 28.85 -33.38 -15.51
CA PRO C 521 29.73 -32.22 -15.63
C PRO C 521 29.37 -31.43 -16.89
N LEU C 522 29.87 -30.20 -16.97
CA LEU C 522 29.56 -29.31 -18.09
C LEU C 522 29.87 -30.02 -19.42
N ASN C 523 30.97 -30.77 -19.47
CA ASN C 523 31.40 -31.44 -20.68
C ASN C 523 30.89 -32.87 -20.70
N ARG C 524 29.69 -33.09 -20.15
CA ARG C 524 29.03 -34.38 -20.27
C ARG C 524 27.66 -34.24 -20.91
N LEU C 525 27.47 -34.97 -22.03
CA LEU C 525 26.17 -35.28 -22.56
C LEU C 525 25.81 -36.72 -22.17
N PRO C 526 24.79 -36.89 -21.29
CA PRO C 526 24.26 -38.21 -20.97
C PRO C 526 23.55 -38.88 -22.15
N TYR C 527 23.98 -40.10 -22.48
CA TYR C 527 23.25 -40.92 -23.44
C TYR C 527 23.59 -42.40 -23.25
N TYR C 528 22.60 -43.25 -23.52
CA TYR C 528 22.61 -44.63 -23.09
C TYR C 528 22.30 -45.50 -24.29
N GLU C 529 23.29 -46.27 -24.75
CA GLU C 529 23.09 -47.25 -25.81
C GLU C 529 22.30 -48.43 -25.29
N LYS C 530 21.38 -48.95 -26.10
CA LYS C 530 20.68 -50.18 -25.79
C LYS C 530 21.53 -51.35 -26.27
N ILE C 531 21.84 -52.26 -25.33
CA ILE C 531 22.78 -53.37 -25.51
C ILE C 531 22.06 -54.72 -25.32
N LYS C 532 20.76 -54.69 -25.06
CA LYS C 532 19.88 -55.80 -25.37
C LYS C 532 18.44 -55.30 -25.25
N SER D 23 -42.92 2.04 1.88
CA SER D 23 -42.34 3.36 1.46
C SER D 23 -43.28 4.50 1.88
N GLN D 24 -42.75 5.74 1.95
CA GLN D 24 -43.57 6.91 2.20
C GLN D 24 -43.82 7.64 0.87
N ASN D 25 -44.22 8.92 0.90
CA ASN D 25 -44.39 9.69 -0.33
C ASN D 25 -43.25 10.70 -0.46
N VAL D 26 -42.74 10.90 -1.68
CA VAL D 26 -41.79 11.98 -1.88
C VAL D 26 -42.56 13.15 -2.49
N PHE D 27 -43.02 14.10 -1.66
CA PHE D 27 -43.82 15.22 -2.16
C PHE D 27 -42.94 16.26 -2.84
N THR D 28 -42.72 16.02 -4.14
CA THR D 28 -41.84 16.83 -4.97
C THR D 28 -42.47 18.19 -5.29
N THR D 29 -41.64 19.22 -5.41
CA THR D 29 -42.09 20.57 -5.72
C THR D 29 -40.99 21.27 -6.54
N VAL D 30 -41.12 21.16 -7.86
CA VAL D 30 -40.22 21.82 -8.79
C VAL D 30 -40.58 23.29 -8.81
N VAL D 31 -39.68 24.16 -8.35
CA VAL D 31 -39.91 25.59 -8.34
C VAL D 31 -39.07 26.26 -9.44
N SER D 32 -39.70 26.57 -10.58
CA SER D 32 -39.04 27.36 -11.61
C SER D 32 -38.83 28.79 -11.12
N PRO D 33 -37.69 29.39 -11.50
CA PRO D 33 -37.38 30.76 -11.06
C PRO D 33 -38.26 31.78 -11.77
N LEU D 34 -38.47 32.94 -11.13
CA LEU D 34 -39.04 34.10 -11.79
C LEU D 34 -37.93 34.79 -12.58
N LYS D 35 -38.19 36.05 -12.95
CA LYS D 35 -37.24 36.84 -13.70
C LYS D 35 -36.00 37.09 -12.85
N ASN D 36 -34.84 36.65 -13.34
CA ASN D 36 -33.54 36.87 -12.70
C ASN D 36 -33.43 36.26 -11.30
N GLU D 37 -34.46 35.52 -10.86
CA GLU D 37 -34.63 35.16 -9.46
C GLU D 37 -33.57 34.16 -9.02
N ARG D 38 -32.87 34.51 -7.93
CA ARG D 38 -31.86 33.67 -7.29
C ARG D 38 -32.31 33.33 -5.87
N TRP D 39 -31.74 32.22 -5.36
CA TRP D 39 -32.21 31.54 -4.17
C TRP D 39 -31.09 31.43 -3.12
N TRP D 40 -31.49 31.71 -1.87
CA TRP D 40 -30.72 31.43 -0.67
C TRP D 40 -31.47 30.38 0.17
N GLY D 41 -30.76 29.76 1.12
CA GLY D 41 -31.43 29.09 2.24
C GLY D 41 -30.92 27.67 2.43
N GLY D 42 -31.40 27.05 3.51
CA GLY D 42 -31.06 25.66 3.82
C GLY D 42 -29.91 25.57 4.82
N VAL D 43 -28.67 25.50 4.32
CA VAL D 43 -27.51 25.20 5.13
C VAL D 43 -26.65 26.45 5.24
N VAL D 44 -26.37 26.87 6.47
CA VAL D 44 -25.67 28.11 6.73
C VAL D 44 -24.21 27.97 6.28
N ALA D 45 -23.69 26.71 6.29
CA ALA D 45 -22.33 26.42 5.85
C ALA D 45 -22.16 26.66 4.35
N LEU D 46 -23.28 26.62 3.59
CA LEU D 46 -23.28 26.83 2.15
C LEU D 46 -23.53 28.30 1.77
N GLY D 47 -23.39 29.21 2.73
CA GLY D 47 -23.57 30.63 2.45
C GLY D 47 -22.67 31.13 1.33
N HIS D 48 -21.45 30.53 1.23
CA HIS D 48 -20.42 30.90 0.25
C HIS D 48 -20.87 30.53 -1.17
N GLN D 49 -21.69 29.47 -1.30
CA GLN D 49 -22.21 29.06 -2.60
C GLN D 49 -23.62 29.63 -2.81
N MET D 50 -23.87 30.83 -2.24
CA MET D 50 -25.19 31.47 -2.24
C MET D 50 -25.07 32.88 -2.81
N PRO D 51 -26.04 33.34 -3.65
CA PRO D 51 -27.16 32.49 -4.08
C PRO D 51 -26.72 31.33 -4.98
N PHE D 52 -27.62 30.35 -5.14
CA PHE D 52 -27.26 29.08 -5.74
C PHE D 52 -27.21 29.24 -7.25
N GLY D 53 -26.19 28.62 -7.88
CA GLY D 53 -26.12 28.49 -9.33
C GLY D 53 -27.20 27.55 -9.86
N GLN D 54 -27.05 27.19 -11.13
CA GLN D 54 -28.08 26.42 -11.81
C GLN D 54 -27.98 24.96 -11.42
N GLN D 55 -26.80 24.50 -11.04
CA GLN D 55 -26.61 23.14 -10.58
C GLN D 55 -26.18 23.18 -9.12
N LEU D 56 -26.95 22.51 -8.26
CA LEU D 56 -26.60 22.26 -6.87
C LEU D 56 -26.96 20.82 -6.52
N ALA D 57 -25.95 20.09 -6.01
CA ALA D 57 -26.11 18.71 -5.60
C ALA D 57 -27.26 18.60 -4.60
N LEU D 58 -27.74 17.37 -4.38
CA LEU D 58 -28.80 17.08 -3.45
C LEU D 58 -28.38 17.44 -2.03
N GLN D 59 -29.31 18.06 -1.28
CA GLN D 59 -29.07 18.47 0.09
C GLN D 59 -30.17 17.87 0.98
N ASP D 60 -29.79 16.98 1.90
CA ASP D 60 -30.73 16.34 2.81
C ASP D 60 -30.54 16.93 4.22
N LEU D 61 -31.53 17.75 4.64
CA LEU D 61 -31.46 18.45 5.92
C LEU D 61 -31.51 17.47 7.10
N ALA D 62 -32.01 16.25 6.86
CA ALA D 62 -32.18 15.27 7.92
C ALA D 62 -30.85 14.60 8.29
N ARG D 63 -29.82 14.73 7.44
CA ARG D 63 -28.60 13.93 7.57
C ARG D 63 -27.36 14.76 7.89
N ASN D 64 -27.19 15.92 7.24
CA ASN D 64 -25.94 16.63 7.37
C ASN D 64 -26.21 18.10 7.67
N ASN D 65 -25.59 18.62 8.75
CA ASN D 65 -25.63 20.02 9.09
C ASN D 65 -24.36 20.75 8.60
N ARG D 66 -23.39 19.94 8.15
CA ARG D 66 -22.11 20.39 7.59
C ARG D 66 -21.34 21.17 8.65
N ASN D 67 -21.30 20.62 9.87
CA ASN D 67 -20.60 21.21 11.00
C ASN D 67 -21.07 22.66 11.17
N ASN D 68 -22.38 22.91 11.00
CA ASN D 68 -22.94 24.22 11.24
C ASN D 68 -24.46 24.13 11.43
N GLN D 69 -25.16 25.23 11.17
CA GLN D 69 -26.59 25.38 11.45
C GLN D 69 -27.42 25.01 10.21
N LEU D 70 -28.70 24.70 10.44
CA LEU D 70 -29.69 24.31 9.44
C LEU D 70 -31.06 24.94 9.74
N VAL D 71 -31.77 25.34 8.67
CA VAL D 71 -33.12 25.91 8.76
C VAL D 71 -33.92 25.42 7.56
N PRO D 72 -35.21 25.05 7.72
CA PRO D 72 -36.05 24.62 6.60
C PRO D 72 -36.71 25.81 5.88
N CYS D 73 -35.87 26.58 5.21
CA CYS D 73 -36.24 27.91 4.75
C CYS D 73 -35.40 28.25 3.52
N MET D 74 -36.10 28.69 2.45
CA MET D 74 -35.46 29.17 1.24
C MET D 74 -36.04 30.54 0.91
N ILE D 75 -35.19 31.51 0.55
CA ILE D 75 -35.62 32.88 0.26
C ILE D 75 -35.06 33.32 -1.10
N SER D 76 -35.86 34.05 -1.90
CA SER D 76 -35.45 34.50 -3.21
C SER D 76 -35.36 36.03 -3.29
N SER D 77 -34.60 36.52 -4.29
CA SER D 77 -34.38 37.94 -4.52
C SER D 77 -35.60 38.58 -5.17
N ALA D 78 -36.57 37.75 -5.58
CA ALA D 78 -37.80 38.18 -6.21
C ALA D 78 -38.97 38.16 -5.22
N GLY D 79 -38.65 38.14 -3.92
CA GLY D 79 -39.65 38.32 -2.87
C GLY D 79 -40.47 37.05 -2.60
N ARG D 80 -39.84 35.87 -2.72
CA ARG D 80 -40.50 34.62 -2.45
C ARG D 80 -39.72 33.83 -1.40
N TYR D 81 -40.41 32.85 -0.82
CA TYR D 81 -39.83 32.04 0.25
C TYR D 81 -40.61 30.73 0.38
N ILE D 82 -39.94 29.73 0.96
CA ILE D 82 -40.56 28.47 1.35
C ILE D 82 -40.28 28.23 2.83
N TRP D 83 -41.27 27.66 3.55
CA TRP D 83 -41.03 27.16 4.90
C TRP D 83 -41.52 25.72 5.03
N ALA D 84 -40.74 24.88 5.77
CA ALA D 84 -41.16 23.53 6.10
C ALA D 84 -41.12 23.37 7.62
N GLU D 85 -42.12 22.66 8.14
CA GLU D 85 -42.13 22.24 9.53
C GLU D 85 -41.06 21.17 9.72
N ASN D 86 -40.79 20.40 8.65
CA ASN D 86 -39.94 19.23 8.75
C ASN D 86 -38.76 19.40 7.81
N PRO D 87 -37.62 18.72 8.10
CA PRO D 87 -36.53 18.59 7.14
C PRO D 87 -37.04 18.14 5.75
N PHE D 88 -36.19 18.40 4.74
CA PHE D 88 -36.54 18.05 3.36
C PHE D 88 -35.27 17.87 2.53
N ARG D 89 -35.45 17.50 1.26
CA ARG D 89 -34.34 17.44 0.32
C ARG D 89 -34.54 18.54 -0.72
N PHE D 90 -33.45 19.14 -1.19
CA PHE D 90 -33.54 20.17 -2.22
C PHE D 90 -32.32 20.13 -3.11
N GLU D 91 -32.45 20.72 -4.30
CA GLU D 91 -31.38 20.86 -5.25
C GLU D 91 -31.75 21.88 -6.33
N MET D 92 -30.75 22.39 -7.02
CA MET D 92 -30.90 23.19 -8.23
C MET D 92 -30.58 22.28 -9.42
N LYS D 93 -31.54 22.17 -10.34
CA LYS D 93 -31.32 21.52 -11.63
C LYS D 93 -31.86 22.42 -12.72
N ASN D 94 -30.92 22.94 -13.54
CA ASN D 94 -31.22 23.64 -14.77
C ASN D 94 -31.91 24.94 -14.40
N GLY D 95 -31.44 25.60 -13.35
CA GLY D 95 -31.95 26.86 -12.84
C GLY D 95 -33.15 26.67 -11.89
N ASP D 96 -33.80 25.49 -11.94
CA ASP D 96 -34.97 25.22 -11.11
C ASP D 96 -34.54 24.82 -9.70
N LEU D 97 -35.27 25.32 -8.69
CA LEU D 97 -35.19 24.84 -7.32
C LEU D 97 -36.19 23.70 -7.12
N ILE D 98 -35.69 22.51 -6.84
CA ILE D 98 -36.52 21.34 -6.62
C ILE D 98 -36.45 21.00 -5.13
N VAL D 99 -37.55 20.51 -4.55
CA VAL D 99 -37.68 20.31 -3.12
C VAL D 99 -38.45 19.03 -2.84
N TYR D 100 -37.87 18.17 -2.00
CA TYR D 100 -38.51 16.87 -1.72
C TYR D 100 -38.79 16.72 -0.22
N SER D 101 -40.07 16.69 0.16
CA SER D 101 -40.45 16.48 1.56
C SER D 101 -41.27 15.20 1.75
N ASP D 102 -40.86 14.40 2.76
CA ASP D 102 -41.45 13.11 3.05
C ASP D 102 -42.80 13.30 3.75
N SER D 103 -42.92 14.44 4.43
CA SER D 103 -43.99 14.70 5.36
C SER D 103 -45.08 15.52 4.69
N GLU D 104 -44.70 16.44 3.81
CA GLU D 104 -45.57 17.53 3.41
C GLU D 104 -45.22 18.00 2.00
N LYS D 105 -46.23 18.49 1.26
CA LYS D 105 -45.96 19.11 -0.02
C LYS D 105 -45.88 20.62 0.16
N LEU D 106 -44.89 21.23 -0.49
CA LEU D 106 -44.42 22.57 -0.15
C LEU D 106 -44.70 23.52 -1.31
N GLU D 107 -44.99 24.79 -1.00
CA GLU D 107 -45.16 25.81 -2.02
C GLU D 107 -44.45 27.09 -1.58
N PRO D 108 -43.91 27.86 -2.54
CA PRO D 108 -43.37 29.18 -2.23
C PRO D 108 -44.43 30.22 -1.86
N VAL D 109 -44.01 31.43 -1.47
CA VAL D 109 -44.92 32.45 -0.96
C VAL D 109 -44.49 33.83 -1.47
N SER D 110 -45.35 34.53 -2.21
CA SER D 110 -45.07 35.90 -2.64
C SER D 110 -45.23 36.86 -1.47
N ALA D 111 -44.08 37.29 -0.97
CA ALA D 111 -43.99 38.25 0.10
C ALA D 111 -43.10 39.39 -0.39
N GLY D 112 -43.72 40.31 -1.14
CA GLY D 112 -43.04 41.44 -1.73
C GLY D 112 -42.38 41.06 -3.05
N THR D 113 -41.34 41.81 -3.39
CA THR D 113 -40.65 41.64 -4.66
C THR D 113 -39.14 41.77 -4.46
N THR D 114 -38.66 41.72 -3.20
CA THR D 114 -37.24 41.86 -2.91
C THR D 114 -36.78 40.68 -2.05
N LEU D 115 -35.47 40.54 -1.89
CA LEU D 115 -34.94 39.61 -0.91
C LEU D 115 -35.31 40.09 0.48
N LYS D 116 -35.13 41.40 0.73
CA LYS D 116 -35.37 41.97 2.03
C LYS D 116 -36.82 41.70 2.47
N GLU D 117 -37.77 42.02 1.59
CA GLU D 117 -39.19 41.87 1.88
C GLU D 117 -39.54 40.42 2.23
N ALA D 118 -39.00 39.47 1.46
CA ALA D 118 -39.26 38.05 1.62
C ALA D 118 -38.66 37.50 2.93
N GLN D 119 -37.49 38.03 3.34
CA GLN D 119 -36.83 37.62 4.58
C GLN D 119 -37.66 38.01 5.80
N LEU D 120 -38.31 39.18 5.75
CA LEU D 120 -39.02 39.72 6.90
C LEU D 120 -40.40 39.08 7.04
N ALA D 121 -40.92 38.54 5.93
CA ALA D 121 -42.21 37.85 5.95
C ALA D 121 -42.05 36.50 6.63
N VAL D 122 -41.08 35.72 6.16
CA VAL D 122 -40.85 34.38 6.68
C VAL D 122 -40.43 34.43 8.14
N ALA D 123 -39.62 35.45 8.49
CA ALA D 123 -39.11 35.60 9.85
C ALA D 123 -40.26 35.89 10.81
N LYS D 124 -41.02 36.95 10.48
CA LYS D 124 -42.12 37.39 11.31
C LYS D 124 -43.15 36.25 11.48
N LYS D 125 -43.39 35.50 10.40
CA LYS D 125 -44.37 34.43 10.42
C LYS D 125 -43.84 33.18 11.12
N HIS D 126 -42.64 32.72 10.74
CA HIS D 126 -42.21 31.37 11.06
C HIS D 126 -41.06 31.29 12.07
N PHE D 127 -40.26 32.37 12.25
CA PHE D 127 -39.24 32.43 13.30
C PHE D 127 -39.15 33.85 13.86
N PRO D 128 -40.28 34.39 14.38
CA PRO D 128 -40.31 35.71 14.99
C PRO D 128 -39.31 35.84 16.15
N SER D 129 -38.75 37.05 16.27
CA SER D 129 -37.67 37.28 17.22
C SER D 129 -38.22 37.36 18.64
N SER D 130 -37.40 36.93 19.61
CA SER D 130 -37.79 36.82 21.01
C SER D 130 -38.03 38.20 21.62
N GLY D 131 -37.39 39.24 21.07
CA GLY D 131 -37.39 40.57 21.66
C GLY D 131 -36.16 40.78 22.54
N GLN D 132 -35.25 39.79 22.56
CA GLN D 132 -34.10 39.80 23.45
C GLN D 132 -32.86 39.34 22.70
N ILE D 133 -31.72 39.59 23.35
CA ILE D 133 -30.41 39.29 22.80
C ILE D 133 -29.59 38.51 23.82
N PRO D 134 -28.38 38.04 23.47
CA PRO D 134 -27.44 37.54 24.47
C PRO D 134 -26.84 38.74 25.21
N LYS D 135 -25.80 38.47 26.00
CA LYS D 135 -25.09 39.53 26.67
C LYS D 135 -24.55 40.53 25.65
N GLU D 136 -24.51 41.80 26.07
CA GLU D 136 -24.02 42.89 25.24
C GLU D 136 -22.50 42.85 25.14
N GLU D 137 -21.85 42.16 26.10
CA GLU D 137 -20.40 42.05 26.12
C GLU D 137 -19.91 41.22 24.92
N PHE D 138 -20.81 40.41 24.32
CA PHE D 138 -20.45 39.58 23.18
C PHE D 138 -20.04 40.45 21.99
N PHE D 139 -20.82 41.53 21.81
CA PHE D 139 -20.70 42.42 20.69
C PHE D 139 -19.56 43.42 20.91
N SER D 140 -19.40 43.83 22.18
CA SER D 140 -18.43 44.85 22.58
C SER D 140 -17.01 44.28 22.53
N LEU D 141 -16.90 43.01 22.94
CA LEU D 141 -15.60 42.43 23.21
C LEU D 141 -15.28 41.35 22.19
N PRO D 142 -13.98 41.23 21.85
CA PRO D 142 -13.48 40.05 21.13
C PRO D 142 -13.52 38.78 21.98
N GLN D 143 -13.49 37.62 21.28
CA GLN D 143 -13.49 36.32 21.91
C GLN D 143 -12.13 35.66 21.64
N TYR D 144 -11.57 35.03 22.66
CA TYR D 144 -10.23 34.45 22.58
C TYR D 144 -10.28 32.95 22.92
N ASN D 145 -10.19 32.10 21.90
CA ASN D 145 -10.37 30.67 22.08
C ASN D 145 -9.00 30.01 22.21
N THR D 146 -8.88 29.12 23.19
CA THR D 146 -7.62 28.50 23.53
C THR D 146 -7.35 27.28 22.65
N TRP D 147 -8.24 26.99 21.69
CA TRP D 147 -8.14 25.78 20.92
C TRP D 147 -6.82 25.72 20.14
N ILE D 148 -6.45 26.80 19.43
CA ILE D 148 -5.31 26.73 18.52
C ILE D 148 -4.03 26.64 19.35
N GLU D 149 -4.06 27.28 20.53
CA GLU D 149 -2.85 27.44 21.31
C GLU D 149 -2.59 26.23 22.20
N LEU D 150 -3.58 25.89 23.05
CA LEU D 150 -3.39 24.84 24.05
C LEU D 150 -3.84 23.46 23.55
N MET D 151 -4.89 23.47 22.72
CA MET D 151 -5.43 22.30 22.03
C MET D 151 -6.10 21.38 23.06
N TYR D 152 -5.57 20.16 23.18
CA TYR D 152 -6.13 19.17 24.07
C TYR D 152 -5.62 19.38 25.49
N ASP D 153 -4.42 19.99 25.59
CA ASP D 153 -3.75 20.21 26.86
C ASP D 153 -4.18 21.54 27.48
N GLN D 154 -5.44 21.57 27.94
CA GLN D 154 -6.01 22.75 28.59
C GLN D 154 -5.49 22.79 30.04
N ASN D 155 -4.68 23.80 30.40
CA ASN D 155 -4.14 23.93 31.74
C ASN D 155 -4.10 25.39 32.17
N GLN D 156 -4.15 25.59 33.48
CA GLN D 156 -4.27 26.91 34.09
C GLN D 156 -3.11 27.82 33.69
N ARG D 157 -1.91 27.25 33.69
CA ARG D 157 -0.67 27.97 33.42
C ARG D 157 -0.80 28.75 32.11
N ASP D 158 -0.98 28.01 31.01
CA ASP D 158 -0.91 28.57 29.67
C ASP D 158 -2.11 29.45 29.36
N ILE D 159 -3.22 29.21 30.06
CA ILE D 159 -4.39 30.05 29.97
C ILE D 159 -4.04 31.45 30.50
N MET D 160 -3.27 31.48 31.58
CA MET D 160 -2.92 32.75 32.21
C MET D 160 -1.81 33.43 31.41
N GLN D 161 -0.97 32.64 30.71
CA GLN D 161 0.05 33.21 29.84
C GLN D 161 -0.61 33.93 28.67
N TYR D 162 -1.57 33.24 28.04
CA TYR D 162 -2.35 33.78 26.94
C TYR D 162 -3.08 35.05 27.39
N ALA D 163 -3.76 34.96 28.55
CA ALA D 163 -4.61 36.03 29.06
C ALA D 163 -3.82 37.31 29.29
N HIS D 164 -2.57 37.16 29.78
CA HIS D 164 -1.66 38.27 30.04
C HIS D 164 -1.17 38.82 28.72
N LYS D 165 -0.77 37.92 27.81
CA LYS D 165 -0.22 38.34 26.53
C LYS D 165 -1.26 39.09 25.70
N VAL D 166 -2.55 38.81 25.90
CA VAL D 166 -3.61 39.60 25.29
C VAL D 166 -3.40 41.05 25.69
N VAL D 167 -3.29 41.26 27.01
CA VAL D 167 -3.23 42.60 27.58
C VAL D 167 -1.88 43.23 27.23
N GLU D 168 -0.78 42.53 27.55
CA GLU D 168 0.58 43.01 27.29
C GLU D 168 0.75 43.55 25.88
N ASN D 169 0.16 42.86 24.90
CA ASN D 169 0.29 43.22 23.49
C ASN D 169 -0.86 44.14 23.07
N GLY D 170 -1.55 44.76 24.05
CA GLY D 170 -2.47 45.86 23.81
C GLY D 170 -3.75 45.42 23.11
N PHE D 171 -4.04 44.12 23.12
CA PHE D 171 -5.32 43.64 22.64
C PHE D 171 -6.34 43.81 23.76
N PRO D 172 -7.61 44.10 23.42
CA PRO D 172 -8.67 44.27 24.42
C PRO D 172 -9.10 42.97 25.10
N GLN D 173 -9.71 43.14 26.27
CA GLN D 173 -10.22 42.03 27.06
C GLN D 173 -11.59 41.68 26.49
N GLY D 174 -11.95 40.40 26.62
CA GLY D 174 -13.23 39.96 26.12
C GLY D 174 -13.61 38.60 26.67
N VAL D 175 -14.37 37.82 25.90
CA VAL D 175 -14.80 36.51 26.35
C VAL D 175 -13.68 35.50 26.06
N PHE D 176 -13.14 34.97 27.15
CA PHE D 176 -12.12 33.94 27.10
C PHE D 176 -12.83 32.59 27.03
N MET D 177 -12.78 31.96 25.86
CA MET D 177 -13.44 30.68 25.69
C MET D 177 -12.44 29.51 25.76
N ILE D 178 -12.35 28.90 26.95
CA ILE D 178 -11.55 27.69 27.13
C ILE D 178 -12.24 26.53 26.41
N ASP D 179 -11.48 25.83 25.57
CA ASP D 179 -12.06 24.87 24.66
C ASP D 179 -11.94 23.47 25.29
N ASP D 180 -12.14 22.44 24.45
CA ASP D 180 -12.27 21.04 24.84
C ASP D 180 -11.15 20.56 25.76
N ASN D 181 -11.47 19.58 26.64
CA ASN D 181 -10.52 18.82 27.46
C ASN D 181 -10.13 19.50 28.79
N TRP D 182 -10.78 20.59 29.18
CA TRP D 182 -10.55 21.16 30.51
C TRP D 182 -11.16 20.23 31.57
N GLN D 183 -12.27 19.57 31.20
CA GLN D 183 -13.02 18.76 32.15
C GLN D 183 -12.32 17.42 32.29
N ARG D 184 -12.55 16.77 33.44
CA ARG D 184 -11.85 15.54 33.78
C ARG D 184 -11.99 14.52 32.68
N TYR D 185 -13.23 14.36 32.22
CA TYR D 185 -13.57 13.57 31.05
C TYR D 185 -14.94 14.07 30.59
N TYR D 186 -15.40 13.50 29.47
CA TYR D 186 -16.64 13.98 28.86
C TYR D 186 -17.82 13.49 29.71
N GLY D 187 -18.66 14.42 30.11
CA GLY D 187 -19.75 14.12 31.02
C GLY D 187 -19.48 14.74 32.40
N ASN D 188 -18.19 14.87 32.73
CA ASN D 188 -17.76 15.50 33.97
C ASN D 188 -17.64 17.00 33.70
N PHE D 189 -18.12 17.81 34.65
CA PHE D 189 -18.07 19.26 34.57
C PHE D 189 -17.28 19.83 35.75
N ASP D 190 -16.24 19.12 36.19
CA ASP D 190 -15.15 19.68 36.98
C ASP D 190 -13.90 19.72 36.10
N PHE D 191 -12.91 20.48 36.55
CA PHE D 191 -11.66 20.64 35.83
C PHE D 191 -10.78 19.44 36.13
N LYS D 192 -9.84 19.15 35.21
CA LYS D 192 -8.71 18.27 35.48
C LYS D 192 -7.82 18.95 36.52
N PRO D 193 -7.76 18.42 37.77
CA PRO D 193 -7.04 19.12 38.83
C PRO D 193 -5.52 19.03 38.72
N GLU D 194 -5.02 18.07 37.92
CA GLU D 194 -3.59 17.97 37.65
C GLU D 194 -3.15 19.10 36.71
N LYS D 195 -4.12 19.75 36.06
CA LYS D 195 -3.88 20.86 35.14
C LYS D 195 -4.37 22.19 35.74
N PHE D 196 -5.30 22.12 36.70
CA PHE D 196 -5.90 23.29 37.30
C PHE D 196 -5.77 23.21 38.83
N PRO D 197 -4.62 23.63 39.38
CA PRO D 197 -4.40 23.59 40.84
C PRO D 197 -5.35 24.49 41.63
N ASP D 198 -5.84 25.57 41.02
CA ASP D 198 -6.79 26.49 41.64
C ASP D 198 -7.63 27.16 40.57
N PRO D 199 -8.67 26.46 40.07
CA PRO D 199 -9.51 26.98 39.00
C PRO D 199 -10.49 28.08 39.44
N LYS D 200 -10.94 28.01 40.71
CA LYS D 200 -11.81 29.05 41.23
C LYS D 200 -11.04 30.39 41.28
N GLY D 201 -9.77 30.30 41.68
CA GLY D 201 -8.90 31.47 41.78
C GLY D 201 -8.50 32.00 40.40
N MET D 202 -8.27 31.07 39.47
CA MET D 202 -8.00 31.43 38.09
C MET D 202 -9.18 32.17 37.46
N THR D 203 -10.40 31.82 37.84
CA THR D 203 -11.59 32.51 37.35
C THR D 203 -11.68 33.93 37.91
N ASP D 204 -11.43 34.07 39.23
CA ASP D 204 -11.43 35.39 39.85
C ASP D 204 -10.33 36.24 39.21
N GLU D 205 -9.14 35.66 39.05
CA GLU D 205 -8.01 36.33 38.43
C GLU D 205 -8.40 36.89 37.05
N LEU D 206 -9.09 36.10 36.24
CA LEU D 206 -9.49 36.54 34.90
C LEU D 206 -10.62 37.56 34.98
N HIS D 207 -11.46 37.47 36.02
CA HIS D 207 -12.49 38.47 36.26
C HIS D 207 -11.89 39.82 36.67
N ARG D 208 -10.87 39.76 37.52
CA ARG D 208 -10.13 40.93 37.94
C ARG D 208 -9.39 41.55 36.78
N MET D 209 -8.98 40.73 35.80
CA MET D 209 -8.33 41.25 34.61
C MET D 209 -9.34 41.79 33.59
N GLY D 210 -10.64 41.67 33.90
CA GLY D 210 -11.69 42.29 33.10
C GLY D 210 -12.23 41.40 31.98
N PHE D 211 -11.99 40.09 32.10
CA PHE D 211 -12.47 39.10 31.14
C PHE D 211 -13.82 38.54 31.58
N LYS D 212 -14.47 37.83 30.65
CA LYS D 212 -15.44 36.80 30.97
C LYS D 212 -14.89 35.44 30.55
N VAL D 213 -15.43 34.36 31.11
CA VAL D 213 -14.94 33.02 30.84
C VAL D 213 -16.10 32.10 30.46
N MET D 214 -15.86 31.29 29.41
CA MET D 214 -16.85 30.34 28.93
C MET D 214 -16.17 29.00 28.69
N LEU D 215 -16.91 27.92 28.95
CA LEU D 215 -16.33 26.58 28.96
C LEU D 215 -17.00 25.72 27.91
N TRP D 216 -16.16 24.95 27.19
CA TRP D 216 -16.60 24.06 26.12
C TRP D 216 -17.33 22.84 26.69
N ILE D 217 -18.50 22.56 26.10
CA ILE D 217 -19.29 21.40 26.49
C ILE D 217 -19.87 20.74 25.23
N ALA D 218 -20.25 19.48 25.40
CA ALA D 218 -20.98 18.75 24.37
C ALA D 218 -21.89 17.73 25.04
N PRO D 219 -22.94 17.19 24.35
CA PRO D 219 -23.84 16.19 24.97
C PRO D 219 -23.22 14.79 25.14
N TYR D 220 -21.93 14.70 24.79
CA TYR D 220 -21.16 13.49 24.86
C TYR D 220 -20.75 13.23 26.31
N VAL D 221 -20.76 11.94 26.62
CA VAL D 221 -20.50 11.42 27.95
C VAL D 221 -19.59 10.21 27.78
N SER D 222 -18.48 10.16 28.53
CA SER D 222 -17.66 8.97 28.56
C SER D 222 -18.59 7.76 28.73
N ALA D 223 -18.41 6.70 27.90
CA ALA D 223 -19.41 5.64 27.80
C ALA D 223 -19.27 4.66 28.95
N ASP D 224 -18.21 4.83 29.73
CA ASP D 224 -17.81 3.92 30.78
C ASP D 224 -17.70 4.65 32.10
N SER D 225 -18.09 5.93 32.14
CA SER D 225 -17.93 6.80 33.31
C SER D 225 -19.00 6.60 34.39
N PRO D 226 -18.63 6.94 35.65
CA PRO D 226 -19.62 7.02 36.72
C PRO D 226 -20.92 7.73 36.33
N GLU D 227 -20.76 8.89 35.67
CA GLU D 227 -21.86 9.76 35.26
C GLU D 227 -22.68 9.08 34.19
N PHE D 228 -22.03 8.35 33.28
CA PHE D 228 -22.76 7.55 32.32
C PHE D 228 -23.60 6.58 33.12
N ARG D 229 -23.03 5.90 34.12
CA ARG D 229 -23.87 4.94 34.84
C ARG D 229 -25.14 5.61 35.39
N ILE D 230 -24.94 6.73 36.10
CA ILE D 230 -26.01 7.49 36.71
C ILE D 230 -27.12 7.93 35.75
N LEU D 231 -26.72 8.46 34.59
CA LEU D 231 -27.63 8.94 33.56
C LEU D 231 -28.33 7.75 32.91
N GLU D 232 -27.59 6.66 32.65
CA GLU D 232 -28.18 5.46 32.07
C GLU D 232 -29.35 4.99 32.93
N LYS D 233 -29.12 4.94 34.26
CA LYS D 233 -30.14 4.55 35.21
C LYS D 233 -31.37 5.43 35.01
N LYS D 234 -31.13 6.73 34.86
CA LYS D 234 -32.21 7.72 34.84
C LYS D 234 -32.84 7.84 33.46
N GLY D 235 -32.34 7.04 32.48
CA GLY D 235 -32.82 7.08 31.10
C GLY D 235 -32.64 8.47 30.47
N TYR D 236 -31.57 9.15 30.91
CA TYR D 236 -31.28 10.51 30.47
C TYR D 236 -30.38 10.46 29.24
N LEU D 237 -29.78 9.28 28.98
CA LEU D 237 -28.92 9.11 27.82
C LEU D 237 -29.81 8.89 26.63
N LEU D 238 -29.23 9.03 25.45
CA LEU D 238 -29.94 8.76 24.23
C LEU D 238 -29.86 7.26 23.99
N LYS D 239 -31.04 6.68 23.75
CA LYS D 239 -31.22 5.24 23.75
C LYS D 239 -31.38 4.80 22.31
N LYS D 240 -30.80 3.64 22.00
CA LYS D 240 -30.94 3.08 20.67
C LYS D 240 -32.29 2.37 20.61
N LYS D 241 -32.89 2.31 19.41
CA LYS D 241 -34.16 1.64 19.22
C LYS D 241 -34.01 0.13 19.42
N ASP D 242 -33.53 -0.54 18.37
CA ASP D 242 -33.26 -1.97 18.39
C ASP D 242 -32.99 -2.47 19.82
N THR D 243 -31.95 -1.95 20.46
CA THR D 243 -31.52 -2.49 21.75
C THR D 243 -32.33 -1.91 22.91
N GLY D 244 -32.53 -0.59 22.92
CA GLY D 244 -33.01 0.10 24.10
C GLY D 244 -31.83 0.43 25.02
N GLN D 245 -30.62 0.06 24.60
CA GLN D 245 -29.41 0.38 25.34
C GLN D 245 -28.93 1.77 24.93
N PRO D 246 -28.15 2.48 25.78
CA PRO D 246 -27.68 3.83 25.45
C PRO D 246 -26.93 3.87 24.13
N ALA D 247 -27.25 4.89 23.33
CA ALA D 247 -26.69 5.04 22.00
C ALA D 247 -25.28 5.61 22.10
N ILE D 248 -24.37 4.91 21.41
CA ILE D 248 -22.93 5.20 21.43
C ILE D 248 -22.53 5.86 20.14
N ILE D 249 -22.24 7.17 20.20
CA ILE D 249 -22.08 7.96 18.98
C ILE D 249 -20.59 8.14 18.69
N HIS D 250 -20.21 7.89 17.42
CA HIS D 250 -18.90 8.22 16.90
C HIS D 250 -18.94 9.67 16.43
N TRP D 251 -18.09 10.49 17.06
CA TRP D 251 -17.92 11.91 16.74
C TRP D 251 -16.42 12.19 16.59
N TRP D 252 -16.11 13.47 16.45
CA TRP D 252 -14.77 13.86 16.04
C TRP D 252 -13.71 13.52 17.09
N ASN D 253 -14.10 13.29 18.36
CA ASN D 253 -13.15 12.98 19.43
C ASN D 253 -13.31 11.55 19.93
N GLY D 254 -13.91 10.67 19.11
CA GLY D 254 -14.11 9.24 19.42
C GLY D 254 -15.57 8.75 19.55
N PHE D 255 -15.81 7.78 20.46
CA PHE D 255 -17.15 7.29 20.72
C PHE D 255 -17.57 7.64 22.15
N SER D 256 -18.75 8.23 22.22
CA SER D 256 -19.30 8.60 23.51
C SER D 256 -20.76 8.17 23.56
N ALA D 257 -21.24 7.89 24.78
CA ALA D 257 -22.67 7.90 25.03
C ALA D 257 -23.17 9.31 24.86
N CYS D 258 -24.50 9.44 24.74
CA CYS D 258 -24.96 10.81 24.55
C CYS D 258 -26.23 11.09 25.37
N TYR D 259 -26.27 12.34 25.91
CA TYR D 259 -27.44 12.94 26.52
C TYR D 259 -28.56 12.95 25.48
N ASP D 260 -29.72 12.41 25.86
CA ASP D 260 -30.95 12.62 25.12
C ASP D 260 -31.43 14.03 25.41
N THR D 261 -31.41 14.89 24.41
CA THR D 261 -31.75 16.31 24.57
C THR D 261 -33.27 16.47 24.44
N THR D 262 -33.97 15.45 23.92
CA THR D 262 -35.42 15.46 23.87
C THR D 262 -36.00 15.12 25.24
N ASN D 263 -35.23 14.39 26.06
CA ASN D 263 -35.58 14.22 27.46
C ASN D 263 -35.37 15.55 28.20
N PRO D 264 -36.48 16.21 28.63
CA PRO D 264 -36.37 17.52 29.28
C PRO D 264 -35.83 17.41 30.69
N GLU D 265 -36.08 16.28 31.36
CA GLU D 265 -35.60 16.09 32.71
C GLU D 265 -34.10 15.84 32.66
N ALA D 266 -33.63 15.26 31.53
CA ALA D 266 -32.22 15.06 31.27
C ALA D 266 -31.51 16.40 31.12
N MET D 267 -32.19 17.30 30.41
CA MET D 267 -31.70 18.64 30.17
C MET D 267 -31.90 19.50 31.43
N GLU D 268 -32.95 19.21 32.21
CA GLU D 268 -33.19 19.85 33.49
C GLU D 268 -32.00 19.58 34.41
N TYR D 269 -31.63 18.30 34.46
CA TYR D 269 -30.52 17.84 35.28
C TYR D 269 -29.21 18.44 34.81
N LEU D 270 -29.00 18.35 33.50
CA LEU D 270 -27.80 18.86 32.86
C LEU D 270 -27.69 20.37 33.10
N LYS D 271 -28.83 21.05 33.21
CA LYS D 271 -28.82 22.50 33.41
C LYS D 271 -28.17 22.75 34.77
N GLN D 272 -28.59 21.97 35.77
CA GLN D 272 -28.11 22.16 37.13
C GLN D 272 -26.69 21.66 37.28
N GLN D 273 -26.28 20.73 36.40
CA GLN D 273 -24.89 20.29 36.31
C GLN D 273 -23.98 21.50 36.09
N LEU D 274 -24.45 22.37 35.19
CA LEU D 274 -23.68 23.48 34.66
C LEU D 274 -23.74 24.66 35.63
N ARG D 275 -24.92 24.89 36.25
CA ARG D 275 -25.11 25.98 37.20
C ARG D 275 -24.16 25.82 38.39
N ALA D 276 -24.03 24.56 38.81
CA ALA D 276 -23.15 24.18 39.90
C ALA D 276 -21.71 24.53 39.55
N ASN D 277 -21.34 24.33 38.29
CA ASN D 277 -20.05 24.73 37.76
C ASN D 277 -19.89 26.24 37.89
N GLN D 278 -20.94 26.99 37.53
CA GLN D 278 -20.89 28.45 37.52
C GLN D 278 -20.65 29.01 38.93
N GLU D 279 -21.31 28.42 39.95
CA GLU D 279 -21.09 28.85 41.32
C GLU D 279 -19.70 28.40 41.78
N LYS D 280 -19.47 27.09 41.63
CA LYS D 280 -18.30 26.45 42.17
C LYS D 280 -17.02 27.11 41.66
N TYR D 281 -16.93 27.33 40.34
CA TYR D 281 -15.69 27.79 39.72
C TYR D 281 -15.73 29.29 39.39
N GLY D 282 -16.94 29.82 39.12
CA GLY D 282 -17.12 31.22 38.76
C GLY D 282 -17.28 31.44 37.25
N ILE D 283 -17.80 30.44 36.53
CA ILE D 283 -17.91 30.52 35.08
C ILE D 283 -19.15 31.32 34.68
N ASP D 284 -19.02 32.07 33.57
CA ASP D 284 -20.03 33.01 33.10
C ASP D 284 -20.99 32.33 32.13
N GLY D 285 -20.50 31.36 31.35
CA GLY D 285 -21.35 30.67 30.40
C GLY D 285 -20.65 29.47 29.78
N PHE D 286 -21.25 28.92 28.71
CA PHE D 286 -20.74 27.71 28.09
C PHE D 286 -20.79 27.79 26.56
N LYS D 287 -19.75 27.22 25.95
CA LYS D 287 -19.73 26.97 24.52
C LYS D 287 -20.33 25.58 24.27
N PHE D 288 -21.44 25.57 23.53
CA PHE D 288 -22.19 24.35 23.26
C PHE D 288 -21.78 23.82 21.87
N ASP D 289 -21.06 22.70 21.85
CA ASP D 289 -20.63 22.16 20.59
C ASP D 289 -21.14 20.73 20.51
N GLY D 290 -21.51 20.23 19.32
CA GLY D 290 -21.55 18.79 19.13
C GLY D 290 -22.88 18.22 18.71
N ALA D 291 -23.97 18.99 18.63
CA ALA D 291 -25.26 18.34 18.46
C ALA D 291 -25.48 17.94 16.99
N ASP D 292 -24.38 17.55 16.34
CA ASP D 292 -24.42 17.34 14.91
C ASP D 292 -25.33 16.15 14.64
N ILE D 293 -26.31 16.41 13.75
CA ILE D 293 -27.19 15.39 13.20
C ILE D 293 -26.34 14.62 12.20
N SER D 294 -25.15 15.21 11.89
CA SER D 294 -24.19 14.64 10.97
C SER D 294 -23.69 13.27 11.45
N TYR D 295 -23.64 13.13 12.78
CA TYR D 295 -23.20 11.89 13.39
C TYR D 295 -24.35 10.89 13.53
N MET D 296 -25.57 11.43 13.70
CA MET D 296 -26.74 10.62 13.94
C MET D 296 -27.34 10.04 12.66
N THR D 297 -27.89 8.84 12.76
CA THR D 297 -28.51 8.13 11.65
C THR D 297 -30.02 8.02 11.91
N PRO D 298 -30.87 8.85 11.25
CA PRO D 298 -32.24 9.14 11.72
C PRO D 298 -33.11 7.93 12.01
N GLY D 299 -33.74 7.90 13.19
CA GLY D 299 -34.72 6.87 13.57
C GLY D 299 -34.15 5.63 14.30
N GLU D 300 -32.81 5.46 14.35
CA GLU D 300 -32.18 4.38 15.12
C GLU D 300 -32.38 4.55 16.63
N TYR D 301 -32.96 5.69 17.05
CA TYR D 301 -32.93 6.17 18.42
C TYR D 301 -34.36 6.21 18.95
N ASP D 302 -34.53 5.77 20.22
CA ASP D 302 -35.76 5.97 20.97
C ASP D 302 -35.60 7.27 21.74
N PHE D 303 -35.90 8.37 21.08
CA PHE D 303 -35.92 9.67 21.69
C PHE D 303 -37.01 9.64 22.76
N TYR D 304 -36.87 10.49 23.77
CA TYR D 304 -37.88 10.69 24.79
C TYR D 304 -39.13 11.21 24.10
N ASP D 305 -38.99 12.35 23.40
CA ASP D 305 -39.98 12.84 22.45
C ASP D 305 -40.06 11.79 21.33
N LYS D 306 -41.20 11.11 21.19
CA LYS D 306 -41.32 10.08 20.15
C LYS D 306 -41.73 10.72 18.84
N ASP D 307 -42.04 12.03 18.83
CA ASP D 307 -42.28 12.78 17.60
C ASP D 307 -40.99 13.44 17.12
N ALA D 308 -39.84 13.14 17.75
CA ALA D 308 -38.60 13.85 17.53
C ALA D 308 -37.78 13.18 16.43
N THR D 309 -37.04 14.00 15.70
CA THR D 309 -36.07 13.57 14.71
C THR D 309 -34.67 13.86 15.27
N PRO D 310 -33.57 13.52 14.55
CA PRO D 310 -32.23 13.97 14.92
C PRO D 310 -32.11 15.51 14.94
N ASN D 311 -32.85 16.12 14.00
CA ASN D 311 -32.91 17.56 13.88
C ASN D 311 -33.44 18.14 15.19
N THR D 312 -34.50 17.50 15.73
CA THR D 312 -35.13 17.94 16.97
C THR D 312 -34.04 17.97 18.05
N PHE D 313 -33.29 16.85 18.13
CA PHE D 313 -32.20 16.72 19.09
C PHE D 313 -31.22 17.88 18.97
N MET D 314 -30.84 18.20 17.72
CA MET D 314 -29.88 19.26 17.51
C MET D 314 -30.44 20.62 18.00
N GLU D 315 -31.76 20.77 17.88
CA GLU D 315 -32.46 22.00 18.27
C GLU D 315 -32.49 22.12 19.79
N LYS D 316 -32.51 20.98 20.46
CA LYS D 316 -32.71 20.97 21.90
C LYS D 316 -31.39 21.19 22.62
N TRP D 317 -30.28 20.76 22.00
CA TRP D 317 -28.97 21.07 22.56
C TRP D 317 -28.76 22.56 22.56
N ALA D 318 -29.23 23.21 21.48
CA ALA D 318 -29.08 24.64 21.28
C ALA D 318 -30.03 25.42 22.21
N ALA D 319 -31.26 24.90 22.42
CA ALA D 319 -32.27 25.54 23.26
C ALA D 319 -31.74 25.71 24.70
N LEU D 320 -30.88 24.77 25.06
CA LEU D 320 -30.22 24.77 26.34
C LEU D 320 -29.48 26.09 26.60
N GLY D 321 -29.05 26.75 25.53
CA GLY D 321 -28.32 28.00 25.66
C GLY D 321 -29.19 29.19 26.01
N LEU D 322 -30.52 29.03 25.87
CA LEU D 322 -31.46 30.05 26.30
C LEU D 322 -31.31 30.29 27.81
N SER D 323 -30.97 29.22 28.53
CA SER D 323 -30.89 29.25 29.98
C SER D 323 -29.56 29.86 30.46
N PHE D 324 -28.66 30.20 29.54
CA PHE D 324 -27.39 30.79 29.91
C PHE D 324 -27.15 32.00 29.02
N PRO D 325 -27.12 33.23 29.57
CA PRO D 325 -27.00 34.44 28.74
C PRO D 325 -25.64 34.50 28.06
N TYR D 326 -24.60 33.98 28.74
CA TYR D 326 -23.35 33.65 28.08
C TYR D 326 -23.48 32.26 27.48
N ASN D 327 -23.61 32.22 26.16
CA ASN D 327 -23.73 30.98 25.39
C ASN D 327 -23.18 31.22 23.99
N GLU D 328 -22.61 30.17 23.40
CA GLU D 328 -22.25 30.16 22.00
C GLU D 328 -22.44 28.73 21.49
N LEU D 329 -22.98 28.60 20.28
CA LEU D 329 -23.16 27.29 19.67
C LEU D 329 -22.84 27.36 18.19
N ARG D 330 -22.99 26.21 17.55
CA ARG D 330 -22.45 25.99 16.22
C ARG D 330 -23.30 24.98 15.48
N ALA D 331 -23.71 23.92 16.19
CA ALA D 331 -24.71 23.00 15.67
C ALA D 331 -26.08 23.51 16.11
N CYS D 332 -27.04 23.62 15.17
CA CYS D 332 -28.38 24.10 15.47
C CYS D 332 -29.38 23.81 14.33
N TRP D 333 -30.65 23.67 14.73
CA TRP D 333 -31.79 23.50 13.84
C TRP D 333 -32.91 24.43 14.30
N LYS D 334 -33.34 25.32 13.41
CA LYS D 334 -34.32 26.36 13.74
C LYS D 334 -33.72 27.28 14.80
N LEU D 335 -34.56 27.79 15.70
CA LEU D 335 -34.17 28.74 16.75
C LEU D 335 -33.67 30.04 16.12
N GLY D 336 -34.48 30.49 15.16
CA GLY D 336 -34.34 31.77 14.53
C GLY D 336 -35.01 32.87 15.36
N GLY D 337 -34.31 33.99 15.47
CA GLY D 337 -34.83 35.16 16.19
C GLY D 337 -34.34 35.15 17.64
N GLN D 338 -33.63 34.08 18.00
CA GLN D 338 -33.41 33.77 19.40
C GLN D 338 -32.07 34.34 19.85
N ALA D 339 -32.05 34.74 21.13
CA ALA D 339 -30.88 35.29 21.82
C ALA D 339 -29.81 34.20 21.99
N LEU D 340 -29.19 33.82 20.88
CA LEU D 340 -28.21 32.76 20.84
C LEU D 340 -27.04 33.22 19.98
N VAL D 341 -25.86 33.21 20.58
CA VAL D 341 -24.65 33.39 19.79
C VAL D 341 -24.48 32.17 18.90
N GLN D 342 -24.21 32.43 17.63
CA GLN D 342 -24.03 31.38 16.65
C GLN D 342 -22.65 31.55 15.99
N ARG D 343 -21.89 30.46 15.94
CA ARG D 343 -20.56 30.49 15.37
C ARG D 343 -20.63 29.80 14.01
N LEU D 344 -19.66 30.12 13.16
CA LEU D 344 -19.41 29.40 11.92
C LEU D 344 -18.39 28.30 12.19
N GLY D 345 -18.51 27.17 11.49
CA GLY D 345 -17.62 26.06 11.68
C GLY D 345 -16.16 26.50 11.54
N ASP D 346 -15.29 25.87 12.33
CA ASP D 346 -13.87 26.19 12.33
C ASP D 346 -13.27 25.88 10.96
N LYS D 347 -12.79 26.90 10.26
CA LYS D 347 -12.37 26.78 8.88
C LYS D 347 -10.89 26.39 8.80
N ASP D 348 -10.35 26.45 7.58
CA ASP D 348 -8.99 26.03 7.26
C ASP D 348 -8.09 27.27 7.32
N TYR D 349 -6.77 27.07 7.23
CA TYR D 349 -5.83 28.14 6.93
C TYR D 349 -5.60 28.33 5.42
N SER D 350 -6.47 29.08 4.70
CA SER D 350 -6.14 29.57 3.35
C SER D 350 -7.05 30.72 2.95
N TRP D 351 -6.66 31.40 1.87
CA TRP D 351 -7.45 32.48 1.30
C TRP D 351 -8.82 31.96 0.90
N ASN D 352 -8.82 30.85 0.17
CA ASN D 352 -10.03 30.17 -0.30
C ASN D 352 -11.09 30.17 0.79
N ALA D 353 -10.66 29.78 2.01
CA ALA D 353 -11.51 29.69 3.19
C ALA D 353 -11.90 31.09 3.68
N THR D 354 -10.91 32.01 3.60
CA THR D 354 -11.09 33.36 4.12
C THR D 354 -12.22 34.07 3.38
N ARG D 355 -12.40 33.70 2.11
CA ARG D 355 -13.34 34.38 1.23
C ARG D 355 -14.77 33.98 1.58
N MET D 356 -14.91 32.83 2.25
CA MET D 356 -16.22 32.27 2.55
C MET D 356 -16.84 32.90 3.81
N LEU D 357 -16.05 33.66 4.59
CA LEU D 357 -16.50 34.23 5.86
C LEU D 357 -17.74 35.10 5.65
N ILE D 358 -17.63 36.04 4.72
CA ILE D 358 -18.63 37.07 4.50
C ILE D 358 -19.95 36.41 4.10
N PRO D 359 -19.99 35.63 2.99
CA PRO D 359 -21.25 35.03 2.51
C PRO D 359 -21.89 34.01 3.46
N ASP D 360 -21.04 33.28 4.22
CA ASP D 360 -21.51 32.40 5.28
C ASP D 360 -22.15 33.22 6.39
N MET D 361 -21.49 34.34 6.78
CA MET D 361 -21.98 35.22 7.83
C MET D 361 -23.33 35.83 7.43
N LEU D 362 -23.40 36.19 6.14
CA LEU D 362 -24.61 36.81 5.59
C LEU D 362 -25.76 35.83 5.68
N ALA D 363 -25.46 34.54 5.42
CA ALA D 363 -26.46 33.48 5.36
C ALA D 363 -27.01 33.21 6.76
N ALA D 364 -26.17 33.45 7.77
CA ALA D 364 -26.63 33.34 9.15
C ALA D 364 -27.75 34.34 9.38
N GLY D 365 -27.43 35.62 9.11
CA GLY D 365 -28.41 36.68 9.24
C GLY D 365 -29.76 36.34 8.59
N LEU D 366 -29.74 36.13 7.26
CA LEU D 366 -30.95 35.90 6.50
C LEU D 366 -31.84 34.87 7.19
N LEU D 367 -31.20 33.84 7.77
CA LEU D 367 -31.90 32.63 8.22
C LEU D 367 -32.29 32.69 9.70
N GLY D 368 -32.13 33.88 10.34
CA GLY D 368 -32.64 34.10 11.68
C GLY D 368 -31.57 34.03 12.77
N TYR D 369 -30.32 33.80 12.40
CA TYR D 369 -29.26 33.67 13.39
C TYR D 369 -28.46 34.97 13.43
N TYR D 370 -29.11 36.01 13.96
CA TYR D 370 -28.72 37.38 13.62
C TYR D 370 -27.39 37.72 14.29
N TYR D 371 -27.28 37.27 15.56
CA TYR D 371 -26.15 37.55 16.43
C TYR D 371 -25.10 36.48 16.19
N THR D 372 -24.04 36.85 15.48
CA THR D 372 -23.19 35.88 14.79
C THR D 372 -21.69 36.11 15.12
N CYS D 373 -21.00 35.05 15.57
CA CYS D 373 -19.55 35.08 15.71
C CYS D 373 -18.90 34.50 14.45
N PRO D 374 -17.93 35.21 13.82
CA PRO D 374 -17.38 34.78 12.52
C PRO D 374 -16.19 33.83 12.56
N ASP D 375 -16.34 32.60 13.02
CA ASP D 375 -15.26 31.64 12.87
C ASP D 375 -14.06 32.15 13.65
N MET D 376 -12.93 31.44 13.60
CA MET D 376 -11.71 31.89 14.27
C MET D 376 -10.86 32.59 13.23
N ILE D 377 -9.90 33.41 13.68
CA ILE D 377 -9.05 34.14 12.76
C ILE D 377 -7.97 33.19 12.26
N GLY D 378 -7.74 33.20 10.93
CA GLY D 378 -6.78 32.35 10.27
C GLY D 378 -7.42 30.97 10.01
N GLY D 379 -7.64 30.23 11.08
CA GLY D 379 -8.10 28.86 10.97
C GLY D 379 -8.44 28.36 12.36
N GLY D 380 -9.53 27.62 12.47
CA GLY D 380 -9.85 26.91 13.70
C GLY D 380 -9.33 25.48 13.70
N GLN D 381 -8.42 25.18 12.75
CA GLN D 381 -7.75 23.90 12.74
C GLN D 381 -6.28 24.11 13.11
N TYR D 382 -5.95 23.55 14.28
CA TYR D 382 -4.68 23.75 14.99
C TYR D 382 -3.46 23.23 14.20
N SER D 383 -3.68 22.15 13.44
CA SER D 383 -2.59 21.38 12.85
C SER D 383 -1.82 22.21 11.82
N ALA D 384 -2.50 23.23 11.27
CA ALA D 384 -1.94 24.08 10.23
C ALA D 384 -0.87 24.99 10.83
N PHE D 385 -1.03 25.33 12.12
CA PHE D 385 -0.17 26.29 12.76
C PHE D 385 0.90 25.60 13.59
N LEU D 386 0.79 24.30 13.86
CA LEU D 386 1.84 23.68 14.69
C LEU D 386 3.19 23.73 13.96
N ASN D 387 4.29 24.05 14.69
CA ASN D 387 5.65 24.08 14.15
C ASN D 387 5.70 24.65 12.73
N VAL D 388 5.38 25.95 12.59
CA VAL D 388 5.47 26.64 11.30
C VAL D 388 6.67 27.59 11.35
N LYS D 389 7.44 27.67 10.26
CA LYS D 389 8.66 28.47 10.25
C LYS D 389 8.39 29.89 9.79
N GLU D 390 7.66 30.04 8.69
CA GLU D 390 7.47 31.36 8.10
C GLU D 390 6.01 31.53 7.69
N PHE D 391 5.20 32.21 8.51
CA PHE D 391 3.79 32.34 8.27
C PHE D 391 3.51 33.28 7.10
N ASP D 392 2.34 33.09 6.46
CA ASP D 392 1.74 34.08 5.58
C ASP D 392 0.97 35.08 6.44
N GLU D 393 1.65 36.19 6.77
CA GLU D 393 1.16 37.07 7.82
C GLU D 393 0.07 38.00 7.29
N GLU D 394 -0.01 38.16 5.96
CA GLU D 394 -1.02 39.02 5.37
C GLU D 394 -2.39 38.39 5.62
N LEU D 395 -2.51 37.10 5.35
CA LEU D 395 -3.77 36.37 5.46
C LEU D 395 -4.39 36.58 6.85
N ILE D 396 -3.55 36.49 7.87
CA ILE D 396 -4.01 36.63 9.23
C ILE D 396 -4.60 38.02 9.43
N VAL D 397 -3.88 39.04 8.94
CA VAL D 397 -4.26 40.43 9.16
C VAL D 397 -5.51 40.78 8.36
N ARG D 398 -5.59 40.29 7.11
CA ARG D 398 -6.73 40.59 6.27
C ARG D 398 -7.97 39.88 6.83
N SER D 399 -7.73 38.67 7.37
CA SER D 399 -8.76 37.86 8.00
C SER D 399 -9.29 38.59 9.24
N CYS D 400 -8.37 39.25 9.95
CA CYS D 400 -8.72 40.07 11.10
C CYS D 400 -9.66 41.20 10.68
N GLN D 401 -9.29 41.86 9.59
CA GLN D 401 -10.02 43.05 9.14
C GLN D 401 -11.49 42.70 8.90
N VAL D 402 -11.73 41.50 8.34
CA VAL D 402 -13.08 41.04 8.07
C VAL D 402 -13.91 41.13 9.35
N HIS D 403 -13.41 40.47 10.39
CA HIS D 403 -14.06 40.36 11.68
C HIS D 403 -14.34 41.72 12.31
N ALA D 404 -13.44 42.68 12.08
CA ALA D 404 -13.49 43.97 12.75
C ALA D 404 -14.91 44.52 12.68
N LEU D 405 -15.50 44.52 11.47
CA LEU D 405 -16.81 45.13 11.27
C LEU D 405 -17.91 44.06 11.15
N MET D 406 -17.83 43.09 12.05
CA MET D 406 -18.87 42.09 12.21
C MET D 406 -19.45 42.19 13.62
N PRO D 407 -20.55 41.48 13.93
CA PRO D 407 -21.15 41.59 15.25
C PRO D 407 -20.14 41.26 16.35
N MET D 408 -19.34 40.21 16.16
CA MET D 408 -18.37 39.74 17.14
C MET D 408 -17.04 39.55 16.45
N MET D 409 -16.03 39.07 17.16
CA MET D 409 -14.71 38.85 16.58
C MET D 409 -13.95 37.80 17.40
N GLN D 410 -13.63 36.65 16.80
CA GLN D 410 -12.98 35.56 17.52
C GLN D 410 -11.55 35.41 16.99
N PHE D 411 -10.60 35.45 17.94
CA PHE D 411 -9.23 34.99 17.71
C PHE D 411 -9.05 33.62 18.31
N SER D 412 -7.96 32.94 17.95
CA SER D 412 -7.63 31.66 18.56
C SER D 412 -6.13 31.50 18.58
N VAL D 413 -5.54 31.67 17.39
CA VAL D 413 -4.11 31.77 17.24
C VAL D 413 -3.64 33.06 17.91
N ALA D 414 -2.38 33.00 18.38
CA ALA D 414 -1.74 34.06 19.12
C ALA D 414 -0.96 34.96 18.15
N PRO D 415 -1.61 36.09 17.72
CA PRO D 415 -0.95 37.01 16.78
C PRO D 415 0.48 37.38 17.21
N TRP D 416 0.65 37.61 18.52
CA TRP D 416 1.92 38.01 19.10
C TRP D 416 2.96 36.91 18.91
N ARG D 417 2.52 35.65 18.67
CA ARG D 417 3.47 34.59 18.45
C ARG D 417 3.79 34.47 16.96
N ILE D 418 2.75 34.47 16.12
CA ILE D 418 2.91 34.14 14.71
C ILE D 418 3.26 35.37 13.86
N LEU D 419 2.83 36.57 14.30
CA LEU D 419 2.97 37.80 13.51
C LEU D 419 4.21 38.58 13.92
N SER D 420 4.57 39.57 13.08
CA SER D 420 5.48 40.64 13.45
C SER D 420 4.78 41.57 14.43
N LYS D 421 5.57 42.27 15.23
CA LYS D 421 5.04 43.16 16.26
C LYS D 421 4.13 44.19 15.60
N GLU D 422 4.58 44.61 14.40
CA GLU D 422 3.89 45.57 13.57
C GLU D 422 2.47 45.09 13.29
N ASN D 423 2.40 43.84 12.80
CA ASN D 423 1.18 43.23 12.32
C ASN D 423 0.24 42.93 13.49
N ALA D 424 0.81 42.47 14.60
CA ALA D 424 0.07 42.32 15.84
C ALA D 424 -0.68 43.62 16.16
N ASP D 425 0.05 44.74 16.17
CA ASP D 425 -0.52 46.03 16.55
C ASP D 425 -1.65 46.41 15.60
N ILE D 426 -1.48 46.02 14.32
CA ILE D 426 -2.48 46.24 13.28
C ILE D 426 -3.77 45.57 13.70
N CYS D 427 -3.67 44.28 14.08
CA CYS D 427 -4.81 43.48 14.53
C CYS D 427 -5.40 44.10 15.80
N ALA D 428 -4.51 44.60 16.68
CA ALA D 428 -4.88 45.20 17.96
C ALA D 428 -5.66 46.49 17.74
N HIS D 429 -5.31 47.23 16.68
CA HIS D 429 -6.10 48.38 16.24
C HIS D 429 -7.50 47.89 15.91
N TYR D 430 -7.58 46.85 15.08
CA TYR D 430 -8.84 46.41 14.51
C TYR D 430 -9.74 45.85 15.59
N ALA D 431 -9.14 45.25 16.63
CA ALA D 431 -9.90 44.81 17.78
C ALA D 431 -10.49 46.03 18.50
N HIS D 432 -9.68 47.10 18.62
CA HIS D 432 -10.11 48.34 19.27
C HIS D 432 -11.09 49.10 18.39
N LEU D 433 -11.04 48.81 17.09
CA LEU D 433 -11.89 49.48 16.12
C LEU D 433 -13.27 48.83 16.17
N HIS D 434 -13.29 47.50 16.29
CA HIS D 434 -14.51 46.75 16.53
C HIS D 434 -15.15 47.25 17.83
N GLN D 435 -14.31 47.41 18.85
CA GLN D 435 -14.75 47.79 20.17
C GLN D 435 -15.27 49.23 20.14
N LYS D 436 -14.64 50.09 19.32
CA LYS D 436 -15.15 51.43 19.08
C LYS D 436 -16.54 51.36 18.43
N MET D 437 -16.68 50.51 17.40
CA MET D 437 -17.89 50.46 16.59
C MET D 437 -19.07 49.80 17.30
N SER D 438 -18.77 49.13 18.42
CA SER D 438 -19.72 48.25 19.09
C SER D 438 -21.00 48.98 19.52
N GLY D 439 -20.90 50.29 19.78
CA GLY D 439 -22.08 51.07 20.12
C GLY D 439 -23.19 50.89 19.10
N TYR D 440 -22.78 50.87 17.82
CA TYR D 440 -23.70 50.79 16.69
C TYR D 440 -24.18 49.34 16.50
N ILE D 441 -23.27 48.39 16.75
CA ILE D 441 -23.60 46.99 16.60
C ILE D 441 -24.67 46.62 17.65
N LEU D 442 -24.48 47.08 18.89
CA LEU D 442 -25.42 46.87 19.98
C LEU D 442 -26.80 47.43 19.65
N GLU D 443 -26.79 48.60 19.01
CA GLU D 443 -28.01 49.26 18.56
C GLU D 443 -28.74 48.35 17.57
N LEU D 444 -28.00 47.79 16.61
CA LEU D 444 -28.53 46.99 15.50
C LEU D 444 -29.12 45.65 15.93
N ALA D 445 -28.52 45.11 17.00
CA ALA D 445 -28.91 43.82 17.55
C ALA D 445 -30.32 43.90 18.14
N LYS D 446 -30.67 45.05 18.73
CA LYS D 446 -32.01 45.23 19.28
C LYS D 446 -33.01 45.41 18.14
N ARG D 447 -32.54 46.02 17.04
CA ARG D 447 -33.36 46.12 15.86
C ARG D 447 -33.56 44.74 15.25
N ALA D 448 -32.53 43.90 15.33
CA ALA D 448 -32.65 42.52 14.86
C ALA D 448 -33.62 41.73 15.75
N ALA D 449 -33.51 41.91 17.07
CA ALA D 449 -34.28 41.10 18.01
C ALA D 449 -35.76 41.49 17.98
N GLU D 450 -36.07 42.66 17.40
CA GLU D 450 -37.41 43.20 17.48
C GLU D 450 -38.07 43.21 16.11
N THR D 451 -37.36 43.66 15.09
CA THR D 451 -37.88 43.65 13.74
C THR D 451 -37.59 42.30 13.08
N GLY D 452 -36.38 41.79 13.26
CA GLY D 452 -35.92 40.60 12.54
C GLY D 452 -35.10 40.96 11.31
N GLU D 453 -34.47 42.14 11.35
CA GLU D 453 -33.48 42.52 10.36
C GLU D 453 -32.11 42.08 10.85
N PRO D 454 -31.36 41.31 10.03
CA PRO D 454 -29.97 41.00 10.33
C PRO D 454 -29.18 42.20 10.82
N ILE D 455 -28.07 41.95 11.53
CA ILE D 455 -27.08 42.97 11.80
C ILE D 455 -26.27 43.16 10.52
N VAL D 456 -25.78 42.03 9.98
CA VAL D 456 -25.00 42.05 8.76
C VAL D 456 -25.87 41.56 7.59
N ARG D 457 -25.93 42.41 6.56
CA ARG D 457 -26.90 42.31 5.49
C ARG D 457 -26.17 42.22 4.15
N SER D 458 -26.66 41.35 3.24
CA SER D 458 -26.12 41.30 1.89
C SER D 458 -26.46 42.60 1.17
N MET D 459 -25.71 42.88 0.10
CA MET D 459 -25.91 44.07 -0.70
C MET D 459 -27.29 43.97 -1.36
N GLU D 460 -27.63 42.77 -1.87
CA GLU D 460 -28.91 42.51 -2.51
C GLU D 460 -30.07 42.67 -1.52
N TYR D 461 -29.76 42.52 -0.22
CA TYR D 461 -30.75 42.67 0.84
C TYR D 461 -31.18 44.13 0.89
N GLU D 462 -30.18 45.01 1.08
CA GLU D 462 -30.41 46.44 1.28
C GLU D 462 -30.70 47.15 -0.06
N TYR D 463 -30.14 46.63 -1.16
CA TYR D 463 -30.24 47.25 -2.48
C TYR D 463 -30.64 46.20 -3.53
N PRO D 464 -31.91 45.72 -3.48
CA PRO D 464 -32.35 44.63 -4.35
C PRO D 464 -32.49 45.02 -5.82
N HIS D 465 -32.27 44.03 -6.70
CA HIS D 465 -32.43 44.18 -8.13
C HIS D 465 -31.39 45.15 -8.70
N GLN D 466 -30.34 45.46 -7.93
CA GLN D 466 -29.39 46.46 -8.42
C GLN D 466 -28.04 45.83 -8.72
N GLY D 467 -28.08 44.58 -9.21
CA GLY D 467 -26.89 43.86 -9.65
C GLY D 467 -25.89 43.54 -8.52
N PHE D 468 -26.40 43.32 -7.30
CA PHE D 468 -25.54 42.99 -6.19
C PHE D 468 -25.88 41.58 -5.71
N THR D 469 -26.40 40.77 -6.63
CA THR D 469 -27.03 39.50 -6.28
C THR D 469 -25.96 38.50 -5.86
N ASP D 470 -24.92 38.35 -6.70
CA ASP D 470 -23.88 37.36 -6.40
C ASP D 470 -22.68 38.05 -5.75
N CYS D 471 -22.77 39.36 -5.50
CA CYS D 471 -21.68 40.06 -4.85
C CYS D 471 -21.46 39.40 -3.49
N LYS D 472 -20.25 38.90 -3.26
CA LYS D 472 -20.00 38.10 -2.05
C LYS D 472 -18.84 38.69 -1.25
N ASP D 473 -18.18 39.72 -1.77
CA ASP D 473 -17.01 40.23 -1.08
C ASP D 473 -17.25 41.67 -0.61
N GLN D 474 -18.51 42.03 -0.43
CA GLN D 474 -18.83 43.20 0.38
C GLN D 474 -20.23 43.09 0.94
N TYR D 475 -20.47 43.81 2.04
CA TYR D 475 -21.70 43.68 2.82
C TYR D 475 -22.01 44.98 3.52
N MET D 476 -23.25 45.08 4.02
CA MET D 476 -23.71 46.25 4.73
C MET D 476 -23.71 45.93 6.22
N LEU D 477 -23.07 46.78 7.03
CA LEU D 477 -23.23 46.72 8.46
C LEU D 477 -24.38 47.65 8.85
N GLY D 478 -25.54 47.04 9.15
CA GLY D 478 -26.80 47.74 9.16
C GLY D 478 -27.17 48.23 7.77
N ASP D 479 -27.73 49.44 7.71
CA ASP D 479 -28.01 50.08 6.44
C ASP D 479 -27.13 51.32 6.34
N LYS D 480 -26.04 51.37 7.11
CA LYS D 480 -25.20 52.57 7.17
C LYS D 480 -23.86 52.33 6.49
N TYR D 481 -23.05 51.41 7.00
CA TYR D 481 -21.70 51.21 6.52
C TYR D 481 -21.61 50.09 5.50
N LEU D 482 -21.17 50.42 4.28
CA LEU D 482 -20.72 49.43 3.31
C LEU D 482 -19.27 49.06 3.65
N VAL D 483 -18.97 47.76 3.57
CA VAL D 483 -17.65 47.26 3.95
C VAL D 483 -17.12 46.35 2.84
N ALA D 484 -15.97 46.72 2.29
CA ALA D 484 -15.38 45.97 1.20
C ALA D 484 -13.95 45.61 1.56
N PRO D 485 -13.74 44.68 2.53
CA PRO D 485 -12.40 44.36 3.03
C PRO D 485 -11.57 43.62 2.00
N MET D 486 -10.24 43.57 2.24
CA MET D 486 -9.43 42.82 1.31
C MET D 486 -9.57 41.34 1.66
N VAL D 487 -9.78 40.50 0.63
CA VAL D 487 -10.04 39.07 0.79
C VAL D 487 -9.12 38.26 -0.11
N THR D 488 -8.04 38.90 -0.57
CA THR D 488 -7.07 38.26 -1.44
C THR D 488 -5.71 38.92 -1.21
N PRO D 489 -4.60 38.37 -1.76
CA PRO D 489 -3.30 39.03 -1.60
C PRO D 489 -3.34 40.33 -2.40
N GLY D 490 -2.28 41.15 -2.30
CA GLY D 490 -2.22 42.42 -3.02
C GLY D 490 -2.83 43.57 -2.22
N VAL D 491 -2.96 44.72 -2.89
CA VAL D 491 -3.32 45.98 -2.25
C VAL D 491 -4.32 46.78 -3.10
N LYS D 492 -5.07 46.07 -3.95
CA LYS D 492 -6.10 46.67 -4.78
C LYS D 492 -7.39 45.87 -4.70
N ARG D 493 -8.50 46.55 -5.01
CA ARG D 493 -9.84 46.13 -4.66
C ARG D 493 -10.84 46.89 -5.54
N THR D 494 -11.82 46.15 -6.08
CA THR D 494 -12.88 46.75 -6.88
C THR D 494 -14.12 46.89 -6.00
N VAL D 495 -14.77 48.06 -5.95
CA VAL D 495 -15.89 48.26 -5.04
C VAL D 495 -17.12 48.80 -5.78
N LYS D 496 -18.24 48.06 -5.77
CA LYS D 496 -19.49 48.55 -6.31
C LYS D 496 -20.24 49.34 -5.24
N LEU D 497 -20.29 50.66 -5.44
CA LEU D 497 -21.16 51.53 -4.63
C LEU D 497 -22.52 51.62 -5.30
N PRO D 498 -23.62 51.51 -4.52
CA PRO D 498 -24.97 51.75 -5.05
C PRO D 498 -25.27 53.24 -4.98
N LYS D 499 -26.51 53.62 -5.33
CA LYS D 499 -26.88 55.03 -5.28
C LYS D 499 -26.82 55.52 -3.83
N GLY D 500 -26.46 56.80 -3.65
CA GLY D 500 -26.32 57.38 -2.33
C GLY D 500 -24.96 58.06 -2.18
N LYS D 501 -24.76 58.71 -1.03
CA LYS D 501 -23.56 59.48 -0.75
C LYS D 501 -22.69 58.69 0.23
N TRP D 502 -21.43 58.42 -0.17
CA TRP D 502 -20.57 57.44 0.48
C TRP D 502 -19.23 58.06 0.91
N LYS D 503 -18.99 58.16 2.24
CA LYS D 503 -17.74 58.63 2.80
C LYS D 503 -16.91 57.46 3.31
N ASP D 504 -15.70 57.26 2.74
CA ASP D 504 -14.83 56.19 3.19
C ASP D 504 -14.30 56.53 4.59
N GLU D 505 -13.47 55.63 5.13
CA GLU D 505 -12.97 55.79 6.49
C GLU D 505 -11.95 56.92 6.55
N ARG D 506 -11.20 57.11 5.45
CA ARG D 506 -10.26 58.22 5.31
C ARG D 506 -11.00 59.55 5.50
N GLY D 507 -12.23 59.65 4.96
CA GLY D 507 -13.08 60.84 5.07
C GLY D 507 -13.54 61.35 3.71
N GLN D 508 -12.93 60.83 2.64
CA GLN D 508 -13.18 61.27 1.27
C GLN D 508 -14.53 60.76 0.76
N ILE D 509 -15.34 61.69 0.24
CA ILE D 509 -16.73 61.44 -0.14
C ILE D 509 -16.77 60.96 -1.60
N PHE D 510 -17.80 60.15 -1.91
CA PHE D 510 -18.07 59.61 -3.24
C PHE D 510 -19.58 59.65 -3.50
N LYS D 511 -19.99 59.14 -4.67
CA LYS D 511 -21.40 58.88 -4.93
C LYS D 511 -21.55 57.88 -6.07
N GLY D 512 -22.52 56.97 -5.92
CA GLY D 512 -22.76 55.93 -6.91
C GLY D 512 -24.12 56.10 -7.55
N PRO D 513 -24.62 55.12 -8.36
CA PRO D 513 -23.92 53.86 -8.62
C PRO D 513 -22.68 53.98 -9.53
N LYS D 514 -21.53 53.52 -9.04
CA LYS D 514 -20.29 53.45 -9.79
C LYS D 514 -19.36 52.46 -9.10
N VAL D 515 -18.27 52.09 -9.78
CA VAL D 515 -17.38 51.03 -9.33
C VAL D 515 -15.98 51.61 -9.15
N ILE D 516 -15.58 51.90 -7.92
CA ILE D 516 -14.30 52.55 -7.68
C ILE D 516 -13.21 51.51 -7.40
N ASP D 517 -11.96 51.90 -7.66
CA ASP D 517 -10.78 51.14 -7.27
C ASP D 517 -10.23 51.79 -6.01
N THR D 518 -9.31 51.10 -5.36
CA THR D 518 -8.65 51.66 -4.21
C THR D 518 -7.34 50.92 -3.94
N ASP D 519 -6.36 51.64 -3.40
CA ASP D 519 -5.11 51.04 -2.96
C ASP D 519 -5.25 50.80 -1.45
N VAL D 520 -5.22 49.54 -1.06
CA VAL D 520 -5.49 49.13 0.30
C VAL D 520 -4.16 48.64 0.87
N PRO D 521 -3.42 49.44 1.69
CA PRO D 521 -2.25 48.93 2.40
C PRO D 521 -2.69 47.86 3.39
N LEU D 522 -1.72 47.10 3.89
CA LEU D 522 -1.97 45.98 4.80
C LEU D 522 -2.82 46.47 5.98
N ASN D 523 -2.52 47.67 6.49
CA ASN D 523 -3.21 48.19 7.66
C ASN D 523 -4.40 49.05 7.24
N ARG D 524 -5.04 48.72 6.11
CA ARG D 524 -6.25 49.42 5.71
C ARG D 524 -7.44 48.47 5.55
N LEU D 525 -8.50 48.73 6.33
CA LEU D 525 -9.83 48.20 6.07
C LEU D 525 -10.68 49.25 5.37
N PRO D 526 -11.02 49.01 4.09
CA PRO D 526 -12.00 49.86 3.39
C PRO D 526 -13.42 49.73 3.94
N TYR D 527 -14.01 50.87 4.34
CA TYR D 527 -15.43 50.91 4.64
C TYR D 527 -15.98 52.33 4.49
N TYR D 528 -17.24 52.40 4.09
CA TYR D 528 -17.82 53.64 3.56
C TYR D 528 -19.12 53.92 4.30
N GLU D 529 -19.13 55.02 5.08
CA GLU D 529 -20.33 55.48 5.76
C GLU D 529 -21.27 56.11 4.74
N LYS D 530 -22.58 55.84 4.88
CA LYS D 530 -23.59 56.53 4.09
C LYS D 530 -23.97 57.81 4.83
N ILE D 531 -23.79 58.96 4.12
CA ILE D 531 -23.68 60.25 4.79
C ILE D 531 -24.80 61.23 4.46
N LYS D 532 -25.87 60.83 3.77
CA LYS D 532 -27.08 61.64 3.84
C LYS D 532 -28.32 60.72 3.93
N SER E 19 -27.63 -21.79 15.45
CA SER E 19 -29.10 -21.77 15.29
C SER E 19 -29.63 -23.20 15.23
N HIS E 20 -29.62 -23.81 14.03
CA HIS E 20 -30.17 -25.16 13.83
C HIS E 20 -29.06 -26.22 13.92
N MET E 21 -28.96 -27.04 12.87
CA MET E 21 -27.94 -28.09 12.84
C MET E 21 -26.99 -27.88 11.64
N ALA E 22 -27.43 -27.13 10.62
CA ALA E 22 -26.57 -26.72 9.52
C ALA E 22 -25.24 -26.24 10.09
N SER E 23 -24.13 -26.91 9.73
CA SER E 23 -22.83 -26.60 10.32
C SER E 23 -21.70 -27.13 9.45
N GLN E 24 -20.44 -26.71 9.70
CA GLN E 24 -19.31 -27.30 9.00
C GLN E 24 -19.23 -28.77 9.41
N ASN E 25 -18.95 -29.03 10.69
CA ASN E 25 -19.07 -30.38 11.23
C ASN E 25 -18.88 -30.37 12.75
N VAL E 26 -19.96 -30.10 13.49
CA VAL E 26 -19.94 -30.28 14.94
C VAL E 26 -19.38 -31.66 15.24
N PHE E 27 -18.06 -31.78 15.44
CA PHE E 27 -17.43 -33.08 15.61
C PHE E 27 -17.79 -33.69 16.96
N THR E 28 -18.95 -34.38 16.98
CA THR E 28 -19.56 -34.87 18.21
C THR E 28 -18.81 -36.10 18.74
N THR E 29 -18.75 -36.27 20.07
CA THR E 29 -18.12 -37.41 20.72
C THR E 29 -18.77 -37.71 22.07
N VAL E 30 -19.75 -38.64 22.08
CA VAL E 30 -20.44 -39.06 23.28
C VAL E 30 -19.51 -39.99 24.06
N VAL E 31 -19.10 -39.58 25.27
CA VAL E 31 -18.17 -40.35 26.09
C VAL E 31 -18.92 -40.99 27.26
N SER E 32 -19.19 -42.29 27.12
CA SER E 32 -19.73 -43.11 28.18
C SER E 32 -18.73 -43.27 29.31
N PRO E 33 -19.21 -43.24 30.56
CA PRO E 33 -18.32 -43.40 31.70
C PRO E 33 -17.85 -44.85 31.85
N LEU E 34 -16.67 -45.04 32.44
CA LEU E 34 -16.24 -46.35 32.91
C LEU E 34 -16.93 -46.66 34.23
N LYS E 35 -16.42 -47.70 34.91
CA LYS E 35 -16.84 -48.06 36.25
C LYS E 35 -16.56 -46.90 37.20
N ASN E 36 -17.61 -46.42 37.87
CA ASN E 36 -17.52 -45.41 38.93
C ASN E 36 -17.06 -44.06 38.40
N GLU E 37 -16.76 -43.95 37.09
CA GLU E 37 -15.98 -42.85 36.57
C GLU E 37 -16.77 -41.54 36.62
N ARG E 38 -16.19 -40.56 37.31
CA ARG E 38 -16.72 -39.21 37.43
C ARG E 38 -15.81 -38.29 36.64
N TRP E 39 -16.30 -37.08 36.35
CA TRP E 39 -15.62 -36.14 35.46
C TRP E 39 -15.52 -34.76 36.12
N TRP E 40 -14.34 -34.18 35.94
CA TRP E 40 -14.04 -32.79 36.23
C TRP E 40 -13.69 -32.09 34.92
N GLY E 41 -13.69 -30.75 34.92
CA GLY E 41 -12.95 -29.95 33.95
C GLY E 41 -13.83 -28.89 33.29
N GLY E 42 -13.22 -28.08 32.41
CA GLY E 42 -13.91 -27.01 31.69
C GLY E 42 -13.77 -25.66 32.39
N VAL E 43 -14.75 -25.37 33.25
CA VAL E 43 -14.95 -24.05 33.81
C VAL E 43 -14.60 -24.09 35.29
N VAL E 44 -13.70 -23.19 35.70
CA VAL E 44 -13.20 -23.18 37.07
C VAL E 44 -14.31 -22.75 38.01
N ALA E 45 -15.25 -21.94 37.49
CA ALA E 45 -16.38 -21.47 38.27
C ALA E 45 -17.33 -22.61 38.67
N LEU E 46 -17.29 -23.71 37.90
CA LEU E 46 -18.16 -24.86 38.12
C LEU E 46 -17.48 -25.95 38.97
N GLY E 47 -16.39 -25.59 39.66
CA GLY E 47 -15.72 -26.51 40.58
C GLY E 47 -16.67 -27.10 41.62
N HIS E 48 -17.67 -26.29 42.06
CA HIS E 48 -18.64 -26.64 43.09
C HIS E 48 -19.61 -27.70 42.58
N GLN E 49 -19.86 -27.72 41.26
CA GLN E 49 -20.73 -28.73 40.65
C GLN E 49 -19.90 -29.91 40.11
N MET E 50 -18.74 -30.16 40.73
CA MET E 50 -17.76 -31.12 40.26
C MET E 50 -17.43 -32.12 41.38
N PRO E 51 -17.31 -33.45 41.07
CA PRO E 51 -17.51 -33.96 39.71
C PRO E 51 -18.99 -33.89 39.28
N PHE E 52 -19.18 -34.02 37.96
CA PHE E 52 -20.44 -33.68 37.33
C PHE E 52 -21.44 -34.83 37.55
N GLY E 53 -22.69 -34.46 37.91
CA GLY E 53 -23.81 -35.37 37.96
C GLY E 53 -24.24 -35.81 36.57
N GLN E 54 -25.40 -36.46 36.46
CA GLN E 54 -25.77 -37.08 35.20
C GLN E 54 -26.34 -36.05 34.24
N GLN E 55 -26.87 -34.96 34.78
CA GLN E 55 -27.41 -33.90 33.95
C GLN E 55 -26.59 -32.64 34.20
N LEU E 56 -26.04 -32.09 33.11
CA LEU E 56 -25.35 -30.81 33.13
C LEU E 56 -25.68 -30.06 31.83
N ALA E 57 -26.20 -28.84 32.02
CA ALA E 57 -26.56 -27.98 30.90
C ALA E 57 -25.35 -27.80 29.99
N LEU E 58 -25.60 -27.34 28.75
CA LEU E 58 -24.55 -27.21 27.75
C LEU E 58 -23.62 -26.07 28.15
N GLN E 59 -22.31 -26.29 27.96
CA GLN E 59 -21.27 -25.34 28.33
C GLN E 59 -20.41 -25.04 27.10
N ASP E 60 -20.44 -23.77 26.66
CA ASP E 60 -19.72 -23.33 25.47
C ASP E 60 -18.53 -22.49 25.93
N LEU E 61 -17.31 -23.08 25.75
CA LEU E 61 -16.06 -22.46 26.17
C LEU E 61 -15.77 -21.19 25.38
N ALA E 62 -16.37 -21.05 24.20
CA ALA E 62 -16.12 -19.92 23.32
C ALA E 62 -16.83 -18.65 23.79
N ARG E 63 -17.88 -18.82 24.63
CA ARG E 63 -18.83 -17.75 24.91
C ARG E 63 -18.84 -17.24 26.36
N ASN E 64 -18.82 -18.11 27.36
CA ASN E 64 -18.91 -17.67 28.74
C ASN E 64 -17.78 -18.30 29.58
N ASN E 65 -17.06 -17.43 30.30
CA ASN E 65 -16.04 -17.86 31.25
C ASN E 65 -16.61 -17.90 32.68
N ARG E 66 -17.83 -17.36 32.84
CA ARG E 66 -18.60 -17.34 34.07
C ARG E 66 -17.84 -16.56 35.14
N ASN E 67 -17.36 -15.38 34.72
CA ASN E 67 -16.62 -14.50 35.59
C ASN E 67 -15.44 -15.24 36.23
N ASN E 68 -14.75 -16.11 35.47
CA ASN E 68 -13.61 -16.84 36.00
C ASN E 68 -12.80 -17.42 34.84
N GLN E 69 -12.03 -18.48 35.11
CA GLN E 69 -11.06 -19.04 34.17
C GLN E 69 -11.68 -20.21 33.41
N LEU E 70 -11.04 -20.56 32.26
CA LEU E 70 -11.44 -21.62 31.35
C LEU E 70 -10.21 -22.36 30.82
N VAL E 71 -10.34 -23.70 30.70
CA VAL E 71 -9.32 -24.58 30.17
C VAL E 71 -10.00 -25.67 29.35
N PRO E 72 -9.47 -26.03 28.16
CA PRO E 72 -10.05 -27.11 27.35
C PRO E 72 -9.57 -28.49 27.78
N CYS E 73 -9.97 -28.87 29.00
CA CYS E 73 -9.45 -30.04 29.67
C CYS E 73 -10.53 -30.66 30.54
N MET E 74 -10.70 -31.99 30.39
CA MET E 74 -11.61 -32.77 31.22
C MET E 74 -10.83 -33.94 31.81
N ILE E 75 -10.99 -34.22 33.12
CA ILE E 75 -10.24 -35.28 33.79
C ILE E 75 -11.20 -36.19 34.56
N SER E 76 -10.94 -37.52 34.54
CA SER E 76 -11.80 -38.48 35.21
C SER E 76 -11.07 -39.18 36.36
N SER E 77 -11.86 -39.73 37.30
CA SER E 77 -11.34 -40.44 38.46
C SER E 77 -10.86 -41.84 38.09
N ALA E 78 -11.15 -42.26 36.84
CA ALA E 78 -10.75 -43.57 36.33
C ALA E 78 -9.52 -43.44 35.42
N GLY E 79 -8.80 -42.31 35.53
CA GLY E 79 -7.52 -42.15 34.88
C GLY E 79 -7.65 -41.82 33.40
N ARG E 80 -8.66 -41.03 33.03
CA ARG E 80 -8.83 -40.58 31.66
C ARG E 80 -8.90 -39.04 31.61
N TYR E 81 -8.72 -38.50 30.40
CA TYR E 81 -8.70 -37.07 30.18
C TYR E 81 -8.97 -36.73 28.71
N ILE E 82 -9.44 -35.51 28.48
CA ILE E 82 -9.58 -34.93 27.15
C ILE E 82 -8.81 -33.61 27.08
N TRP E 83 -8.15 -33.33 25.95
CA TRP E 83 -7.50 -32.04 25.71
C TRP E 83 -7.93 -31.52 24.33
N ALA E 84 -8.22 -30.20 24.25
CA ALA E 84 -8.49 -29.54 22.99
C ALA E 84 -7.54 -28.36 22.81
N GLU E 85 -7.04 -28.18 21.58
CA GLU E 85 -6.29 -27.00 21.22
C GLU E 85 -7.26 -25.81 21.17
N ASN E 86 -8.53 -26.08 20.87
CA ASN E 86 -9.51 -25.04 20.66
C ASN E 86 -10.65 -25.21 21.63
N PRO E 87 -11.41 -24.12 21.92
CA PRO E 87 -12.67 -24.23 22.65
C PRO E 87 -13.59 -25.31 22.08
N PHE E 88 -14.53 -25.75 22.94
CA PHE E 88 -15.55 -26.71 22.56
C PHE E 88 -16.78 -26.51 23.44
N ARG E 89 -17.82 -27.30 23.16
CA ARG E 89 -18.98 -27.39 24.02
C ARG E 89 -19.01 -28.79 24.63
N PHE E 90 -19.49 -28.85 25.89
CA PHE E 90 -19.67 -30.12 26.56
C PHE E 90 -20.94 -30.10 27.41
N GLU E 91 -21.40 -31.31 27.76
CA GLU E 91 -22.53 -31.47 28.66
C GLU E 91 -22.63 -32.91 29.15
N MET E 92 -23.34 -33.09 30.27
CA MET E 92 -23.69 -34.42 30.77
C MET E 92 -25.16 -34.65 30.43
N LYS E 93 -25.42 -35.73 29.67
CA LYS E 93 -26.78 -36.19 29.45
C LYS E 93 -26.81 -37.68 29.71
N ASN E 94 -27.55 -38.02 30.78
CA ASN E 94 -27.92 -39.38 31.10
C ASN E 94 -26.64 -40.13 31.46
N GLY E 95 -25.77 -39.47 32.24
CA GLY E 95 -24.51 -40.03 32.73
C GLY E 95 -23.35 -39.88 31.74
N ASP E 96 -23.69 -39.65 30.46
CA ASP E 96 -22.68 -39.53 29.42
C ASP E 96 -22.11 -38.11 29.39
N LEU E 97 -20.78 -38.03 29.20
CA LEU E 97 -20.10 -36.79 28.85
C LEU E 97 -20.07 -36.64 27.33
N ILE E 98 -20.76 -35.62 26.82
CA ILE E 98 -20.83 -35.36 25.38
C ILE E 98 -19.99 -34.12 25.10
N VAL E 99 -19.38 -34.11 23.89
CA VAL E 99 -18.36 -33.12 23.53
C VAL E 99 -18.55 -32.75 22.06
N TYR E 100 -18.66 -31.46 21.80
CA TYR E 100 -18.82 -30.94 20.44
C TYR E 100 -17.72 -29.93 20.13
N SER E 101 -16.87 -30.21 19.13
CA SER E 101 -15.83 -29.27 18.72
C SER E 101 -15.93 -29.01 17.21
N ASP E 102 -15.83 -27.72 16.81
CA ASP E 102 -15.96 -27.37 15.40
C ASP E 102 -14.65 -27.56 14.66
N SER E 103 -13.55 -27.57 15.43
CA SER E 103 -12.21 -27.54 14.85
C SER E 103 -11.61 -28.94 14.75
N GLU E 104 -11.99 -29.81 15.68
CA GLU E 104 -11.34 -31.10 15.84
C GLU E 104 -12.33 -32.11 16.43
N LYS E 105 -12.13 -33.40 16.12
CA LYS E 105 -12.90 -34.45 16.76
C LYS E 105 -12.08 -35.01 17.91
N LEU E 106 -12.75 -35.23 19.05
CA LEU E 106 -12.08 -35.39 20.33
C LEU E 106 -12.26 -36.82 20.87
N GLU E 107 -11.25 -37.32 21.59
CA GLU E 107 -11.30 -38.63 22.22
C GLU E 107 -10.65 -38.49 23.61
N PRO E 108 -11.07 -39.30 24.60
CA PRO E 108 -10.35 -39.37 25.88
C PRO E 108 -8.99 -40.07 25.77
N VAL E 109 -8.21 -40.10 26.85
CA VAL E 109 -6.87 -40.66 26.88
C VAL E 109 -6.63 -41.44 28.17
N SER E 110 -6.22 -42.72 28.08
CA SER E 110 -5.80 -43.51 29.23
C SER E 110 -4.49 -42.99 29.79
N ALA E 111 -4.62 -42.30 30.92
CA ALA E 111 -3.50 -41.86 31.72
C ALA E 111 -3.64 -42.44 33.11
N GLY E 112 -3.29 -43.71 33.29
CA GLY E 112 -3.35 -44.37 34.57
C GLY E 112 -4.76 -44.88 34.86
N THR E 113 -5.08 -44.95 36.15
CA THR E 113 -6.37 -45.44 36.60
C THR E 113 -6.90 -44.59 37.75
N THR E 114 -6.31 -43.41 37.97
CA THR E 114 -6.72 -42.51 39.05
C THR E 114 -7.00 -41.11 38.50
N LEU E 115 -7.61 -40.26 39.33
CA LEU E 115 -7.71 -38.85 39.00
C LEU E 115 -6.31 -38.23 38.99
N LYS E 116 -5.52 -38.54 40.02
CA LYS E 116 -4.20 -37.94 40.17
C LYS E 116 -3.35 -38.25 38.95
N GLU E 117 -3.31 -39.53 38.54
CA GLU E 117 -2.48 -39.97 37.43
C GLU E 117 -2.88 -39.26 36.13
N ALA E 118 -4.19 -39.10 35.90
CA ALA E 118 -4.74 -38.47 34.70
C ALA E 118 -4.43 -36.98 34.66
N GLN E 119 -4.42 -36.32 35.84
CA GLN E 119 -4.11 -34.91 35.98
C GLN E 119 -2.65 -34.66 35.59
N LEU E 120 -1.74 -35.56 35.97
CA LEU E 120 -0.32 -35.34 35.77
C LEU E 120 0.11 -35.66 34.34
N ALA E 121 -0.69 -36.48 33.65
CA ALA E 121 -0.41 -36.79 32.25
C ALA E 121 -0.75 -35.58 31.38
N VAL E 122 -1.98 -35.09 31.54
CA VAL E 122 -2.46 -33.97 30.74
C VAL E 122 -1.66 -32.72 31.04
N ALA E 123 -1.28 -32.52 32.30
CA ALA E 123 -0.54 -31.34 32.72
C ALA E 123 0.86 -31.38 32.09
N LYS E 124 1.60 -32.47 32.32
CA LYS E 124 2.95 -32.62 31.83
C LYS E 124 3.00 -32.49 30.31
N LYS E 125 1.98 -33.05 29.65
CA LYS E 125 1.93 -33.06 28.19
C LYS E 125 1.45 -31.72 27.64
N HIS E 126 0.33 -31.19 28.17
CA HIS E 126 -0.40 -30.12 27.51
C HIS E 126 -0.35 -28.77 28.23
N PHE E 127 -0.03 -28.73 29.53
CA PHE E 127 0.22 -27.48 30.26
C PHE E 127 1.30 -27.69 31.32
N PRO E 128 2.51 -28.13 30.87
CA PRO E 128 3.65 -28.28 31.77
C PRO E 128 4.03 -26.96 32.41
N SER E 129 4.52 -27.07 33.64
CA SER E 129 4.80 -25.90 34.45
C SER E 129 6.10 -25.23 34.00
N SER E 130 6.13 -23.88 34.17
CA SER E 130 7.22 -23.03 33.72
C SER E 130 8.50 -23.32 34.51
N GLY E 131 8.34 -23.82 35.73
CA GLY E 131 9.45 -23.96 36.67
C GLY E 131 9.61 -22.70 37.52
N GLN E 132 8.58 -21.83 37.47
CA GLN E 132 8.57 -20.61 38.25
C GLN E 132 7.19 -20.38 38.86
N ILE E 133 7.20 -19.47 39.82
CA ILE E 133 6.05 -19.08 40.59
C ILE E 133 5.99 -17.55 40.57
N PRO E 134 4.90 -16.99 41.13
CA PRO E 134 4.82 -15.57 41.41
C PRO E 134 5.70 -15.26 42.62
N LYS E 135 5.56 -14.06 43.16
CA LYS E 135 6.27 -13.69 44.36
C LYS E 135 5.90 -14.65 45.49
N GLU E 136 6.86 -14.89 46.37
CA GLU E 136 6.70 -15.77 47.52
C GLU E 136 5.88 -15.07 48.60
N GLU E 137 5.81 -13.74 48.51
CA GLU E 137 5.05 -12.95 49.47
C GLU E 137 3.54 -13.22 49.30
N PHE E 138 3.12 -13.78 48.16
CA PHE E 138 1.71 -14.06 47.90
C PHE E 138 1.23 -15.13 48.88
N PHE E 139 2.11 -16.12 49.09
CA PHE E 139 1.80 -17.30 49.89
C PHE E 139 1.99 -17.00 51.38
N SER E 140 2.96 -16.13 51.69
CA SER E 140 3.30 -15.77 53.06
C SER E 140 2.23 -14.85 53.66
N LEU E 141 1.71 -13.93 52.82
CA LEU E 141 0.94 -12.81 53.30
C LEU E 141 -0.50 -12.91 52.84
N PRO E 142 -1.43 -12.40 53.68
CA PRO E 142 -2.80 -12.12 53.28
C PRO E 142 -2.88 -10.97 52.28
N GLN E 143 -4.00 -10.95 51.53
CA GLN E 143 -4.31 -9.89 50.60
C GLN E 143 -5.48 -9.10 51.16
N TYR E 144 -5.40 -7.78 51.02
CA TYR E 144 -6.37 -6.86 51.55
C TYR E 144 -6.96 -6.02 50.42
N ASN E 145 -8.18 -6.37 49.98
CA ASN E 145 -8.81 -5.72 48.84
C ASN E 145 -9.71 -4.60 49.34
N THR E 146 -9.61 -3.44 48.68
CA THR E 146 -10.27 -2.27 49.17
C THR E 146 -11.72 -2.20 48.67
N TRP E 147 -12.17 -3.23 47.95
CA TRP E 147 -13.47 -3.17 47.30
C TRP E 147 -14.61 -3.00 48.31
N ILE E 148 -14.63 -3.82 49.36
CA ILE E 148 -15.79 -3.87 50.24
C ILE E 148 -15.77 -2.60 51.08
N GLU E 149 -14.58 -2.08 51.39
CA GLU E 149 -14.48 -0.96 52.31
C GLU E 149 -14.67 0.39 51.60
N LEU E 150 -13.87 0.66 50.58
CA LEU E 150 -13.85 1.96 49.93
C LEU E 150 -14.82 2.01 48.75
N MET E 151 -14.92 0.89 48.02
CA MET E 151 -15.86 0.68 46.93
C MET E 151 -15.44 1.56 45.74
N TYR E 152 -16.29 2.49 45.33
CA TYR E 152 -15.99 3.36 44.21
C TYR E 152 -15.12 4.52 44.67
N ASP E 153 -15.22 4.87 45.96
CA ASP E 153 -14.52 5.99 46.56
C ASP E 153 -13.09 5.60 46.98
N GLN E 154 -12.22 5.30 46.02
CA GLN E 154 -10.84 4.90 46.28
C GLN E 154 -10.00 6.15 46.58
N ASN E 155 -9.54 6.35 47.82
CA ASN E 155 -8.76 7.54 48.17
C ASN E 155 -7.65 7.20 49.16
N GLN E 156 -6.61 8.02 49.15
CA GLN E 156 -5.38 7.81 49.89
C GLN E 156 -5.68 7.70 51.39
N ARG E 157 -6.54 8.60 51.84
CA ARG E 157 -6.81 8.76 53.26
C ARG E 157 -7.29 7.43 53.82
N ASP E 158 -8.38 6.88 53.27
CA ASP E 158 -9.04 5.71 53.83
C ASP E 158 -8.22 4.44 53.61
N ILE E 159 -7.36 4.46 52.60
CA ILE E 159 -6.43 3.37 52.36
C ILE E 159 -5.44 3.30 53.52
N MET E 160 -5.01 4.47 53.99
CA MET E 160 -4.03 4.51 55.08
C MET E 160 -4.74 4.22 56.42
N GLN E 161 -6.04 4.52 56.53
CA GLN E 161 -6.82 4.19 57.71
C GLN E 161 -6.93 2.68 57.84
N TYR E 162 -7.31 2.03 56.73
CA TYR E 162 -7.43 0.59 56.65
C TYR E 162 -6.07 -0.05 56.96
N ALA E 163 -5.00 0.45 56.34
CA ALA E 163 -3.67 -0.12 56.45
C ALA E 163 -3.17 -0.09 57.90
N HIS E 164 -3.50 0.98 58.63
CA HIS E 164 -3.14 1.13 60.05
C HIS E 164 -4.00 0.20 60.89
N LYS E 165 -5.31 0.16 60.61
CA LYS E 165 -6.22 -0.68 61.36
C LYS E 165 -5.88 -2.17 61.21
N VAL E 166 -5.31 -2.57 60.08
CA VAL E 166 -4.77 -3.91 59.91
C VAL E 166 -3.79 -4.16 61.04
N VAL E 167 -2.80 -3.25 61.17
CA VAL E 167 -1.70 -3.39 62.12
C VAL E 167 -2.24 -3.29 63.53
N GLU E 168 -2.92 -2.17 63.83
CA GLU E 168 -3.44 -1.89 65.17
C GLU E 168 -4.24 -3.07 65.73
N ASN E 169 -5.00 -3.77 64.90
CA ASN E 169 -5.83 -4.88 65.34
C ASN E 169 -5.05 -6.21 65.19
N GLY E 170 -3.73 -6.12 65.03
CA GLY E 170 -2.84 -7.28 65.12
C GLY E 170 -2.99 -8.24 63.94
N PHE E 171 -3.56 -7.76 62.84
CA PHE E 171 -3.58 -8.54 61.61
C PHE E 171 -2.25 -8.33 60.91
N PRO E 172 -1.74 -9.35 60.20
CA PRO E 172 -0.45 -9.26 59.51
C PRO E 172 -0.46 -8.35 58.28
N GLN E 173 0.75 -7.94 57.86
CA GLN E 173 0.90 -7.14 56.66
C GLN E 173 0.84 -8.06 55.45
N GLY E 174 0.37 -7.52 54.33
CA GLY E 174 0.38 -8.30 53.12
C GLY E 174 0.18 -7.41 51.89
N VAL E 175 -0.38 -8.03 50.84
CA VAL E 175 -0.54 -7.34 49.57
C VAL E 175 -1.85 -6.56 49.61
N PHE E 176 -1.69 -5.23 49.56
CA PHE E 176 -2.79 -4.29 49.58
C PHE E 176 -3.22 -4.06 48.15
N MET E 177 -4.35 -4.65 47.76
CA MET E 177 -4.82 -4.61 46.38
C MET E 177 -5.94 -3.59 46.22
N ILE E 178 -5.53 -2.40 45.74
CA ILE E 178 -6.44 -1.30 45.52
C ILE E 178 -7.25 -1.65 44.27
N ASP E 179 -8.59 -1.54 44.39
CA ASP E 179 -9.47 -2.00 43.34
C ASP E 179 -9.85 -0.82 42.46
N ASP E 180 -10.85 -1.01 41.59
CA ASP E 180 -11.19 -0.05 40.54
C ASP E 180 -11.49 1.37 41.10
N ASN E 181 -11.22 2.42 40.29
CA ASN E 181 -11.55 3.82 40.57
C ASN E 181 -10.38 4.58 41.20
N TRP E 182 -9.17 4.01 41.16
CA TRP E 182 -8.00 4.76 41.60
C TRP E 182 -7.54 5.64 40.43
N GLN E 183 -7.77 5.14 39.21
CA GLN E 183 -7.23 5.81 38.03
C GLN E 183 -8.16 6.94 37.64
N ARG E 184 -7.60 7.97 36.97
CA ARG E 184 -8.36 9.16 36.61
C ARG E 184 -9.56 8.76 35.75
N TYR E 185 -9.32 7.87 34.77
CA TYR E 185 -10.36 7.21 34.02
C TYR E 185 -9.78 5.95 33.34
N TYR E 186 -10.66 5.21 32.65
CA TYR E 186 -10.27 3.97 32.01
C TYR E 186 -9.36 4.24 30.80
N GLY E 187 -8.18 3.65 30.85
CA GLY E 187 -7.16 3.92 29.84
C GLY E 187 -5.98 4.63 30.47
N ASN E 188 -6.30 5.49 31.45
CA ASN E 188 -5.32 6.32 32.11
C ASN E 188 -4.69 5.50 33.25
N PHE E 189 -3.35 5.62 33.37
CA PHE E 189 -2.63 4.93 34.43
C PHE E 189 -2.01 5.86 35.46
N ASP E 190 -2.66 6.99 35.70
CA ASP E 190 -2.37 7.87 36.81
C ASP E 190 -3.52 7.80 37.80
N PHE E 191 -3.24 8.24 39.04
CA PHE E 191 -4.21 8.28 40.12
C PHE E 191 -5.07 9.54 39.96
N LYS E 192 -6.31 9.46 40.49
CA LYS E 192 -7.13 10.63 40.72
C LYS E 192 -6.45 11.51 41.76
N PRO E 193 -5.95 12.71 41.38
CA PRO E 193 -5.22 13.54 42.34
C PRO E 193 -6.08 14.22 43.39
N GLU E 194 -7.40 14.31 43.15
CA GLU E 194 -8.32 14.85 44.15
C GLU E 194 -8.50 13.84 45.28
N LYS E 195 -8.13 12.58 45.02
CA LYS E 195 -8.23 11.49 45.99
C LYS E 195 -6.84 11.07 46.50
N PHE E 196 -5.80 11.32 45.72
CA PHE E 196 -4.45 10.91 46.06
C PHE E 196 -3.53 12.11 45.94
N PRO E 197 -3.43 12.97 46.98
CA PRO E 197 -2.60 14.18 46.88
C PRO E 197 -1.09 13.89 46.81
N ASP E 198 -0.65 12.73 47.31
CA ASP E 198 0.73 12.29 47.15
C ASP E 198 0.75 10.77 47.22
N PRO E 199 0.46 10.12 46.07
CA PRO E 199 0.41 8.66 46.01
C PRO E 199 1.78 7.97 46.03
N LYS E 200 2.81 8.64 45.51
CA LYS E 200 4.18 8.13 45.57
C LYS E 200 4.61 8.00 47.04
N GLY E 201 4.27 9.02 47.85
CA GLY E 201 4.61 9.05 49.26
C GLY E 201 3.82 8.03 50.08
N MET E 202 2.53 7.90 49.70
CA MET E 202 1.65 6.92 50.31
C MET E 202 2.16 5.50 50.05
N THR E 203 2.77 5.27 48.89
CA THR E 203 3.32 3.98 48.53
C THR E 203 4.55 3.69 49.38
N ASP E 204 5.44 4.68 49.53
CA ASP E 204 6.59 4.54 50.41
C ASP E 204 6.14 4.23 51.83
N GLU E 205 5.14 4.97 52.33
CA GLU E 205 4.72 4.71 53.70
C GLU E 205 4.28 3.24 53.83
N LEU E 206 3.44 2.79 52.89
CA LEU E 206 2.93 1.43 52.96
C LEU E 206 4.09 0.42 52.85
N HIS E 207 5.14 0.80 52.09
CA HIS E 207 6.34 -0.03 51.98
C HIS E 207 7.12 -0.07 53.28
N ARG E 208 7.23 1.10 53.94
CA ARG E 208 7.91 1.18 55.23
C ARG E 208 7.13 0.41 56.28
N MET E 209 5.80 0.33 56.14
CA MET E 209 4.97 -0.44 57.05
C MET E 209 5.03 -1.94 56.74
N GLY E 210 5.72 -2.33 55.65
CA GLY E 210 5.98 -3.73 55.32
C GLY E 210 4.91 -4.35 54.42
N PHE E 211 4.13 -3.51 53.74
CA PHE E 211 3.08 -3.93 52.81
C PHE E 211 3.64 -4.00 51.39
N LYS E 212 2.87 -4.66 50.52
CA LYS E 212 2.98 -4.51 49.07
C LYS E 212 1.69 -3.88 48.54
N VAL E 213 1.74 -3.26 47.35
CA VAL E 213 0.62 -2.57 46.76
C VAL E 213 0.43 -3.05 45.32
N MET E 214 -0.82 -3.32 44.97
CA MET E 214 -1.17 -3.77 43.63
C MET E 214 -2.39 -2.99 43.14
N LEU E 215 -2.44 -2.69 41.83
CA LEU E 215 -3.47 -1.80 41.30
C LEU E 215 -4.32 -2.53 40.27
N TRP E 216 -5.63 -2.25 40.35
CA TRP E 216 -6.63 -2.83 39.48
C TRP E 216 -6.54 -2.20 38.09
N ILE E 217 -6.56 -3.07 37.09
CA ILE E 217 -6.53 -2.65 35.71
C ILE E 217 -7.45 -3.55 34.88
N ALA E 218 -7.84 -3.04 33.70
CA ALA E 218 -8.63 -3.80 32.74
C ALA E 218 -8.33 -3.32 31.32
N PRO E 219 -8.61 -4.13 30.26
CA PRO E 219 -8.34 -3.71 28.87
C PRO E 219 -9.24 -2.62 28.27
N TYR E 220 -10.11 -2.10 29.12
CA TYR E 220 -11.09 -1.09 28.75
C TYR E 220 -10.42 0.29 28.71
N VAL E 221 -10.89 1.08 27.75
CA VAL E 221 -10.42 2.43 27.52
C VAL E 221 -11.65 3.31 27.30
N SER E 222 -11.70 4.42 28.04
CA SER E 222 -12.70 5.45 27.77
C SER E 222 -12.72 5.67 26.26
N ALA E 223 -13.94 5.66 25.70
CA ALA E 223 -14.10 5.58 24.26
C ALA E 223 -13.87 6.93 23.58
N ASP E 224 -13.72 8.02 24.39
CA ASP E 224 -13.67 9.40 23.93
C ASP E 224 -12.47 10.13 24.54
N SER E 225 -11.50 9.34 25.01
CA SER E 225 -10.34 9.84 25.76
C SER E 225 -9.17 10.20 24.84
N PRO E 226 -8.29 11.12 25.28
CA PRO E 226 -7.00 11.32 24.65
C PRO E 226 -6.30 10.01 24.30
N GLU E 227 -6.26 9.09 25.29
CA GLU E 227 -5.56 7.81 25.20
C GLU E 227 -6.22 6.93 24.15
N PHE E 228 -7.56 6.96 24.11
CA PHE E 228 -8.29 6.23 23.10
C PHE E 228 -7.80 6.58 21.69
N ARG E 229 -7.71 7.86 21.36
CA ARG E 229 -7.36 8.20 19.98
C ARG E 229 -5.90 7.85 19.72
N ILE E 230 -5.05 8.01 20.73
CA ILE E 230 -3.62 7.70 20.59
C ILE E 230 -3.42 6.24 20.22
N LEU E 231 -4.17 5.38 20.89
CA LEU E 231 -4.17 3.94 20.61
C LEU E 231 -4.83 3.69 19.26
N GLU E 232 -5.96 4.38 19.00
CA GLU E 232 -6.71 4.25 17.77
C GLU E 232 -5.82 4.57 16.57
N LYS E 233 -5.00 5.61 16.71
CA LYS E 233 -4.00 5.98 15.71
C LYS E 233 -3.07 4.80 15.47
N LYS E 234 -2.59 4.18 16.55
CA LYS E 234 -1.55 3.16 16.44
C LYS E 234 -2.13 1.78 16.12
N GLY E 235 -3.46 1.70 15.93
CA GLY E 235 -4.15 0.43 15.68
C GLY E 235 -3.98 -0.55 16.85
N TYR E 236 -3.85 -0.01 18.06
CA TYR E 236 -3.59 -0.79 19.26
C TYR E 236 -4.90 -1.11 19.96
N LEU E 237 -5.99 -0.41 19.57
CA LEU E 237 -7.30 -0.73 20.08
C LEU E 237 -7.81 -1.94 19.31
N LEU E 238 -8.84 -2.56 19.88
CA LEU E 238 -9.41 -3.75 19.28
C LEU E 238 -10.39 -3.28 18.22
N LYS E 239 -10.27 -3.90 17.04
CA LYS E 239 -10.97 -3.48 15.83
C LYS E 239 -12.22 -4.32 15.61
N LYS E 240 -13.33 -3.67 15.22
CA LYS E 240 -14.52 -4.37 14.79
C LYS E 240 -14.30 -4.77 13.32
N LYS E 241 -14.99 -5.81 12.85
CA LYS E 241 -14.72 -6.39 11.53
C LYS E 241 -15.28 -5.50 10.40
N ASP E 242 -16.60 -5.47 10.28
CA ASP E 242 -17.28 -4.81 9.18
C ASP E 242 -17.21 -3.28 9.30
N THR E 243 -16.23 -2.73 9.99
CA THR E 243 -16.11 -1.29 10.18
C THR E 243 -14.64 -0.92 10.18
N GLY E 244 -13.77 -1.90 10.51
CA GLY E 244 -12.35 -1.64 10.61
C GLY E 244 -12.05 -0.67 11.75
N GLN E 245 -13.09 -0.37 12.57
CA GLN E 245 -12.96 0.70 13.54
C GLN E 245 -12.83 0.10 14.94
N PRO E 246 -12.37 0.85 15.97
CA PRO E 246 -12.34 0.35 17.34
C PRO E 246 -13.63 -0.34 17.79
N ALA E 247 -13.44 -1.53 18.37
CA ALA E 247 -14.51 -2.35 18.91
C ALA E 247 -14.88 -1.76 20.27
N ILE E 248 -16.20 -1.54 20.37
CA ILE E 248 -16.81 -0.95 21.55
C ILE E 248 -17.47 -2.08 22.33
N ILE E 249 -16.89 -2.43 23.49
CA ILE E 249 -17.37 -3.56 24.25
C ILE E 249 -18.29 -3.08 25.37
N HIS E 250 -19.45 -3.73 25.51
CA HIS E 250 -20.31 -3.58 26.67
C HIS E 250 -19.82 -4.58 27.73
N TRP E 251 -19.41 -4.04 28.88
CA TRP E 251 -18.91 -4.81 30.03
C TRP E 251 -19.66 -4.29 31.28
N TRP E 252 -19.29 -4.81 32.46
CA TRP E 252 -20.08 -4.61 33.65
C TRP E 252 -20.13 -3.14 34.07
N ASN E 253 -19.18 -2.32 33.60
CA ASN E 253 -19.13 -0.95 34.06
C ASN E 253 -19.66 -0.05 32.98
N GLY E 254 -19.82 -0.56 31.74
CA GLY E 254 -20.34 0.30 30.69
C GLY E 254 -19.95 -0.15 29.28
N PHE E 255 -19.77 0.84 28.36
CA PHE E 255 -19.25 0.56 27.03
C PHE E 255 -17.92 1.26 26.86
N SER E 256 -16.93 0.45 26.47
CA SER E 256 -15.58 0.98 26.36
C SER E 256 -15.00 0.52 25.03
N ALA E 257 -14.07 1.35 24.51
CA ALA E 257 -13.11 0.86 23.55
C ALA E 257 -12.18 -0.13 24.24
N CYS E 258 -11.42 -0.89 23.47
CA CYS E 258 -10.68 -1.95 24.12
C CYS E 258 -9.29 -2.09 23.49
N TYR E 259 -8.28 -2.35 24.38
CA TYR E 259 -6.92 -2.75 23.97
C TYR E 259 -7.01 -4.08 23.23
N ASP E 260 -6.45 -4.11 22.00
CA ASP E 260 -6.25 -5.36 21.29
C ASP E 260 -5.10 -6.11 21.95
N THR E 261 -5.41 -7.24 22.61
CA THR E 261 -4.40 -7.96 23.37
C THR E 261 -3.63 -8.89 22.44
N THR E 262 -4.20 -9.16 21.27
CA THR E 262 -3.54 -10.00 20.27
C THR E 262 -2.48 -9.19 19.52
N ASN E 263 -2.67 -7.86 19.49
CA ASN E 263 -1.62 -6.96 19.03
C ASN E 263 -0.51 -6.97 20.07
N PRO E 264 0.66 -7.55 19.72
CA PRO E 264 1.77 -7.66 20.66
C PRO E 264 2.44 -6.30 20.90
N GLU E 265 2.42 -5.44 19.88
CA GLU E 265 3.01 -4.12 20.02
C GLU E 265 2.12 -3.27 20.90
N ALA E 266 0.81 -3.57 20.87
CA ALA E 266 -0.15 -2.90 21.73
C ALA E 266 0.11 -3.29 23.20
N MET E 267 0.42 -4.57 23.39
CA MET E 267 0.71 -5.12 24.71
C MET E 267 2.14 -4.75 25.12
N GLU E 268 3.04 -4.58 24.14
CA GLU E 268 4.38 -4.07 24.36
C GLU E 268 4.26 -2.67 24.95
N TYR E 269 3.41 -1.85 24.33
CA TYR E 269 3.20 -0.48 24.73
C TYR E 269 2.55 -0.44 26.10
N LEU E 270 1.48 -1.25 26.26
CA LEU E 270 0.76 -1.35 27.52
C LEU E 270 1.71 -1.80 28.64
N LYS E 271 2.72 -2.60 28.30
CA LYS E 271 3.67 -3.10 29.29
C LYS E 271 4.41 -1.90 29.86
N GLN E 272 4.88 -1.03 28.96
CA GLN E 272 5.63 0.15 29.34
C GLN E 272 4.75 1.18 30.03
N GLN E 273 3.45 1.15 29.72
CA GLN E 273 2.44 1.98 30.37
C GLN E 273 2.48 1.73 31.88
N LEU E 274 2.59 0.43 32.20
CA LEU E 274 2.45 -0.05 33.57
C LEU E 274 3.76 0.12 34.34
N ARG E 275 4.90 -0.10 33.65
CA ARG E 275 6.21 0.03 34.26
C ARG E 275 6.45 1.46 34.72
N ALA E 276 5.99 2.40 33.88
CA ALA E 276 6.06 3.82 34.15
C ALA E 276 5.31 4.15 35.44
N ASN E 277 4.15 3.50 35.60
CA ASN E 277 3.35 3.58 36.82
C ASN E 277 4.17 3.07 38.00
N GLN E 278 4.87 1.94 37.82
CA GLN E 278 5.61 1.27 38.89
C GLN E 278 6.72 2.19 39.39
N GLU E 279 7.43 2.88 38.48
CA GLU E 279 8.47 3.81 38.92
C GLU E 279 7.84 5.06 39.53
N LYS E 280 6.94 5.65 38.76
CA LYS E 280 6.35 6.92 39.09
C LYS E 280 5.73 6.88 40.48
N TYR E 281 4.94 5.84 40.77
CA TYR E 281 4.14 5.77 41.99
C TYR E 281 4.73 4.84 43.03
N GLY E 282 5.43 3.80 42.57
CA GLY E 282 6.06 2.81 43.46
C GLY E 282 5.23 1.54 43.60
N ILE E 283 4.48 1.21 42.56
CA ILE E 283 3.58 0.08 42.61
C ILE E 283 4.36 -1.20 42.37
N ASP E 284 3.96 -2.27 43.09
CA ASP E 284 4.61 -3.57 43.06
C ASP E 284 4.02 -4.45 41.94
N GLY E 285 2.74 -4.31 41.65
CA GLY E 285 2.16 -5.12 40.61
C GLY E 285 0.74 -4.66 40.27
N PHE E 286 0.02 -5.51 39.53
CA PHE E 286 -1.30 -5.14 39.06
C PHE E 286 -2.27 -6.32 39.19
N LYS E 287 -3.51 -5.98 39.55
CA LYS E 287 -4.63 -6.88 39.44
C LYS E 287 -5.25 -6.72 38.05
N PHE E 288 -5.21 -7.81 37.28
CA PHE E 288 -5.68 -7.80 35.90
C PHE E 288 -7.10 -8.34 35.88
N ASP E 289 -8.09 -7.49 35.70
CA ASP E 289 -9.46 -7.99 35.85
C ASP E 289 -10.12 -7.47 34.58
N GLY E 290 -10.62 -8.38 33.73
CA GLY E 290 -11.63 -7.98 32.76
C GLY E 290 -11.38 -8.42 31.32
N ALA E 291 -10.92 -9.63 31.09
CA ALA E 291 -10.77 -10.02 29.70
C ALA E 291 -11.91 -10.96 29.32
N ASP E 292 -13.09 -10.73 29.90
CA ASP E 292 -14.12 -11.75 29.84
C ASP E 292 -14.52 -11.94 28.38
N ILE E 293 -14.48 -13.22 27.96
CA ILE E 293 -14.97 -13.62 26.65
C ILE E 293 -16.50 -13.55 26.62
N SER E 294 -17.11 -13.51 27.82
CA SER E 294 -18.57 -13.47 27.95
C SER E 294 -19.09 -12.13 27.47
N TYR E 295 -18.25 -11.09 27.49
CA TYR E 295 -18.67 -9.81 26.94
C TYR E 295 -18.43 -9.74 25.44
N MET E 296 -17.42 -10.43 24.95
CA MET E 296 -17.07 -10.35 23.54
C MET E 296 -17.99 -11.35 22.86
N THR E 297 -18.68 -10.93 21.80
CA THR E 297 -19.48 -11.83 20.95
C THR E 297 -18.61 -12.33 19.80
N PRO E 298 -18.33 -13.62 19.72
CA PRO E 298 -17.29 -14.26 18.89
C PRO E 298 -17.04 -13.85 17.45
N GLY E 299 -15.93 -13.14 17.15
CA GLY E 299 -15.48 -12.99 15.77
C GLY E 299 -16.15 -11.83 14.99
N GLU E 300 -16.92 -10.94 15.67
CA GLU E 300 -17.21 -9.60 15.16
C GLU E 300 -15.94 -8.74 15.00
N TYR E 301 -14.78 -9.29 15.35
CA TYR E 301 -13.57 -8.56 15.68
C TYR E 301 -12.50 -8.92 14.66
N ASP E 302 -11.77 -7.91 14.18
CA ASP E 302 -10.54 -8.11 13.44
C ASP E 302 -9.39 -8.07 14.42
N PHE E 303 -9.07 -9.22 14.98
CA PHE E 303 -7.94 -9.29 15.87
C PHE E 303 -6.69 -9.03 15.03
N TYR E 304 -5.63 -8.57 15.70
CA TYR E 304 -4.32 -8.47 15.09
C TYR E 304 -3.91 -9.89 14.67
N ASP E 305 -3.88 -10.83 15.63
CA ASP E 305 -3.76 -12.26 15.38
C ASP E 305 -5.00 -12.67 14.58
N LYS E 306 -4.78 -13.11 13.34
CA LYS E 306 -5.82 -13.50 12.41
C LYS E 306 -6.35 -14.89 12.78
N ASP E 307 -5.54 -15.68 13.53
CA ASP E 307 -5.96 -16.98 14.01
C ASP E 307 -6.60 -16.92 15.40
N ALA E 308 -6.85 -15.71 15.93
CA ALA E 308 -7.25 -15.54 17.32
C ALA E 308 -8.76 -15.55 17.46
N THR E 309 -9.20 -16.08 18.60
CA THR E 309 -10.60 -16.14 19.00
C THR E 309 -10.73 -15.15 20.15
N PRO E 310 -11.96 -14.96 20.74
CA PRO E 310 -12.09 -14.19 21.98
C PRO E 310 -11.31 -14.82 23.14
N ASN E 311 -11.27 -16.15 23.12
CA ASN E 311 -10.52 -16.93 24.11
C ASN E 311 -9.05 -16.52 24.05
N THR E 312 -8.52 -16.37 22.83
CA THR E 312 -7.13 -16.00 22.63
C THR E 312 -6.89 -14.66 23.33
N PHE E 313 -7.82 -13.72 23.06
CA PHE E 313 -7.78 -12.40 23.67
C PHE E 313 -7.69 -12.51 25.19
N MET E 314 -8.55 -13.37 25.75
CA MET E 314 -8.61 -13.53 27.19
C MET E 314 -7.28 -14.08 27.72
N GLU E 315 -6.61 -14.91 26.91
CA GLU E 315 -5.34 -15.53 27.26
C GLU E 315 -4.23 -14.50 27.25
N LYS E 316 -4.36 -13.51 26.37
CA LYS E 316 -3.30 -12.54 26.18
C LYS E 316 -3.34 -11.44 27.25
N TRP E 317 -4.55 -11.12 27.71
CA TRP E 317 -4.69 -10.21 28.84
C TRP E 317 -4.02 -10.79 30.07
N ALA E 318 -4.20 -12.10 30.25
CA ALA E 318 -3.72 -12.82 31.42
C ALA E 318 -2.20 -13.00 31.35
N ALA E 319 -1.70 -13.30 30.14
CA ALA E 319 -0.28 -13.56 29.89
C ALA E 319 0.52 -12.34 30.27
N LEU E 320 -0.12 -11.17 30.16
CA LEU E 320 0.45 -9.89 30.54
C LEU E 320 0.96 -9.91 31.99
N GLY E 321 0.40 -10.77 32.84
CA GLY E 321 0.87 -10.90 34.20
C GLY E 321 2.22 -11.65 34.33
N LEU E 322 2.63 -12.36 33.28
CA LEU E 322 3.93 -13.00 33.25
C LEU E 322 5.02 -11.95 33.33
N SER E 323 4.72 -10.77 32.83
CA SER E 323 5.68 -9.68 32.77
C SER E 323 5.75 -8.95 34.14
N PHE E 324 4.92 -9.35 35.12
CA PHE E 324 4.90 -8.69 36.41
C PHE E 324 4.78 -9.73 37.52
N PRO E 325 5.78 -9.85 38.42
CA PRO E 325 5.79 -10.92 39.41
C PRO E 325 4.67 -10.73 40.44
N TYR E 326 4.36 -9.47 40.73
CA TYR E 326 3.13 -9.13 41.41
C TYR E 326 2.03 -9.03 40.35
N ASN E 327 1.16 -10.03 40.32
CA ASN E 327 0.02 -10.09 39.42
C ASN E 327 -1.09 -10.93 40.07
N GLU E 328 -2.33 -10.60 39.71
CA GLU E 328 -3.48 -11.39 40.13
C GLU E 328 -4.56 -11.21 39.08
N LEU E 329 -5.07 -12.33 38.52
CA LEU E 329 -6.12 -12.26 37.54
C LEU E 329 -7.28 -13.17 37.89
N ARG E 330 -8.30 -13.11 37.03
CA ARG E 330 -9.57 -13.74 37.32
C ARG E 330 -10.19 -14.24 36.02
N ALA E 331 -10.09 -13.44 34.95
CA ALA E 331 -10.43 -13.91 33.62
C ALA E 331 -9.19 -14.51 32.97
N CYS E 332 -9.29 -15.74 32.42
CA CYS E 332 -8.15 -16.41 31.79
C CYS E 332 -8.56 -17.62 30.95
N TRP E 333 -7.74 -17.91 29.93
CA TRP E 333 -7.85 -19.07 29.06
C TRP E 333 -6.47 -19.73 28.93
N LYS E 334 -6.38 -21.01 29.32
CA LYS E 334 -5.13 -21.74 29.34
C LYS E 334 -4.17 -21.06 30.33
N LEU E 335 -2.86 -21.05 30.02
CA LEU E 335 -1.80 -20.57 30.91
C LEU E 335 -1.78 -21.37 32.21
N GLY E 336 -1.80 -22.70 32.00
CA GLY E 336 -1.64 -23.67 33.05
C GLY E 336 -0.16 -23.93 33.32
N GLY E 337 0.19 -23.95 34.61
CA GLY E 337 1.56 -24.22 35.00
C GLY E 337 2.37 -22.94 35.21
N GLN E 338 1.74 -21.82 34.83
CA GLN E 338 2.46 -20.57 34.74
C GLN E 338 2.34 -19.78 36.04
N ALA E 339 3.39 -18.98 36.31
CA ALA E 339 3.51 -18.13 37.50
C ALA E 339 2.44 -17.03 37.51
N LEU E 340 1.20 -17.41 37.81
CA LEU E 340 0.09 -16.47 37.73
C LEU E 340 -0.83 -16.69 38.92
N VAL E 341 -0.94 -15.69 39.78
CA VAL E 341 -1.96 -15.75 40.81
C VAL E 341 -3.35 -15.72 40.13
N GLN E 342 -4.20 -16.63 40.57
CA GLN E 342 -5.54 -16.75 40.02
C GLN E 342 -6.56 -16.59 41.15
N ARG E 343 -7.53 -15.71 40.93
CA ARG E 343 -8.58 -15.46 41.90
C ARG E 343 -9.85 -16.16 41.45
N LEU E 344 -10.72 -16.43 42.43
CA LEU E 344 -12.06 -16.93 42.16
C LEU E 344 -13.02 -15.74 42.09
N GLY E 345 -14.07 -15.87 41.27
CA GLY E 345 -15.04 -14.81 41.11
C GLY E 345 -15.59 -14.36 42.46
N ASP E 346 -15.87 -13.06 42.57
CA ASP E 346 -16.38 -12.46 43.80
C ASP E 346 -17.72 -13.08 44.16
N LYS E 347 -17.78 -13.79 45.27
CA LYS E 347 -18.94 -14.59 45.61
C LYS E 347 -19.88 -13.76 46.46
N ASP E 348 -20.91 -14.44 46.93
CA ASP E 348 -21.96 -13.87 47.75
C ASP E 348 -21.57 -13.96 49.22
N TYR E 349 -22.28 -13.18 50.04
CA TYR E 349 -22.26 -13.34 51.48
C TYR E 349 -23.36 -14.31 51.93
N SER E 350 -23.11 -15.62 51.84
CA SER E 350 -23.98 -16.65 52.38
C SER E 350 -23.23 -17.97 52.51
N TRP E 351 -23.79 -18.87 53.32
CA TRP E 351 -23.24 -20.20 53.52
C TRP E 351 -23.13 -20.91 52.18
N ASN E 352 -24.26 -20.89 51.46
CA ASN E 352 -24.44 -21.45 50.13
C ASN E 352 -23.13 -21.30 49.33
N ALA E 353 -22.68 -20.03 49.30
CA ALA E 353 -21.54 -19.59 48.53
C ALA E 353 -20.24 -20.03 49.20
N THR E 354 -20.24 -19.99 50.53
CA THR E 354 -19.06 -20.34 51.31
C THR E 354 -18.67 -21.80 51.05
N ARG E 355 -19.67 -22.63 50.73
CA ARG E 355 -19.45 -24.06 50.58
C ARG E 355 -18.75 -24.33 49.25
N MET E 356 -18.88 -23.39 48.31
CA MET E 356 -18.37 -23.55 46.96
C MET E 356 -16.87 -23.20 46.88
N LEU E 357 -16.30 -22.57 47.91
CA LEU E 357 -14.91 -22.08 47.89
C LEU E 357 -13.96 -23.25 47.68
N ILE E 358 -14.15 -24.29 48.48
CA ILE E 358 -13.26 -25.43 48.50
C ILE E 358 -13.23 -26.10 47.12
N PRO E 359 -14.38 -26.57 46.58
CA PRO E 359 -14.40 -27.29 45.30
C PRO E 359 -14.04 -26.44 44.08
N ASP E 360 -14.33 -25.12 44.13
CA ASP E 360 -13.87 -24.19 43.12
C ASP E 360 -12.34 -24.06 43.17
N MET E 361 -11.79 -23.98 44.38
CA MET E 361 -10.36 -23.84 44.61
C MET E 361 -9.65 -25.10 44.16
N LEU E 362 -10.30 -26.26 44.36
CA LEU E 362 -9.75 -27.54 43.96
C LEU E 362 -9.70 -27.66 42.44
N ALA E 363 -10.72 -27.08 41.77
CA ALA E 363 -10.88 -27.16 40.33
C ALA E 363 -9.81 -26.32 39.65
N ALA E 364 -9.41 -25.22 40.31
CA ALA E 364 -8.30 -24.42 39.84
C ALA E 364 -7.06 -25.28 39.76
N GLY E 365 -6.72 -25.89 40.90
CA GLY E 365 -5.58 -26.79 40.98
C GLY E 365 -5.55 -27.78 39.82
N LEU E 366 -6.56 -28.67 39.76
CA LEU E 366 -6.57 -29.73 38.78
C LEU E 366 -6.20 -29.21 37.39
N LEU E 367 -6.69 -27.98 37.07
CA LEU E 367 -6.70 -27.46 35.72
C LEU E 367 -5.48 -26.56 35.43
N GLY E 368 -4.50 -26.54 36.35
CA GLY E 368 -3.22 -25.90 36.08
C GLY E 368 -3.03 -24.52 36.72
N TYR E 369 -4.04 -24.08 37.48
CA TYR E 369 -3.99 -22.77 38.12
C TYR E 369 -3.61 -22.96 39.58
N TYR E 370 -2.36 -23.38 39.81
CA TYR E 370 -2.02 -24.05 41.07
C TYR E 370 -2.00 -23.03 42.20
N TYR E 371 -1.43 -21.86 41.89
CA TYR E 371 -1.23 -20.79 42.84
C TYR E 371 -2.46 -19.93 42.82
N THR E 372 -3.30 -20.08 43.85
CA THR E 372 -4.69 -19.68 43.78
C THR E 372 -5.08 -18.82 45.00
N CYS E 373 -5.70 -17.65 44.77
CA CYS E 373 -6.26 -16.84 45.83
C CYS E 373 -7.76 -17.15 45.96
N PRO E 374 -8.28 -17.42 47.18
CA PRO E 374 -9.66 -17.89 47.34
C PRO E 374 -10.69 -16.79 47.52
N ASP E 375 -10.82 -15.91 46.51
CA ASP E 375 -11.93 -14.97 46.52
C ASP E 375 -11.85 -14.15 47.81
N MET E 376 -12.77 -13.21 47.99
CA MET E 376 -12.79 -12.35 49.16
C MET E 376 -13.45 -13.06 50.33
N ILE E 377 -13.18 -12.57 51.54
CA ILE E 377 -13.71 -13.12 52.78
C ILE E 377 -15.00 -12.39 53.07
N GLY E 378 -16.03 -13.15 53.45
CA GLY E 378 -17.36 -12.63 53.72
C GLY E 378 -18.19 -12.35 52.45
N GLY E 379 -17.54 -12.25 51.30
CA GLY E 379 -18.21 -11.95 50.04
C GLY E 379 -17.49 -10.79 49.35
N GLY E 380 -17.34 -10.93 48.04
CA GLY E 380 -16.79 -9.85 47.22
C GLY E 380 -17.88 -8.93 46.67
N GLN E 381 -19.07 -9.04 47.27
CA GLN E 381 -20.18 -8.15 46.94
C GLN E 381 -20.40 -7.19 48.10
N TYR E 382 -20.09 -5.90 47.84
CA TYR E 382 -20.09 -4.84 48.85
C TYR E 382 -21.51 -4.55 49.38
N SER E 383 -22.47 -4.68 48.45
CA SER E 383 -23.86 -4.29 48.69
C SER E 383 -24.47 -5.16 49.80
N ALA E 384 -23.89 -6.34 50.02
CA ALA E 384 -24.34 -7.30 51.02
C ALA E 384 -24.07 -6.77 52.44
N PHE E 385 -23.01 -5.98 52.59
CA PHE E 385 -22.60 -5.47 53.88
C PHE E 385 -23.14 -4.05 54.10
N LEU E 386 -23.38 -3.34 53.00
CA LEU E 386 -24.11 -2.08 53.05
C LEU E 386 -25.56 -2.38 53.46
N GLU E 390 -27.48 -6.30 61.62
CA GLU E 390 -27.10 -7.34 62.61
C GLU E 390 -26.33 -8.48 61.94
N PHE E 391 -24.98 -8.47 61.98
CA PHE E 391 -24.20 -9.39 61.17
C PHE E 391 -24.29 -10.83 61.71
N ASP E 392 -24.24 -11.79 60.78
CA ASP E 392 -23.94 -13.18 61.12
C ASP E 392 -22.43 -13.31 61.12
N GLU E 393 -21.84 -13.14 62.30
CA GLU E 393 -20.40 -13.06 62.45
C GLU E 393 -19.79 -14.46 62.38
N GLU E 394 -20.58 -15.53 62.50
CA GLU E 394 -20.06 -16.88 62.41
C GLU E 394 -19.56 -17.11 60.99
N LEU E 395 -20.41 -16.79 60.01
CA LEU E 395 -20.09 -17.03 58.62
C LEU E 395 -18.75 -16.39 58.25
N ILE E 396 -18.51 -15.17 58.73
CA ILE E 396 -17.27 -14.45 58.46
C ILE E 396 -16.09 -15.26 58.96
N VAL E 397 -16.20 -15.73 60.21
CA VAL E 397 -15.10 -16.39 60.88
C VAL E 397 -14.88 -17.78 60.27
N ARG E 398 -15.96 -18.49 59.95
CA ARG E 398 -15.84 -19.82 59.37
C ARG E 398 -15.25 -19.72 57.97
N SER E 399 -15.66 -18.64 57.28
CA SER E 399 -15.19 -18.34 55.94
C SER E 399 -13.68 -18.04 55.99
N CYS E 400 -13.27 -17.34 57.05
CA CYS E 400 -11.86 -17.06 57.30
C CYS E 400 -11.08 -18.37 57.45
N GLN E 401 -11.62 -19.30 58.25
CA GLN E 401 -10.94 -20.53 58.56
C GLN E 401 -10.59 -21.30 57.29
N VAL E 402 -11.52 -21.30 56.34
CA VAL E 402 -11.29 -21.97 55.07
C VAL E 402 -9.99 -21.49 54.44
N HIS E 403 -9.90 -20.16 54.28
CA HIS E 403 -8.77 -19.48 53.66
C HIS E 403 -7.45 -19.78 54.36
N ALA E 404 -7.49 -19.93 55.68
CA ALA E 404 -6.28 -20.04 56.49
C ALA E 404 -5.34 -21.04 55.85
N LEU E 405 -5.86 -22.23 55.50
CA LEU E 405 -5.02 -23.33 55.02
C LEU E 405 -5.19 -23.49 53.51
N MET E 406 -5.19 -22.35 52.81
CA MET E 406 -5.15 -22.32 51.36
C MET E 406 -3.86 -21.61 50.93
N PRO E 407 -3.53 -21.60 49.63
CA PRO E 407 -2.27 -21.00 49.20
C PRO E 407 -2.15 -19.55 49.64
N MET E 408 -3.24 -18.79 49.50
CA MET E 408 -3.30 -17.37 49.84
C MET E 408 -4.54 -17.15 50.70
N MET E 409 -4.78 -15.90 51.08
CA MET E 409 -5.93 -15.55 51.89
C MET E 409 -6.31 -14.09 51.67
N GLN E 410 -7.52 -13.84 51.14
CA GLN E 410 -7.93 -12.49 50.79
C GLN E 410 -9.02 -12.07 51.77
N PHE E 411 -8.81 -10.91 52.41
CA PHE E 411 -9.84 -10.17 53.13
C PHE E 411 -10.29 -9.01 52.25
N SER E 412 -11.46 -8.45 52.57
CA SER E 412 -11.91 -7.25 51.88
C SER E 412 -12.69 -6.39 52.86
N VAL E 413 -13.68 -7.03 53.48
CA VAL E 413 -14.41 -6.44 54.58
C VAL E 413 -13.47 -6.35 55.78
N ALA E 414 -13.75 -5.35 56.62
CA ALA E 414 -12.91 -5.00 57.75
C ALA E 414 -13.43 -5.69 59.00
N PRO E 415 -12.84 -6.86 59.38
CA PRO E 415 -13.27 -7.59 60.57
C PRO E 415 -13.41 -6.68 61.81
N TRP E 416 -12.48 -5.74 61.94
CA TRP E 416 -12.45 -4.85 63.09
C TRP E 416 -13.66 -3.93 63.08
N ARG E 417 -14.29 -3.74 61.91
CA ARG E 417 -15.49 -2.92 61.86
C ARG E 417 -16.73 -3.80 62.11
N ILE E 418 -16.80 -4.94 61.44
CA ILE E 418 -18.02 -5.71 61.40
C ILE E 418 -18.11 -6.72 62.55
N LEU E 419 -16.96 -7.19 63.06
CA LEU E 419 -16.92 -8.25 64.07
C LEU E 419 -16.81 -7.69 65.48
N SER E 420 -17.06 -8.57 66.46
CA SER E 420 -16.68 -8.35 67.85
C SER E 420 -15.16 -8.45 67.96
N LYS E 421 -14.61 -7.80 68.99
CA LYS E 421 -13.16 -7.75 69.16
C LYS E 421 -12.62 -9.17 69.27
N GLU E 422 -13.42 -10.00 69.95
CA GLU E 422 -13.15 -11.41 70.16
C GLU E 422 -12.93 -12.12 68.83
N ASN E 423 -13.91 -11.93 67.94
CA ASN E 423 -13.96 -12.62 66.66
C ASN E 423 -12.87 -12.09 65.72
N ALA E 424 -12.64 -10.78 65.75
CA ALA E 424 -11.52 -10.19 65.04
C ALA E 424 -10.22 -10.93 65.39
N ASP E 425 -9.95 -11.07 66.69
CA ASP E 425 -8.70 -11.68 67.14
C ASP E 425 -8.61 -13.12 66.65
N ILE E 426 -9.78 -13.79 66.59
CA ILE E 426 -9.89 -15.15 66.10
C ILE E 426 -9.36 -15.20 64.67
N CYS E 427 -9.86 -14.28 63.83
CA CYS E 427 -9.46 -14.16 62.42
C CYS E 427 -7.97 -13.80 62.34
N ALA E 428 -7.51 -12.94 63.27
CA ALA E 428 -6.12 -12.48 63.32
C ALA E 428 -5.18 -13.63 63.66
N HIS E 429 -5.65 -14.57 64.49
CA HIS E 429 -4.94 -15.81 64.73
C HIS E 429 -4.80 -16.54 63.39
N TYR E 430 -5.91 -16.71 62.68
CA TYR E 430 -5.95 -17.55 61.50
C TYR E 430 -5.11 -16.95 60.37
N ALA E 431 -5.02 -15.62 60.35
CA ALA E 431 -4.10 -14.95 59.44
C ALA E 431 -2.65 -15.29 59.81
N HIS E 432 -2.36 -15.34 61.12
CA HIS E 432 -1.04 -15.68 61.64
C HIS E 432 -0.77 -17.16 61.49
N LEU E 433 -1.84 -17.95 61.39
CA LEU E 433 -1.75 -19.39 61.24
C LEU E 433 -1.40 -19.71 59.79
N HIS E 434 -2.03 -18.98 58.85
CA HIS E 434 -1.67 -19.06 57.46
C HIS E 434 -0.20 -18.67 57.29
N GLN E 435 0.17 -17.59 57.96
CA GLN E 435 1.51 -17.03 57.88
C GLN E 435 2.52 -17.99 58.49
N LYS E 436 2.12 -18.69 59.55
CA LYS E 436 2.91 -19.78 60.13
C LYS E 436 3.09 -20.88 59.11
N MET E 437 1.99 -21.28 58.43
CA MET E 437 1.97 -22.44 57.55
C MET E 437 2.74 -22.16 56.26
N SER E 438 3.01 -20.89 55.97
CA SER E 438 3.50 -20.45 54.66
C SER E 438 4.79 -21.15 54.26
N GLY E 439 5.65 -21.52 55.21
CA GLY E 439 6.87 -22.24 54.88
C GLY E 439 6.58 -23.49 54.04
N TYR E 440 5.50 -24.20 54.42
CA TYR E 440 5.07 -25.44 53.79
C TYR E 440 4.38 -25.14 52.46
N ILE E 441 3.61 -24.05 52.43
CA ILE E 441 2.88 -23.68 51.24
C ILE E 441 3.90 -23.29 50.15
N LEU E 442 4.92 -22.51 50.51
CA LEU E 442 6.00 -22.12 49.62
C LEU E 442 6.73 -23.33 49.06
N GLU E 443 6.94 -24.33 49.91
CA GLU E 443 7.56 -25.59 49.52
C GLU E 443 6.71 -26.25 48.42
N LEU E 444 5.38 -26.30 48.63
CA LEU E 444 4.43 -27.00 47.77
C LEU E 444 4.27 -26.34 46.40
N ALA E 445 4.42 -25.01 46.39
CA ALA E 445 4.27 -24.20 45.20
C ALA E 445 5.40 -24.50 44.21
N LYS E 446 6.61 -24.77 44.72
CA LYS E 446 7.71 -25.12 43.85
C LYS E 446 7.52 -26.54 43.32
N ARG E 447 6.88 -27.40 44.13
CA ARG E 447 6.54 -28.74 43.69
C ARG E 447 5.46 -28.63 42.60
N ALA E 448 4.55 -27.66 42.76
CA ALA E 448 3.53 -27.42 41.75
C ALA E 448 4.16 -26.87 40.48
N ALA E 449 5.10 -25.93 40.62
CA ALA E 449 5.68 -25.24 39.49
C ALA E 449 6.60 -26.16 38.71
N GLU E 450 6.96 -27.31 39.28
CA GLU E 450 7.97 -28.16 38.67
C GLU E 450 7.35 -29.48 38.25
N THR E 451 6.57 -30.11 39.13
CA THR E 451 5.91 -31.35 38.77
C THR E 451 4.58 -31.05 38.11
N GLY E 452 3.84 -30.09 38.67
CA GLY E 452 2.49 -29.86 38.23
C GLY E 452 1.46 -30.57 39.11
N GLU E 453 1.85 -30.76 40.37
CA GLU E 453 0.92 -31.19 41.40
C GLU E 453 0.35 -29.94 42.06
N PRO E 454 -0.99 -29.78 42.09
CA PRO E 454 -1.61 -28.72 42.88
C PRO E 454 -1.01 -28.57 44.26
N ILE E 455 -1.18 -27.38 44.84
CA ILE E 455 -0.91 -27.18 46.25
C ILE E 455 -2.08 -27.80 47.02
N VAL E 456 -3.31 -27.43 46.62
CA VAL E 456 -4.51 -27.92 47.25
C VAL E 456 -5.17 -28.97 46.35
N ARG E 457 -5.40 -30.14 46.95
CA ARG E 457 -5.74 -31.37 46.24
C ARG E 457 -7.07 -31.91 46.76
N SER E 458 -7.92 -32.41 45.85
CA SER E 458 -9.15 -33.09 46.27
C SER E 458 -8.77 -34.37 47.00
N MET E 459 -9.72 -34.89 47.78
CA MET E 459 -9.50 -36.12 48.54
C MET E 459 -9.32 -37.27 47.53
N GLU E 460 -10.14 -37.27 46.48
CA GLU E 460 -10.11 -38.27 45.44
C GLU E 460 -8.79 -38.20 44.67
N TYR E 461 -8.13 -37.04 44.70
CA TYR E 461 -6.84 -36.83 44.05
C TYR E 461 -5.79 -37.67 44.78
N GLU E 462 -5.67 -37.43 46.10
CA GLU E 462 -4.67 -38.10 46.91
C GLU E 462 -5.06 -39.55 47.27
N TYR E 463 -6.37 -39.83 47.36
CA TYR E 463 -6.89 -41.13 47.76
C TYR E 463 -7.98 -41.60 46.79
N PRO E 464 -7.59 -41.98 45.55
CA PRO E 464 -8.56 -42.34 44.52
C PRO E 464 -9.28 -43.69 44.73
N HIS E 465 -10.53 -43.77 44.26
CA HIS E 465 -11.33 -44.97 44.34
C HIS E 465 -11.66 -45.34 45.80
N GLN E 466 -11.47 -44.41 46.73
CA GLN E 466 -11.69 -44.74 48.13
C GLN E 466 -12.88 -43.96 48.68
N GLY E 467 -13.87 -43.73 47.81
CA GLY E 467 -15.13 -43.11 48.20
C GLY E 467 -15.01 -41.64 48.61
N PHE E 468 -14.06 -40.90 48.01
CA PHE E 468 -13.89 -39.50 48.32
C PHE E 468 -14.21 -38.64 47.09
N THR E 469 -15.05 -39.19 46.21
CA THR E 469 -15.25 -38.67 44.87
C THR E 469 -16.04 -37.37 44.93
N ASP E 470 -17.17 -37.37 45.67
CA ASP E 470 -17.99 -36.15 45.79
C ASP E 470 -17.69 -35.45 47.11
N CYS E 471 -16.65 -35.90 47.81
CA CYS E 471 -16.23 -35.24 49.04
C CYS E 471 -15.91 -33.80 48.71
N LYS E 472 -16.74 -32.86 49.14
CA LYS E 472 -16.56 -31.46 48.73
C LYS E 472 -16.30 -30.55 49.93
N ASP E 473 -16.35 -31.12 51.13
CA ASP E 473 -16.25 -30.36 52.38
C ASP E 473 -14.88 -30.55 53.03
N GLN E 474 -13.99 -31.30 52.39
CA GLN E 474 -12.62 -31.39 52.91
C GLN E 474 -11.64 -31.47 51.74
N TYR E 475 -10.35 -31.23 52.03
CA TYR E 475 -9.31 -31.26 51.03
C TYR E 475 -7.97 -31.54 51.69
N MET E 476 -6.97 -31.87 50.85
CA MET E 476 -5.63 -32.14 51.31
C MET E 476 -4.77 -30.92 51.02
N LEU E 477 -4.05 -30.41 52.03
CA LEU E 477 -3.01 -29.41 51.80
C LEU E 477 -1.69 -30.15 51.61
N GLY E 478 -1.26 -30.26 50.35
CA GLY E 478 -0.25 -31.22 49.96
C GLY E 478 -0.78 -32.64 50.13
N ASP E 479 0.10 -33.54 50.58
CA ASP E 479 -0.27 -34.90 50.90
C ASP E 479 -0.08 -35.07 52.40
N LYS E 480 -0.06 -33.98 53.17
CA LYS E 480 0.24 -34.04 54.60
C LYS E 480 -1.02 -33.76 55.44
N TYR E 481 -1.56 -32.55 55.34
CA TYR E 481 -2.67 -32.13 56.16
C TYR E 481 -4.02 -32.31 55.47
N LEU E 482 -4.89 -33.13 56.08
CA LEU E 482 -6.31 -33.13 55.75
C LEU E 482 -6.97 -31.98 56.49
N VAL E 483 -7.87 -31.27 55.81
CA VAL E 483 -8.51 -30.08 56.36
C VAL E 483 -10.03 -30.21 56.19
N ALA E 484 -10.76 -30.16 57.31
CA ALA E 484 -12.19 -30.34 57.30
C ALA E 484 -12.83 -29.17 58.05
N PRO E 485 -12.80 -27.93 57.48
CA PRO E 485 -13.30 -26.75 58.18
C PRO E 485 -14.82 -26.74 58.27
N MET E 486 -15.37 -25.88 59.12
CA MET E 486 -16.82 -25.87 59.25
C MET E 486 -17.36 -25.08 58.07
N VAL E 487 -18.42 -25.65 57.47
CA VAL E 487 -19.01 -25.19 56.22
C VAL E 487 -20.51 -24.88 56.40
N THR E 488 -20.99 -24.93 57.65
CA THR E 488 -22.37 -24.63 57.98
C THR E 488 -22.42 -24.07 59.40
N PRO E 489 -23.60 -23.58 59.87
CA PRO E 489 -23.72 -23.14 61.25
C PRO E 489 -23.52 -24.34 62.18
N GLY E 490 -23.48 -24.06 63.49
CA GLY E 490 -23.30 -25.10 64.50
C GLY E 490 -21.81 -25.37 64.78
N VAL E 491 -21.57 -26.47 65.51
CA VAL E 491 -20.26 -26.76 66.06
C VAL E 491 -19.96 -28.26 65.96
N LYS E 492 -20.63 -28.98 65.04
CA LYS E 492 -20.35 -30.38 64.80
C LYS E 492 -20.23 -30.66 63.29
N ARG E 493 -19.44 -31.69 62.99
CA ARG E 493 -19.02 -31.91 61.62
C ARG E 493 -18.50 -33.34 61.42
N THR E 494 -18.89 -33.96 60.29
CA THR E 494 -18.45 -35.26 59.84
C THR E 494 -17.06 -35.14 59.23
N VAL E 495 -16.23 -36.16 59.45
CA VAL E 495 -14.93 -36.21 58.81
C VAL E 495 -14.63 -37.63 58.37
N LYS E 496 -14.49 -37.88 57.05
CA LYS E 496 -14.00 -39.15 56.54
C LYS E 496 -12.46 -39.12 56.51
N LEU E 497 -11.87 -39.91 57.40
CA LEU E 497 -10.44 -40.17 57.36
C LEU E 497 -10.19 -41.39 56.49
N PRO E 498 -9.15 -41.34 55.62
CA PRO E 498 -8.71 -42.51 54.87
C PRO E 498 -7.74 -43.31 55.74
N LYS E 499 -7.16 -44.37 55.18
CA LYS E 499 -6.23 -45.21 55.93
C LYS E 499 -5.01 -44.37 56.27
N GLY E 500 -4.41 -44.66 57.43
CA GLY E 500 -3.22 -43.95 57.86
C GLY E 500 -3.40 -43.39 59.27
N LYS E 501 -2.34 -42.75 59.76
CA LYS E 501 -2.30 -42.26 61.13
C LYS E 501 -2.48 -40.75 61.13
N TRP E 502 -3.50 -40.24 61.84
CA TRP E 502 -3.99 -38.87 61.69
C TRP E 502 -4.03 -38.14 63.03
N LYS E 503 -3.18 -37.11 63.19
CA LYS E 503 -3.15 -36.28 64.37
C LYS E 503 -3.81 -34.93 64.11
N ASP E 504 -4.89 -34.63 64.84
CA ASP E 504 -5.54 -33.33 64.71
C ASP E 504 -4.63 -32.22 65.27
N GLU E 505 -5.11 -30.97 65.19
CA GLU E 505 -4.32 -29.82 65.57
C GLU E 505 -4.18 -29.77 67.10
N ARG E 506 -5.21 -30.28 67.80
CA ARG E 506 -5.17 -30.42 69.25
C ARG E 506 -3.98 -31.27 69.65
N GLY E 507 -3.72 -32.36 68.91
CA GLY E 507 -2.62 -33.29 69.17
C GLY E 507 -3.09 -34.74 69.28
N GLN E 508 -4.41 -34.94 69.40
CA GLN E 508 -5.02 -36.26 69.55
C GLN E 508 -4.96 -37.09 68.26
N ILE E 509 -4.44 -38.32 68.39
CA ILE E 509 -4.14 -39.19 67.26
C ILE E 509 -5.38 -40.04 66.94
N PHE E 510 -5.50 -40.44 65.65
CA PHE E 510 -6.56 -41.32 65.16
C PHE E 510 -6.00 -42.37 64.21
N LYS E 511 -6.87 -43.24 63.69
CA LYS E 511 -6.54 -44.05 62.52
C LYS E 511 -7.80 -44.42 61.73
N GLY E 512 -7.74 -44.34 60.39
CA GLY E 512 -8.87 -44.69 59.51
C GLY E 512 -8.57 -45.95 58.68
N PRO E 513 -9.40 -46.33 57.67
CA PRO E 513 -10.58 -45.56 57.26
C PRO E 513 -11.75 -45.64 58.25
N LYS E 514 -12.21 -44.46 58.70
CA LYS E 514 -13.37 -44.34 59.59
C LYS E 514 -13.87 -42.91 59.51
N VAL E 515 -15.07 -42.69 60.04
CA VAL E 515 -15.75 -41.41 59.91
C VAL E 515 -16.03 -40.85 61.30
N ILE E 516 -15.21 -39.88 61.73
CA ILE E 516 -15.32 -39.35 63.09
C ILE E 516 -16.22 -38.12 63.09
N ASP E 517 -16.79 -37.86 64.27
CA ASP E 517 -17.38 -36.57 64.59
C ASP E 517 -16.30 -35.71 65.23
N THR E 518 -16.63 -34.45 65.43
CA THR E 518 -15.77 -33.61 66.23
C THR E 518 -16.56 -32.43 66.78
N ASP E 519 -15.99 -31.85 67.85
CA ASP E 519 -16.47 -30.59 68.37
C ASP E 519 -15.65 -29.48 67.74
N VAL E 520 -16.34 -28.61 66.99
CA VAL E 520 -15.71 -27.48 66.37
C VAL E 520 -16.26 -26.18 66.99
N PRO E 521 -15.63 -25.60 68.05
CA PRO E 521 -16.01 -24.26 68.51
C PRO E 521 -15.70 -23.23 67.41
N LEU E 522 -16.26 -22.03 67.57
CA LEU E 522 -16.14 -20.98 66.58
C LEU E 522 -14.66 -20.75 66.25
N ASN E 523 -13.80 -20.78 67.27
CA ASN E 523 -12.39 -20.50 67.10
C ASN E 523 -11.62 -21.81 66.89
N ARG E 524 -12.24 -22.80 66.25
CA ARG E 524 -11.54 -24.03 65.90
C ARG E 524 -11.59 -24.27 64.39
N LEU E 525 -10.38 -24.38 63.80
CA LEU E 525 -10.23 -24.97 62.48
C LEU E 525 -9.71 -26.39 62.63
N PRO E 526 -10.55 -27.40 62.31
CA PRO E 526 -10.10 -28.80 62.23
C PRO E 526 -9.10 -29.03 61.11
N TYR E 527 -7.93 -29.57 61.46
CA TYR E 527 -7.04 -30.12 60.47
C TYR E 527 -6.14 -31.18 61.10
N TYR E 528 -5.81 -32.19 60.28
CA TYR E 528 -5.24 -33.42 60.78
C TYR E 528 -3.96 -33.70 60.00
N GLU E 529 -2.82 -33.65 60.71
CA GLU E 529 -1.54 -33.99 60.13
C GLU E 529 -1.46 -35.50 59.98
N LYS E 530 -0.89 -35.97 58.85
CA LYS E 530 -0.61 -37.38 58.69
C LYS E 530 0.77 -37.65 59.29
N ILE E 531 0.81 -38.60 60.25
CA ILE E 531 1.96 -38.87 61.11
C ILE E 531 2.47 -40.29 60.85
N LYS E 532 1.75 -41.05 60.02
CA LYS E 532 2.22 -42.35 59.59
C LYS E 532 1.30 -42.89 58.49
#